data_4KW1
#
_entry.id   4KW1
#
_cell.length_a   98.066
_cell.length_b   98.066
_cell.length_c   655.022
_cell.angle_alpha   90.00
_cell.angle_beta   90.00
_cell.angle_gamma   120.00
#
_symmetry.space_group_name_H-M   'H 3'
#
loop_
_entity.id
_entity.type
_entity.pdbx_description
1 polymer Hemagglutinin
2 polymer Hemagglutinin
3 branched alpha-D-mannopyranose-(1-3)-[alpha-D-mannopyranose-(1-6)]alpha-D-mannopyranose-(1-4)-2-acetamido-2-deoxy-beta-D-glucopyranose-(1-4)-2-acetamido-2-deoxy-beta-D-glucopyranose
4 branched 2-acetamido-2-deoxy-beta-D-glucopyranose-(1-4)-2-acetamido-2-deoxy-beta-D-glucopyranose
5 non-polymer 2-acetamido-2-deoxy-beta-D-glucopyranose
6 non-polymer 'PHOSPHATE ION'
7 water water
#
loop_
_entity_poly.entity_id
_entity_poly.type
_entity_poly.pdbx_seq_one_letter_code
_entity_poly.pdbx_strand_id
1 'polypeptide(L)'
;ADPGDQICIGYHANNSTEQVDTIMEKNVTVTHAQDILEKTHNGKLCNLDGVKPLILRDCSVAGWLLGNPMCDEFLNVPEW
SYIVEKINPANDLCYPGNFNDYEELKHLLSRINHFEKIQIIPKSSWSDHEASGVSSVCPYQGRSSFFRNVVWLTKKDNAY
PTIKRSYNNTNQEDLLVLWGIHHPNDAAEQTRLYQNPTTYISVGTSTLNQRLVPKIATRSKVNGQSGRMEFFWTILKSND
AINFESNGNFIAPENAYKIVKKGDSTIMKSELEYGNCNTKCQTPIGAINSSMPFHNIHPLTIGECPKYVKSNRLVLATGL
RNSPQGETR
;
A,C,E,G
2 'polypeptide(L)'
;GLFGAIAGFIEGGWQGMVDGWYGYHHSNEQGSGYAADKESTQKAIDGVTNKVNSIIDKMNTQFEAVGREFNNLERRIENL
NKKMEDGFLDVWTYNAELLVLMENERTLDFHDSNVKNLYDKVRLQLRDNAKELGNGCFEFYHRCDNECMESVRNGTYDYP
QYSEEARLKREEISSGRLVPR
;
B,D,F,H
#
# COMPACT_ATOMS: atom_id res chain seq x y z
N ASP A 5 -107.66 -78.01 8.71
CA ASP A 5 -107.18 -76.88 9.50
C ASP A 5 -105.74 -77.13 9.90
N GLN A 6 -104.93 -76.06 9.80
CA GLN A 6 -103.47 -76.10 10.13
C GLN A 6 -103.01 -74.95 10.97
N ILE A 7 -102.05 -75.24 11.83
CA ILE A 7 -101.32 -74.20 12.50
C ILE A 7 -99.84 -74.53 12.31
N CYS A 8 -99.07 -73.52 11.89
CA CYS A 8 -97.65 -73.68 11.61
C CYS A 8 -96.82 -72.85 12.61
N ILE A 9 -95.62 -73.30 12.86
CA ILE A 9 -94.64 -72.54 13.62
C ILE A 9 -93.50 -72.07 12.67
N GLY A 10 -93.06 -70.82 12.83
CA GLY A 10 -92.10 -70.25 11.94
C GLY A 10 -91.50 -68.95 12.41
N TYR A 11 -90.78 -68.29 11.52
CA TYR A 11 -90.04 -67.10 11.90
C TYR A 11 -90.14 -66.01 10.85
N HIS A 12 -89.69 -64.82 11.25
CA HIS A 12 -89.83 -63.55 10.51
C HIS A 12 -88.96 -63.54 9.32
N ALA A 13 -89.41 -62.85 8.30
CA ALA A 13 -88.57 -62.57 7.11
C ALA A 13 -88.77 -61.11 6.73
N ASN A 14 -87.91 -60.57 5.89
CA ASN A 14 -88.11 -59.24 5.34
C ASN A 14 -87.36 -59.11 3.96
N ASN A 15 -87.23 -57.89 3.45
CA ASN A 15 -86.60 -57.66 2.14
C ASN A 15 -85.07 -57.52 2.22
N SER A 16 -84.50 -57.54 3.45
CA SER A 16 -83.02 -57.44 3.68
C SER A 16 -82.15 -58.34 2.79
N THR A 17 -81.10 -57.74 2.25
CA THR A 17 -80.09 -58.47 1.48
C THR A 17 -78.75 -58.48 2.22
N GLU A 18 -78.77 -58.12 3.51
CA GLU A 18 -77.55 -58.08 4.34
C GLU A 18 -77.05 -59.51 4.52
N GLN A 19 -75.78 -59.74 4.19
CA GLN A 19 -75.18 -61.10 4.31
C GLN A 19 -74.16 -61.17 5.41
N VAL A 20 -74.09 -62.34 6.03
CA VAL A 20 -73.22 -62.59 7.12
C VAL A 20 -72.51 -63.91 6.82
N ASP A 21 -71.35 -64.13 7.43
CA ASP A 21 -70.66 -65.40 7.37
C ASP A 21 -70.65 -66.09 8.75
N THR A 22 -70.67 -67.41 8.71
CA THR A 22 -70.56 -68.23 9.92
C THR A 22 -69.31 -69.07 9.74
N ILE A 23 -68.94 -69.78 10.79
CA ILE A 23 -67.81 -70.70 10.73
C ILE A 23 -67.96 -71.75 9.61
N MET A 24 -69.21 -72.23 9.43
CA MET A 24 -69.61 -73.36 8.61
C MET A 24 -70.28 -72.98 7.28
N GLU A 25 -70.79 -71.76 7.19
CA GLU A 25 -71.58 -71.29 6.05
C GLU A 25 -71.25 -69.88 5.63
N LYS A 26 -71.10 -69.69 4.34
CA LYS A 26 -70.68 -68.40 3.79
C LYS A 26 -71.87 -67.73 3.16
N ASN A 27 -72.00 -66.44 3.36
CA ASN A 27 -73.00 -65.65 2.58
C ASN A 27 -74.41 -66.08 2.90
N VAL A 28 -74.73 -66.00 4.19
CA VAL A 28 -76.06 -66.30 4.66
C VAL A 28 -76.81 -64.96 4.71
N THR A 29 -77.88 -64.86 3.98
CA THR A 29 -78.65 -63.64 3.93
C THR A 29 -79.43 -63.60 5.25
N VAL A 30 -79.54 -62.42 5.81
CA VAL A 30 -79.98 -62.29 7.18
C VAL A 30 -80.89 -61.05 7.30
N THR A 31 -81.77 -61.10 8.26
CA THR A 31 -82.81 -60.05 8.39
C THR A 31 -82.25 -58.74 8.90
N HIS A 32 -81.37 -58.83 9.89
CA HIS A 32 -80.73 -57.62 10.40
C HIS A 32 -79.28 -57.96 10.77
N ALA A 33 -78.41 -56.97 10.66
CA ALA A 33 -77.01 -57.17 10.96
C ALA A 33 -76.35 -55.87 11.43
N GLN A 34 -75.21 -56.02 12.07
CA GLN A 34 -74.47 -54.89 12.62
C GLN A 34 -72.97 -55.05 12.36
N ASP A 35 -72.41 -54.16 11.55
CA ASP A 35 -70.95 -54.11 11.28
C ASP A 35 -70.29 -53.58 12.53
N ILE A 36 -69.23 -54.27 12.97
CA ILE A 36 -68.49 -53.80 14.17
C ILE A 36 -67.17 -53.19 13.77
N LEU A 37 -66.98 -52.99 12.45
CA LEU A 37 -65.80 -52.39 11.90
C LEU A 37 -66.08 -50.94 11.47
N GLU A 38 -65.28 -50.03 11.94
CA GLU A 38 -65.41 -48.60 11.55
C GLU A 38 -64.61 -48.38 10.33
N LYS A 39 -65.23 -47.88 9.30
CA LYS A 39 -64.61 -47.72 8.01
C LYS A 39 -64.64 -46.33 7.47
N THR A 40 -65.32 -45.42 8.15
CA THR A 40 -65.47 -44.05 7.66
C THR A 40 -64.68 -43.01 8.51
N HIS A 41 -64.18 -42.00 7.83
CA HIS A 41 -63.46 -40.93 8.47
C HIS A 41 -63.95 -39.63 7.84
N ASN A 42 -63.59 -38.51 8.47
CA ASN A 42 -64.19 -37.21 8.12
C ASN A 42 -63.27 -36.36 7.23
N GLY A 43 -62.07 -36.83 6.93
CA GLY A 43 -61.26 -36.14 5.93
C GLY A 43 -60.56 -34.87 6.41
N LYS A 44 -60.53 -34.68 7.72
CA LYS A 44 -60.06 -33.46 8.34
C LYS A 44 -59.15 -33.75 9.52
N LEU A 45 -58.25 -32.82 9.85
CA LEU A 45 -57.45 -32.88 11.08
C LEU A 45 -58.26 -32.11 12.13
N CYS A 46 -58.37 -32.69 13.31
CA CYS A 46 -59.26 -32.19 14.34
C CYS A 46 -58.54 -32.01 15.65
N ASN A 47 -59.16 -31.24 16.53
CA ASN A 47 -58.75 -31.18 17.91
C ASN A 47 -58.84 -32.58 18.46
N LEU A 48 -57.99 -32.93 19.40
CA LEU A 48 -57.97 -34.27 19.98
C LEU A 48 -58.28 -34.15 21.44
N ASP A 49 -59.39 -34.73 21.83
CA ASP A 49 -59.97 -34.47 23.16
C ASP A 49 -60.08 -32.97 23.53
N GLY A 50 -60.47 -32.14 22.58
CA GLY A 50 -60.61 -30.72 22.84
C GLY A 50 -59.37 -29.83 22.64
N VAL A 51 -58.20 -30.40 22.39
CA VAL A 51 -56.96 -29.58 22.22
C VAL A 51 -56.46 -29.56 20.78
N LYS A 52 -56.23 -28.36 20.26
CA LYS A 52 -55.87 -28.17 18.87
C LYS A 52 -54.50 -28.84 18.59
N PRO A 53 -54.27 -29.27 17.34
CA PRO A 53 -52.94 -29.71 17.01
C PRO A 53 -52.07 -28.55 16.69
N LEU A 54 -50.77 -28.76 16.80
CA LEU A 54 -49.83 -27.81 16.29
C LEU A 54 -49.59 -28.21 14.84
N ILE A 55 -50.01 -27.35 13.92
CA ILE A 55 -49.93 -27.67 12.50
C ILE A 55 -48.86 -26.84 11.90
N LEU A 56 -47.77 -27.51 11.51
CA LEU A 56 -46.66 -26.88 10.80
C LEU A 56 -46.84 -27.24 9.33
N ARG A 57 -47.07 -26.25 8.50
CA ARG A 57 -47.49 -26.51 7.11
C ARG A 57 -46.31 -27.07 6.31
N ASP A 58 -45.38 -26.21 5.88
CA ASP A 58 -44.14 -26.66 5.28
C ASP A 58 -43.04 -26.11 6.18
N CYS A 59 -42.95 -26.68 7.36
CA CYS A 59 -41.93 -26.31 8.35
C CYS A 59 -41.51 -27.54 9.07
N SER A 60 -40.22 -27.73 9.32
CA SER A 60 -39.82 -28.76 10.29
C SER A 60 -39.98 -28.27 11.74
N VAL A 61 -39.95 -29.19 12.68
CA VAL A 61 -39.88 -28.80 14.08
C VAL A 61 -38.59 -27.99 14.28
N ALA A 62 -37.49 -28.42 13.69
CA ALA A 62 -36.24 -27.73 13.90
C ALA A 62 -36.38 -26.26 13.44
N GLY A 63 -36.86 -26.05 12.23
CA GLY A 63 -36.93 -24.67 11.69
C GLY A 63 -37.96 -23.83 12.43
N TRP A 64 -39.03 -24.46 12.88
CA TRP A 64 -40.00 -23.77 13.68
C TRP A 64 -39.36 -23.31 15.02
N LEU A 65 -38.65 -24.21 15.72
CA LEU A 65 -37.97 -23.86 16.97
C LEU A 65 -36.89 -22.80 16.83
N LEU A 66 -36.06 -22.92 15.81
CA LEU A 66 -34.99 -21.93 15.58
C LEU A 66 -35.48 -20.59 15.12
N GLY A 67 -36.75 -20.50 14.72
CA GLY A 67 -37.32 -19.23 14.19
C GLY A 67 -36.98 -18.98 12.73
N ASN A 68 -37.10 -20.02 11.91
CA ASN A 68 -36.79 -19.97 10.46
C ASN A 68 -37.47 -18.81 9.77
N PRO A 69 -36.70 -18.04 8.95
CA PRO A 69 -37.18 -16.83 8.25
C PRO A 69 -38.28 -17.11 7.26
N MET A 70 -38.24 -18.28 6.61
CA MET A 70 -39.36 -18.62 5.73
C MET A 70 -40.63 -18.80 6.58
N CYS A 71 -40.63 -19.84 7.41
CA CYS A 71 -41.83 -20.26 8.20
C CYS A 71 -42.66 -19.16 8.83
N ASP A 72 -43.98 -19.34 8.83
CA ASP A 72 -44.85 -18.34 9.48
C ASP A 72 -44.57 -18.24 11.00
N GLU A 73 -44.78 -17.03 11.53
CA GLU A 73 -44.36 -16.65 12.90
C GLU A 73 -45.53 -16.60 13.89
N PHE A 74 -46.73 -16.32 13.38
CA PHE A 74 -47.96 -16.69 14.06
C PHE A 74 -48.10 -18.21 13.83
N LEU A 75 -47.24 -18.91 14.55
CA LEU A 75 -47.32 -20.35 14.79
C LEU A 75 -47.07 -20.61 16.31
N ASN A 76 -47.64 -19.68 17.08
CA ASN A 76 -47.69 -19.72 18.53
C ASN A 76 -49.04 -20.13 19.15
N VAL A 77 -49.13 -21.40 19.53
CA VAL A 77 -50.27 -21.94 20.27
C VAL A 77 -49.80 -22.16 21.71
N PRO A 78 -50.60 -21.77 22.71
CA PRO A 78 -50.25 -22.07 24.11
C PRO A 78 -50.05 -23.61 24.50
N GLU A 79 -50.54 -24.51 23.67
CA GLU A 79 -50.79 -25.88 24.07
C GLU A 79 -51.18 -26.64 22.82
N TRP A 80 -50.81 -27.92 22.76
CA TRP A 80 -51.23 -28.81 21.61
C TRP A 80 -51.17 -30.28 21.99
N SER A 81 -52.02 -31.10 21.35
CA SER A 81 -52.15 -32.48 21.70
C SER A 81 -51.31 -33.40 20.81
N TYR A 82 -51.12 -33.01 19.56
CA TYR A 82 -50.18 -33.66 18.65
C TYR A 82 -49.64 -32.65 17.66
N ILE A 83 -48.57 -33.00 16.95
CA ILE A 83 -48.03 -32.14 15.89
C ILE A 83 -48.30 -32.73 14.54
N VAL A 84 -48.63 -31.90 13.57
CA VAL A 84 -48.69 -32.34 12.15
C VAL A 84 -47.67 -31.59 11.28
N GLU A 85 -46.84 -32.35 10.57
CA GLU A 85 -46.01 -31.86 9.47
C GLU A 85 -46.55 -32.44 8.17
N LYS A 86 -46.15 -31.84 7.05
CA LYS A 86 -46.34 -32.47 5.73
C LYS A 86 -45.44 -33.70 5.62
N ILE A 87 -45.75 -34.57 4.67
CA ILE A 87 -44.94 -35.81 4.49
C ILE A 87 -43.47 -35.48 4.19
N ASN A 88 -43.24 -34.62 3.19
CA ASN A 88 -41.93 -33.99 2.92
C ASN A 88 -42.02 -32.46 3.10
N PRO A 89 -41.39 -31.94 4.16
CA PRO A 89 -41.45 -30.50 4.43
C PRO A 89 -40.26 -29.77 3.79
N ALA A 90 -40.47 -28.49 3.47
CA ALA A 90 -39.56 -27.71 2.63
C ALA A 90 -38.70 -26.74 3.43
N ASN A 91 -39.20 -26.25 4.56
CA ASN A 91 -38.43 -25.37 5.47
C ASN A 91 -37.87 -26.08 6.70
N ASP A 92 -36.73 -26.73 6.51
CA ASP A 92 -35.98 -27.37 7.58
C ASP A 92 -34.81 -26.36 7.85
N LEU A 93 -33.59 -26.86 7.91
CA LEU A 93 -32.41 -26.01 8.14
C LEU A 93 -32.01 -25.26 6.86
N CYS A 94 -32.26 -23.96 6.83
CA CYS A 94 -31.76 -23.07 5.80
C CYS A 94 -30.18 -23.19 5.57
N TYR A 95 -29.41 -23.04 6.63
CA TYR A 95 -27.96 -23.40 6.58
C TYR A 95 -27.80 -24.91 6.83
N PRO A 96 -27.04 -25.61 5.96
CA PRO A 96 -26.96 -27.05 6.19
C PRO A 96 -26.47 -27.43 7.58
N GLY A 97 -27.19 -28.34 8.20
CA GLY A 97 -26.71 -28.83 9.45
C GLY A 97 -27.50 -29.97 9.98
N ASN A 98 -27.37 -30.16 11.27
CA ASN A 98 -28.22 -31.05 11.94
C ASN A 98 -28.44 -30.61 13.37
N PHE A 99 -29.47 -31.21 13.92
CA PHE A 99 -29.86 -31.07 15.28
C PHE A 99 -29.49 -32.36 16.07
N ASN A 100 -28.83 -32.16 17.22
CA ASN A 100 -28.47 -33.28 18.06
C ASN A 100 -29.68 -33.79 18.81
N ASP A 101 -29.79 -35.12 18.91
CA ASP A 101 -30.94 -35.81 19.48
C ASP A 101 -32.23 -35.18 18.99
N TYR A 102 -32.33 -35.04 17.69
CA TYR A 102 -33.46 -34.42 17.06
C TYR A 102 -34.74 -35.21 17.29
N GLU A 103 -34.68 -36.51 17.06
CA GLU A 103 -35.92 -37.35 17.21
C GLU A 103 -36.43 -37.31 18.64
N GLU A 104 -35.55 -37.30 19.65
CA GLU A 104 -36.03 -37.18 21.04
C GLU A 104 -36.66 -35.80 21.28
N LEU A 105 -36.17 -34.78 20.57
CA LEU A 105 -36.72 -33.43 20.70
C LEU A 105 -38.11 -33.33 20.17
N LYS A 106 -38.31 -33.93 18.99
CA LYS A 106 -39.60 -33.94 18.33
C LYS A 106 -40.60 -34.68 19.18
N HIS A 107 -40.20 -35.82 19.68
CA HIS A 107 -41.05 -36.59 20.53
C HIS A 107 -41.46 -35.86 21.81
N LEU A 108 -40.54 -35.16 22.41
CA LEU A 108 -40.83 -34.39 23.61
C LEU A 108 -41.77 -33.21 23.35
N LEU A 109 -41.65 -32.59 22.20
CA LEU A 109 -42.52 -31.48 21.80
C LEU A 109 -43.84 -31.93 21.20
N SER A 110 -44.02 -33.24 21.02
CA SER A 110 -45.27 -33.76 20.33
C SER A 110 -46.57 -33.46 21.05
N ARG A 111 -46.50 -33.32 22.37
CA ARG A 111 -47.64 -32.91 23.19
C ARG A 111 -47.17 -32.04 24.32
N ILE A 112 -47.67 -30.83 24.36
CA ILE A 112 -47.21 -29.85 25.32
C ILE A 112 -48.45 -29.23 26.00
N ASN A 113 -48.42 -29.20 27.33
CA ASN A 113 -49.46 -28.54 28.14
C ASN A 113 -49.37 -27.04 28.19
N HIS A 114 -48.14 -26.49 28.17
CA HIS A 114 -47.91 -25.04 28.09
C HIS A 114 -46.57 -24.78 27.42
N PHE A 115 -46.58 -23.77 26.56
CA PHE A 115 -45.42 -23.38 25.76
C PHE A 115 -45.45 -21.88 25.61
N GLU A 116 -44.34 -21.22 25.89
CA GLU A 116 -44.26 -19.79 25.80
C GLU A 116 -42.78 -19.33 25.52
N LYS A 117 -42.61 -18.66 24.39
CA LYS A 117 -41.38 -18.08 23.99
C LYS A 117 -41.02 -16.95 24.88
N ILE A 118 -39.79 -16.93 25.43
CA ILE A 118 -39.30 -15.76 26.19
C ILE A 118 -37.90 -15.46 25.71
N GLN A 119 -37.56 -14.17 25.73
CA GLN A 119 -36.23 -13.68 25.41
C GLN A 119 -35.34 -13.94 26.59
N ILE A 120 -34.21 -14.61 26.36
CA ILE A 120 -33.32 -15.04 27.41
C ILE A 120 -32.00 -14.29 27.36
N ILE A 121 -31.54 -13.95 26.17
CA ILE A 121 -30.35 -13.07 25.98
C ILE A 121 -30.60 -12.08 24.83
N PRO A 122 -30.86 -10.79 25.15
CA PRO A 122 -31.26 -9.87 24.08
C PRO A 122 -30.14 -9.83 23.04
N LYS A 123 -30.51 -9.67 21.78
CA LYS A 123 -29.57 -9.46 20.72
C LYS A 123 -28.69 -8.24 20.96
N SER A 124 -29.27 -7.23 21.60
CA SER A 124 -28.59 -5.94 21.85
C SER A 124 -27.63 -6.00 23.04
N SER A 125 -27.59 -7.12 23.77
CA SER A 125 -26.64 -7.17 24.91
C SER A 125 -25.21 -7.52 24.52
N TRP A 126 -24.96 -7.85 23.25
CA TRP A 126 -23.57 -8.22 22.81
C TRP A 126 -22.76 -6.98 22.47
N SER A 127 -22.08 -6.43 23.47
CA SER A 127 -21.36 -5.15 23.29
C SER A 127 -20.08 -5.29 22.51
N ASP A 128 -19.34 -6.36 22.73
CA ASP A 128 -18.06 -6.52 22.00
C ASP A 128 -17.98 -7.75 21.08
N HIS A 129 -19.13 -8.13 20.53
CA HIS A 129 -19.18 -9.09 19.42
C HIS A 129 -20.26 -8.63 18.52
N GLU A 130 -20.10 -8.92 17.23
CA GLU A 130 -21.10 -8.66 16.25
C GLU A 130 -22.19 -9.72 16.33
N ALA A 131 -23.44 -9.25 16.38
CA ALA A 131 -24.63 -10.10 16.41
C ALA A 131 -25.32 -10.17 15.09
N SER A 132 -24.78 -9.51 14.09
CA SER A 132 -25.50 -9.25 12.84
C SER A 132 -25.32 -10.40 11.84
N GLY A 133 -24.84 -11.56 12.32
CA GLY A 133 -24.46 -12.61 11.41
C GLY A 133 -25.64 -13.17 10.62
N VAL A 134 -25.40 -13.44 9.34
CA VAL A 134 -26.43 -13.67 8.34
C VAL A 134 -25.88 -14.47 7.15
N SER A 135 -26.76 -15.15 6.41
CA SER A 135 -26.35 -15.98 5.24
C SER A 135 -27.38 -15.88 4.14
N SER A 136 -26.96 -16.15 2.88
CA SER A 136 -27.84 -16.07 1.68
C SER A 136 -28.69 -17.36 1.38
N VAL A 137 -28.78 -18.28 2.36
CA VAL A 137 -29.73 -19.39 2.28
C VAL A 137 -30.82 -19.16 3.33
N CYS A 138 -30.69 -18.08 4.09
CA CYS A 138 -31.70 -17.71 5.08
C CYS A 138 -32.28 -16.31 4.85
N PRO A 139 -32.76 -16.04 3.62
CA PRO A 139 -33.40 -14.76 3.40
C PRO A 139 -34.72 -14.66 4.21
N TYR A 140 -35.24 -13.46 4.43
CA TYR A 140 -36.49 -13.30 5.14
C TYR A 140 -37.47 -12.57 4.22
N GLN A 141 -37.02 -11.44 3.65
CA GLN A 141 -37.82 -10.69 2.66
C GLN A 141 -36.99 -10.20 1.45
N GLY A 142 -35.70 -10.57 1.38
CA GLY A 142 -34.83 -10.11 0.30
C GLY A 142 -33.41 -9.84 0.75
N ARG A 143 -33.24 -9.35 1.98
CA ARG A 143 -31.93 -9.20 2.60
C ARG A 143 -31.50 -10.54 3.20
N SER A 144 -30.22 -10.91 3.01
CA SER A 144 -29.70 -12.12 3.66
C SER A 144 -30.02 -11.94 5.13
N SER A 145 -30.50 -13.01 5.74
CA SER A 145 -31.02 -12.98 7.08
C SER A 145 -30.65 -14.29 7.87
N PHE A 146 -31.34 -14.52 8.96
CA PHE A 146 -31.06 -15.70 9.79
C PHE A 146 -32.31 -16.11 10.62
N PHE A 147 -32.24 -17.28 11.24
CA PHE A 147 -33.07 -17.66 12.40
C PHE A 147 -33.27 -16.50 13.41
N ARG A 148 -34.49 -16.30 13.90
CA ARG A 148 -34.77 -15.21 14.82
C ARG A 148 -34.57 -15.57 16.31
N ASN A 149 -34.53 -16.85 16.66
CA ASN A 149 -34.39 -17.27 18.07
C ASN A 149 -33.02 -17.53 18.52
N VAL A 150 -32.06 -17.27 17.63
CA VAL A 150 -30.69 -17.72 17.78
C VAL A 150 -29.81 -16.73 17.03
N VAL A 151 -28.63 -16.41 17.58
CA VAL A 151 -27.78 -15.32 17.05
C VAL A 151 -26.41 -15.85 16.68
N TRP A 152 -25.97 -15.50 15.49
CA TRP A 152 -24.66 -15.87 15.00
C TRP A 152 -23.68 -14.82 15.45
N LEU A 153 -22.82 -15.17 16.40
CA LEU A 153 -21.84 -14.21 16.87
C LEU A 153 -20.57 -14.22 15.98
N THR A 154 -20.02 -13.07 15.69
CA THR A 154 -18.75 -12.95 14.97
C THR A 154 -17.90 -11.86 15.60
N LYS A 155 -16.64 -11.84 15.23
CA LYS A 155 -15.65 -10.94 15.82
C LYS A 155 -16.04 -9.46 15.57
N LYS A 156 -15.63 -8.60 16.49
CA LYS A 156 -15.90 -7.19 16.43
C LYS A 156 -14.58 -6.51 16.61
N ASP A 157 -14.42 -5.42 15.88
CA ASP A 157 -13.10 -4.90 15.55
C ASP A 157 -12.45 -6.09 14.90
N ASN A 158 -11.29 -6.49 15.37
CA ASN A 158 -10.71 -7.70 14.84
C ASN A 158 -10.46 -8.67 16.01
N ALA A 159 -11.48 -8.92 16.80
CA ALA A 159 -11.31 -9.70 18.02
C ALA A 159 -12.60 -10.43 18.46
N TYR A 160 -12.41 -11.50 19.23
CA TYR A 160 -13.47 -12.27 19.77
C TYR A 160 -13.05 -12.62 21.19
N PRO A 161 -13.41 -11.76 22.16
CA PRO A 161 -13.11 -12.00 23.52
C PRO A 161 -13.90 -13.20 23.98
N THR A 162 -13.34 -13.95 24.93
CA THR A 162 -14.10 -15.08 25.53
C THR A 162 -15.45 -14.56 26.02
N ILE A 163 -16.51 -15.25 25.64
CA ILE A 163 -17.89 -14.98 26.15
C ILE A 163 -18.05 -15.80 27.39
N LYS A 164 -18.62 -15.18 28.44
CA LYS A 164 -18.90 -15.88 29.69
C LYS A 164 -20.25 -15.40 30.13
N ARG A 165 -21.26 -16.24 29.94
CA ARG A 165 -22.66 -15.83 30.14
C ARG A 165 -23.47 -16.89 30.86
N SER A 166 -24.32 -16.45 31.78
CA SER A 166 -25.21 -17.35 32.49
C SER A 166 -26.63 -16.83 32.53
N TYR A 167 -27.55 -17.78 32.61
CA TYR A 167 -28.93 -17.48 32.68
C TYR A 167 -29.53 -18.41 33.71
N ASN A 168 -30.12 -17.79 34.72
CA ASN A 168 -30.79 -18.48 35.79
C ASN A 168 -32.28 -18.57 35.46
N ASN A 169 -32.81 -19.76 35.38
CA ASN A 169 -34.20 -19.92 35.07
C ASN A 169 -35.07 -19.52 36.30
N THR A 170 -35.51 -18.25 36.36
CA THR A 170 -36.32 -17.75 37.47
C THR A 170 -37.77 -18.17 37.40
N ASN A 171 -38.20 -18.65 36.25
CA ASN A 171 -39.58 -19.06 36.10
C ASN A 171 -39.82 -20.35 36.91
N GLN A 172 -41.05 -20.67 37.25
CA GLN A 172 -41.20 -22.00 37.89
C GLN A 172 -41.39 -23.11 36.89
N GLU A 173 -41.43 -22.75 35.61
CA GLU A 173 -41.57 -23.67 34.55
C GLU A 173 -40.13 -24.05 34.05
N ASP A 174 -39.99 -25.25 33.54
CA ASP A 174 -38.77 -25.69 32.85
C ASP A 174 -38.65 -25.00 31.53
N LEU A 175 -37.39 -24.80 31.11
CA LEU A 175 -37.00 -23.99 29.96
C LEU A 175 -36.33 -24.87 28.90
N LEU A 176 -36.83 -24.85 27.68
CA LEU A 176 -36.13 -25.48 26.54
C LEU A 176 -35.19 -24.46 25.90
N VAL A 177 -33.89 -24.73 26.03
CA VAL A 177 -32.82 -23.88 25.48
C VAL A 177 -32.12 -24.55 24.30
N LEU A 178 -31.79 -23.75 23.30
CA LEU A 178 -31.20 -24.16 22.04
C LEU A 178 -29.91 -23.36 21.85
N TRP A 179 -28.87 -24.01 21.33
CA TRP A 179 -27.70 -23.35 20.86
C TRP A 179 -27.04 -24.26 19.87
N GLY A 180 -26.05 -23.71 19.18
CA GLY A 180 -25.31 -24.44 18.22
C GLY A 180 -23.87 -24.01 18.09
N ILE A 181 -23.16 -24.70 17.22
CA ILE A 181 -21.82 -24.38 16.89
C ILE A 181 -21.72 -24.29 15.34
N HIS A 182 -20.80 -23.48 14.84
CA HIS A 182 -20.49 -23.42 13.39
C HIS A 182 -19.18 -24.13 13.04
N HIS A 183 -19.28 -25.13 12.19
CA HIS A 183 -18.16 -25.86 11.70
C HIS A 183 -17.73 -25.25 10.36
N PRO A 184 -16.70 -24.40 10.38
CA PRO A 184 -16.20 -23.85 9.16
C PRO A 184 -15.52 -24.83 8.23
N ASN A 185 -15.28 -24.35 7.02
CA ASN A 185 -14.69 -25.10 5.94
C ASN A 185 -13.16 -25.11 6.02
N ASP A 186 -12.56 -24.04 6.57
CA ASP A 186 -11.11 -24.00 6.68
C ASP A 186 -10.63 -22.92 7.67
N ALA A 187 -9.36 -22.92 7.99
CA ALA A 187 -8.79 -22.00 8.98
C ALA A 187 -8.95 -20.58 8.58
N ALA A 188 -8.98 -20.30 7.25
CA ALA A 188 -9.13 -18.92 6.79
C ALA A 188 -10.53 -18.35 7.14
N GLU A 189 -11.57 -19.12 6.80
CA GLU A 189 -12.93 -18.81 7.25
C GLU A 189 -12.99 -18.70 8.80
N GLN A 190 -12.36 -19.63 9.48
CA GLN A 190 -12.35 -19.61 10.96
C GLN A 190 -11.93 -18.26 11.57
N THR A 191 -10.76 -17.78 11.14
CA THR A 191 -10.21 -16.53 11.71
C THR A 191 -10.91 -15.27 11.07
N ARG A 192 -11.36 -15.39 9.83
CA ARG A 192 -12.13 -14.33 9.21
C ARG A 192 -13.36 -14.07 10.01
N LEU A 193 -14.07 -15.15 10.38
CA LEU A 193 -15.29 -15.01 11.18
C LEU A 193 -15.08 -14.77 12.72
N TYR A 194 -14.06 -15.40 13.30
CA TYR A 194 -13.94 -15.46 14.78
C TYR A 194 -12.62 -15.01 15.33
N GLN A 195 -11.70 -14.54 14.46
CA GLN A 195 -10.28 -14.32 14.77
C GLN A 195 -9.46 -15.50 15.33
N ASN A 196 -9.94 -16.12 16.42
CA ASN A 196 -9.10 -17.07 17.17
C ASN A 196 -9.10 -18.35 16.38
N PRO A 197 -7.93 -18.86 16.08
CA PRO A 197 -7.90 -20.06 15.26
C PRO A 197 -8.35 -21.26 16.00
N THR A 198 -8.03 -21.32 17.28
CA THR A 198 -8.36 -22.52 18.12
C THR A 198 -9.38 -22.20 19.21
N THR A 199 -10.44 -22.94 19.23
CA THR A 199 -11.75 -22.43 19.73
C THR A 199 -12.57 -23.48 20.36
N TYR A 200 -13.39 -23.11 21.35
CA TYR A 200 -14.26 -24.09 22.09
C TYR A 200 -15.58 -23.43 22.50
N ILE A 201 -16.57 -24.27 22.73
CA ILE A 201 -17.77 -23.87 23.39
C ILE A 201 -17.94 -24.81 24.60
N SER A 202 -18.21 -24.23 25.75
CA SER A 202 -18.47 -24.98 26.94
C SER A 202 -19.87 -24.62 27.45
N VAL A 203 -20.65 -25.61 27.83
CA VAL A 203 -22.07 -25.39 28.28
C VAL A 203 -22.35 -26.26 29.51
N GLY A 204 -22.88 -25.61 30.53
CA GLY A 204 -22.93 -26.16 31.85
C GLY A 204 -24.26 -25.91 32.52
N THR A 205 -24.72 -26.92 33.23
CA THR A 205 -26.03 -26.89 33.86
C THR A 205 -25.83 -27.75 35.14
N SER A 206 -26.87 -28.07 35.88
CA SER A 206 -26.70 -28.92 37.04
C SER A 206 -26.53 -30.31 36.53
N THR A 207 -26.94 -30.52 35.30
CA THR A 207 -27.00 -31.82 34.61
C THR A 207 -26.05 -31.92 33.40
N LEU A 208 -25.98 -30.86 32.64
CA LEU A 208 -25.19 -30.82 31.42
C LEU A 208 -23.77 -30.33 31.72
N ASN A 209 -22.82 -31.00 31.09
CA ASN A 209 -21.40 -30.66 31.12
C ASN A 209 -20.77 -30.88 29.70
N GLN A 210 -20.93 -29.89 28.85
CA GLN A 210 -20.64 -30.05 27.41
C GLN A 210 -19.44 -29.27 27.00
N ARG A 211 -18.69 -29.86 26.09
CA ARG A 211 -17.52 -29.23 25.50
C ARG A 211 -17.59 -29.56 23.98
N LEU A 212 -17.62 -28.50 23.13
CA LEU A 212 -17.70 -28.62 21.72
C LEU A 212 -16.44 -27.89 21.16
N VAL A 213 -15.72 -28.56 20.25
CA VAL A 213 -14.64 -28.02 19.49
C VAL A 213 -15.08 -28.12 18.00
N PRO A 214 -15.03 -27.03 17.28
CA PRO A 214 -15.52 -27.09 15.93
C PRO A 214 -14.67 -27.98 15.06
N LYS A 215 -15.31 -28.70 14.15
CA LYS A 215 -14.58 -29.56 13.14
C LYS A 215 -14.36 -28.83 11.82
N ILE A 216 -13.14 -28.43 11.58
CA ILE A 216 -12.74 -27.65 10.44
C ILE A 216 -12.19 -28.54 9.37
N ALA A 217 -12.97 -28.75 8.33
CA ALA A 217 -12.62 -29.67 7.28
C ALA A 217 -13.27 -29.28 5.97
N THR A 218 -12.64 -29.74 4.88
CA THR A 218 -13.25 -29.72 3.50
C THR A 218 -14.48 -30.57 3.37
N ARG A 219 -15.54 -29.98 2.77
CA ARG A 219 -16.86 -30.66 2.74
C ARG A 219 -17.69 -30.41 1.49
N SER A 220 -18.68 -31.28 1.27
CA SER A 220 -19.62 -31.13 0.15
C SER A 220 -20.36 -29.80 0.30
N LYS A 221 -20.39 -28.98 -0.74
CA LYS A 221 -21.33 -27.87 -0.76
C LYS A 221 -22.77 -28.36 -0.74
N VAL A 222 -23.56 -27.85 0.20
CA VAL A 222 -25.00 -28.13 0.32
C VAL A 222 -25.69 -26.77 0.33
N ASN A 223 -26.55 -26.53 -0.69
CA ASN A 223 -27.08 -25.20 -0.97
C ASN A 223 -25.95 -24.17 -1.11
N GLY A 224 -24.86 -24.59 -1.74
CA GLY A 224 -23.72 -23.68 -1.91
C GLY A 224 -22.84 -23.51 -0.67
N GLN A 225 -23.21 -24.14 0.46
CA GLN A 225 -22.49 -23.97 1.74
C GLN A 225 -21.63 -25.19 2.08
N SER A 226 -20.36 -24.97 2.38
CA SER A 226 -19.50 -26.04 2.81
C SER A 226 -19.34 -26.13 4.37
N GLY A 227 -19.62 -25.04 5.08
CA GLY A 227 -19.69 -25.01 6.51
C GLY A 227 -20.91 -25.76 7.00
N ARG A 228 -20.94 -26.08 8.30
CA ARG A 228 -22.13 -26.73 8.89
C ARG A 228 -22.47 -26.04 10.18
N MET A 229 -23.74 -26.14 10.56
CA MET A 229 -24.18 -25.73 11.89
C MET A 229 -24.80 -26.92 12.59
N GLU A 230 -24.45 -27.09 13.85
CA GLU A 230 -25.00 -28.14 14.60
C GLU A 230 -25.71 -27.53 15.79
N PHE A 231 -26.95 -27.95 15.98
CA PHE A 231 -27.71 -27.44 17.12
C PHE A 231 -27.84 -28.49 18.21
N PHE A 232 -27.95 -27.99 19.44
CA PHE A 232 -28.07 -28.74 20.66
C PHE A 232 -29.15 -28.13 21.53
N TRP A 233 -29.68 -28.91 22.50
CA TRP A 233 -30.65 -28.44 23.42
C TRP A 233 -30.55 -29.08 24.83
N THR A 234 -31.17 -28.46 25.83
CA THR A 234 -31.57 -29.17 27.04
C THR A 234 -32.85 -28.57 27.63
N ILE A 235 -33.29 -29.16 28.72
CA ILE A 235 -34.30 -28.62 29.54
C ILE A 235 -33.60 -28.09 30.76
N LEU A 236 -33.62 -26.77 30.91
CA LEU A 236 -33.10 -26.12 32.10
C LEU A 236 -34.21 -26.09 33.11
N LYS A 237 -34.00 -26.83 34.19
CA LYS A 237 -34.96 -26.94 35.33
C LYS A 237 -35.24 -25.61 35.98
N SER A 238 -36.32 -25.60 36.75
CA SER A 238 -36.84 -24.36 37.34
C SER A 238 -35.76 -23.48 37.98
N ASN A 239 -35.04 -23.92 38.98
CA ASN A 239 -34.10 -22.86 39.65
C ASN A 239 -32.63 -23.12 39.27
N ASP A 240 -32.46 -23.72 38.08
CA ASP A 240 -31.14 -24.08 37.62
C ASP A 240 -30.65 -22.95 36.68
N ALA A 241 -29.34 -22.90 36.51
CA ALA A 241 -28.71 -21.91 35.62
C ALA A 241 -27.97 -22.65 34.51
N ILE A 242 -27.94 -22.03 33.36
CA ILE A 242 -27.12 -22.52 32.25
C ILE A 242 -25.92 -21.55 32.05
N ASN A 243 -24.74 -22.10 31.82
CA ASN A 243 -23.50 -21.30 31.70
C ASN A 243 -22.83 -21.56 30.36
N PHE A 244 -22.53 -20.49 29.65
CA PHE A 244 -21.96 -20.55 28.32
C PHE A 244 -20.63 -19.88 28.38
N GLU A 245 -19.64 -20.56 27.81
CA GLU A 245 -18.30 -20.00 27.67
C GLU A 245 -17.81 -20.38 26.29
N SER A 246 -17.38 -19.39 25.51
CA SER A 246 -16.88 -19.65 24.17
C SER A 246 -15.99 -18.55 23.67
N ASN A 247 -15.02 -18.92 22.84
CA ASN A 247 -14.20 -17.96 22.17
C ASN A 247 -14.34 -18.04 20.66
N GLY A 248 -15.42 -18.64 20.18
CA GLY A 248 -15.74 -18.66 18.77
C GLY A 248 -16.69 -19.75 18.36
N ASN A 249 -17.26 -19.57 17.17
CA ASN A 249 -18.11 -20.56 16.60
C ASN A 249 -19.42 -20.81 17.31
N PHE A 250 -19.76 -19.93 18.21
CA PHE A 250 -20.91 -20.12 19.07
C PHE A 250 -22.09 -19.45 18.45
N ILE A 251 -23.14 -20.23 18.29
CA ILE A 251 -24.45 -19.71 17.87
C ILE A 251 -25.34 -19.65 19.08
N ALA A 252 -25.60 -18.43 19.55
CA ALA A 252 -26.11 -18.25 20.87
C ALA A 252 -27.60 -18.24 20.95
N PRO A 253 -28.16 -18.64 22.10
CA PRO A 253 -29.57 -18.45 22.30
C PRO A 253 -29.90 -16.95 22.33
N GLU A 254 -31.05 -16.57 21.76
CA GLU A 254 -31.65 -15.31 22.06
C GLU A 254 -32.93 -15.56 22.85
N ASN A 255 -33.85 -16.37 22.27
CA ASN A 255 -35.09 -16.79 22.93
C ASN A 255 -35.05 -18.27 23.29
N ALA A 256 -35.73 -18.58 24.38
CA ALA A 256 -35.93 -19.93 24.84
C ALA A 256 -37.42 -20.11 25.08
N TYR A 257 -37.82 -21.27 25.59
CA TYR A 257 -39.22 -21.63 25.68
C TYR A 257 -39.56 -22.20 27.03
N LYS A 258 -40.52 -21.57 27.72
CA LYS A 258 -41.10 -22.16 28.91
C LYS A 258 -41.93 -23.36 28.40
N ILE A 259 -41.78 -24.51 29.06
CA ILE A 259 -42.38 -25.74 28.63
C ILE A 259 -42.98 -26.47 29.83
N VAL A 260 -44.23 -26.85 29.75
CA VAL A 260 -44.81 -27.83 30.66
C VAL A 260 -45.24 -29.09 29.86
N LYS A 261 -44.77 -30.24 30.32
CA LYS A 261 -44.83 -31.50 29.64
C LYS A 261 -45.45 -32.48 30.62
N LYS A 262 -46.68 -32.93 30.35
CA LYS A 262 -47.38 -33.89 31.19
C LYS A 262 -47.60 -35.25 30.53
N GLY A 263 -47.44 -35.35 29.21
CA GLY A 263 -47.58 -36.61 28.47
C GLY A 263 -47.11 -36.51 27.01
N ASP A 264 -47.17 -37.61 26.26
CA ASP A 264 -46.70 -37.66 24.89
C ASP A 264 -47.75 -38.01 23.85
N SER A 265 -47.44 -37.71 22.61
CA SER A 265 -48.20 -38.20 21.49
C SER A 265 -47.13 -38.44 20.45
N THR A 266 -47.27 -37.93 19.23
CA THR A 266 -46.28 -38.11 18.23
C THR A 266 -46.42 -37.04 17.14
N ILE A 267 -45.67 -37.19 16.08
CA ILE A 267 -45.74 -36.31 14.90
C ILE A 267 -46.47 -37.05 13.83
N MET A 268 -47.55 -36.44 13.38
CA MET A 268 -48.30 -37.01 12.34
C MET A 268 -47.87 -36.39 11.02
N LYS A 269 -47.85 -37.22 9.96
CA LYS A 269 -47.66 -36.74 8.61
C LYS A 269 -48.95 -36.82 7.85
N SER A 270 -49.45 -35.69 7.40
CA SER A 270 -50.75 -35.55 6.84
C SER A 270 -50.68 -34.36 5.91
N GLU A 271 -51.33 -34.49 4.76
CA GLU A 271 -51.52 -33.38 3.79
C GLU A 271 -52.75 -32.59 4.13
N LEU A 272 -53.53 -33.13 5.06
CA LEU A 272 -54.88 -32.61 5.29
C LEU A 272 -54.85 -31.21 5.88
N GLU A 273 -56.05 -30.60 5.98
CA GLU A 273 -56.28 -29.29 6.53
C GLU A 273 -57.00 -29.47 7.85
N TYR A 274 -56.86 -28.50 8.73
CA TYR A 274 -57.60 -28.45 9.99
C TYR A 274 -59.01 -28.16 9.71
N GLY A 275 -59.89 -29.03 10.13
CA GLY A 275 -61.34 -28.73 10.20
C GLY A 275 -61.61 -28.13 11.57
N ASN A 276 -62.85 -27.72 11.84
CA ASN A 276 -63.19 -27.19 13.15
C ASN A 276 -63.92 -28.25 13.95
N CYS A 277 -63.21 -29.34 14.18
CA CYS A 277 -63.82 -30.56 14.68
C CYS A 277 -63.09 -31.03 15.94
N ASN A 278 -63.73 -31.94 16.68
CA ASN A 278 -63.24 -32.54 17.89
C ASN A 278 -63.38 -34.10 17.77
N THR A 279 -62.37 -34.85 18.15
CA THR A 279 -62.39 -36.30 18.02
C THR A 279 -61.69 -36.91 19.21
N LYS A 280 -61.93 -38.18 19.46
CA LYS A 280 -61.13 -38.93 20.42
C LYS A 280 -59.97 -39.68 19.67
N CYS A 281 -60.05 -39.77 18.35
CA CYS A 281 -59.10 -40.53 17.56
C CYS A 281 -58.87 -39.87 16.20
N GLN A 282 -57.63 -39.47 15.94
CA GLN A 282 -57.22 -38.83 14.70
C GLN A 282 -56.33 -39.79 13.92
N THR A 283 -56.47 -39.76 12.63
CA THR A 283 -55.71 -40.58 11.68
C THR A 283 -55.14 -39.56 10.68
N PRO A 284 -54.07 -39.92 9.98
CA PRO A 284 -53.51 -38.97 8.99
C PRO A 284 -54.35 -38.74 7.71
N ILE A 285 -55.38 -39.54 7.55
CA ILE A 285 -56.37 -39.51 6.44
C ILE A 285 -57.72 -38.98 6.91
N GLY A 286 -57.84 -38.63 8.19
CA GLY A 286 -59.09 -38.09 8.71
C GLY A 286 -59.34 -38.56 10.15
N ALA A 287 -60.29 -37.94 10.82
CA ALA A 287 -60.65 -38.33 12.15
C ALA A 287 -61.73 -39.41 12.13
N ILE A 288 -61.86 -40.11 13.24
CA ILE A 288 -62.70 -41.31 13.36
C ILE A 288 -63.53 -41.23 14.62
N ASN A 289 -64.78 -41.68 14.54
CA ASN A 289 -65.78 -41.62 15.61
C ASN A 289 -65.79 -42.93 16.45
N SER A 290 -64.93 -42.95 17.48
CA SER A 290 -64.29 -44.15 18.08
C SER A 290 -65.23 -45.06 18.91
N SER A 291 -66.41 -45.34 18.39
CA SER A 291 -67.41 -46.21 19.08
C SER A 291 -67.21 -47.72 18.85
N MET A 292 -66.92 -48.12 17.63
CA MET A 292 -66.69 -49.53 17.32
C MET A 292 -65.35 -50.03 17.86
N PRO A 293 -65.20 -51.33 18.04
CA PRO A 293 -63.99 -51.83 18.64
C PRO A 293 -62.88 -52.04 17.64
N PHE A 294 -63.23 -52.01 16.35
CA PHE A 294 -62.25 -52.24 15.32
C PHE A 294 -62.40 -51.27 14.16
N HIS A 295 -61.27 -50.93 13.52
CA HIS A 295 -61.26 -50.02 12.36
C HIS A 295 -60.24 -50.48 11.34
N ASN A 296 -60.39 -49.98 10.12
CA ASN A 296 -59.44 -50.31 9.02
C ASN A 296 -58.96 -49.08 8.24
N ILE A 297 -59.02 -47.95 8.91
CA ILE A 297 -58.68 -46.65 8.27
C ILE A 297 -57.18 -46.50 7.96
N HIS A 298 -56.36 -46.57 8.98
CA HIS A 298 -54.95 -46.28 8.85
C HIS A 298 -54.30 -46.75 10.15
N PRO A 299 -53.06 -47.25 10.09
CA PRO A 299 -52.43 -47.74 11.30
C PRO A 299 -51.91 -46.63 12.25
N LEU A 300 -51.54 -45.46 11.72
CA LEU A 300 -50.83 -44.41 12.47
C LEU A 300 -51.83 -43.47 13.15
N THR A 301 -52.51 -43.97 14.16
CA THR A 301 -53.58 -43.23 14.81
C THR A 301 -53.10 -42.57 16.11
N ILE A 302 -53.73 -41.48 16.48
CA ILE A 302 -53.46 -40.81 17.75
C ILE A 302 -54.71 -40.59 18.50
N GLY A 303 -54.72 -40.95 19.77
CA GLY A 303 -55.93 -40.84 20.62
C GLY A 303 -56.29 -42.19 21.24
N GLU A 304 -57.56 -42.30 21.64
CA GLU A 304 -58.12 -43.52 22.21
C GLU A 304 -58.81 -44.16 21.05
N CYS A 305 -58.10 -45.08 20.42
CA CYS A 305 -58.58 -45.60 19.13
C CYS A 305 -59.12 -47.03 19.16
N PRO A 306 -59.99 -47.36 18.20
CA PRO A 306 -60.34 -48.76 18.01
C PRO A 306 -59.10 -49.49 17.50
N LYS A 307 -59.12 -50.81 17.58
CA LYS A 307 -58.00 -51.60 17.12
C LYS A 307 -57.93 -51.72 15.62
N TYR A 308 -56.76 -51.41 15.07
CA TYR A 308 -56.54 -51.45 13.63
C TYR A 308 -56.57 -52.90 13.16
N VAL A 309 -57.24 -53.13 12.04
CA VAL A 309 -57.53 -54.52 11.58
C VAL A 309 -57.44 -54.53 10.07
N LYS A 310 -56.98 -55.62 9.52
CA LYS A 310 -56.87 -55.79 8.08
C LYS A 310 -58.11 -56.44 7.60
N SER A 311 -59.24 -55.73 7.62
CA SER A 311 -60.53 -56.28 7.14
C SER A 311 -61.41 -55.33 6.40
N ASN A 312 -62.22 -55.87 5.51
CA ASN A 312 -63.23 -55.05 4.78
C ASN A 312 -64.52 -54.98 5.54
N ARG A 313 -64.71 -55.92 6.46
CA ARG A 313 -66.06 -56.35 6.90
C ARG A 313 -65.99 -57.12 8.19
N LEU A 314 -66.73 -56.69 9.21
CA LEU A 314 -66.93 -57.49 10.43
C LEU A 314 -68.41 -57.39 10.83
N VAL A 315 -69.21 -58.28 10.26
CA VAL A 315 -70.66 -58.15 10.38
C VAL A 315 -71.27 -59.26 11.22
N LEU A 316 -71.92 -58.80 12.29
CA LEU A 316 -72.52 -59.68 13.28
C LEU A 316 -73.97 -59.87 12.93
N ALA A 317 -74.37 -61.12 12.72
CA ALA A 317 -75.81 -61.43 12.54
C ALA A 317 -76.51 -61.02 13.77
N THR A 318 -77.58 -60.25 13.61
CA THR A 318 -78.49 -59.94 14.68
C THR A 318 -79.85 -60.64 14.44
N GLY A 319 -80.45 -60.48 13.28
CA GLY A 319 -81.77 -61.10 13.02
C GLY A 319 -81.66 -62.52 12.54
N LEU A 320 -82.64 -62.96 11.74
CA LEU A 320 -82.78 -64.39 11.36
C LEU A 320 -82.34 -64.59 9.92
N ARG A 321 -82.18 -65.83 9.52
CA ARG A 321 -81.97 -66.19 8.14
C ARG A 321 -83.11 -65.63 7.39
N ASN A 322 -82.80 -65.03 6.26
CA ASN A 322 -83.82 -64.55 5.36
C ASN A 322 -83.92 -65.46 4.14
N SER A 323 -84.63 -66.56 4.31
CA SER A 323 -84.98 -67.48 3.24
C SER A 323 -86.53 -67.48 3.23
N PRO A 324 -87.11 -66.53 2.46
CA PRO A 324 -88.59 -66.40 2.42
C PRO A 324 -89.34 -67.57 1.71
N GLN A 325 -90.62 -67.74 2.04
CA GLN A 325 -91.45 -68.81 1.47
C GLN A 325 -92.47 -68.25 0.46
N GLU B 11 -89.70 -74.72 6.13
CA GLU B 11 -89.30 -74.47 4.72
C GLU B 11 -88.62 -73.10 4.49
N GLY B 12 -88.69 -72.22 5.45
CA GLY B 12 -88.27 -70.85 5.24
C GLY B 12 -88.85 -69.87 6.26
N GLY B 13 -88.71 -68.59 5.95
CA GLY B 13 -89.24 -67.53 6.77
C GLY B 13 -90.58 -67.04 6.28
N TRP B 14 -91.07 -65.95 6.89
CA TRP B 14 -92.38 -65.37 6.57
C TRP B 14 -92.39 -63.86 6.53
N GLN B 15 -92.51 -63.30 5.33
CA GLN B 15 -92.77 -61.84 5.15
C GLN B 15 -93.93 -61.31 6.02
N GLY B 16 -95.01 -62.10 6.11
CA GLY B 16 -96.27 -61.62 6.65
C GLY B 16 -96.25 -61.45 8.16
N MET B 17 -95.26 -62.06 8.82
CA MET B 17 -95.13 -61.91 10.28
C MET B 17 -94.37 -60.66 10.65
N VAL B 18 -95.01 -59.51 10.46
CA VAL B 18 -94.27 -58.24 10.57
C VAL B 18 -94.11 -57.70 12.00
N ASP B 19 -94.80 -58.30 12.96
CA ASP B 19 -94.92 -57.78 14.32
C ASP B 19 -94.01 -58.54 15.35
N GLY B 20 -93.24 -59.50 14.88
CA GLY B 20 -92.39 -60.31 15.77
C GLY B 20 -91.41 -61.19 15.03
N TRP B 21 -90.57 -61.90 15.79
CA TRP B 21 -89.47 -62.66 15.20
C TRP B 21 -89.89 -64.08 14.98
N TYR B 22 -90.61 -64.61 15.96
CA TYR B 22 -91.09 -65.98 15.90
C TYR B 22 -92.58 -65.97 16.12
N GLY B 23 -93.28 -66.94 15.53
CA GLY B 23 -94.66 -66.97 15.66
C GLY B 23 -95.35 -68.07 14.91
N TYR B 24 -96.59 -67.79 14.54
CA TYR B 24 -97.49 -68.79 14.04
C TYR B 24 -98.22 -68.30 12.83
N HIS B 25 -98.50 -69.23 11.91
CA HIS B 25 -99.40 -68.97 10.80
C HIS B 25 -100.51 -69.99 10.96
N HIS B 26 -101.76 -69.58 10.86
CA HIS B 26 -102.85 -70.52 10.91
C HIS B 26 -103.70 -70.45 9.62
N SER B 27 -104.29 -71.58 9.28
CA SER B 27 -105.17 -71.65 8.16
C SER B 27 -106.39 -72.50 8.58
N ASN B 28 -107.56 -71.88 8.56
CA ASN B 28 -108.82 -72.58 8.85
C ASN B 28 -109.91 -72.13 7.86
N GLU B 29 -111.17 -72.51 8.10
CA GLU B 29 -112.29 -72.11 7.22
C GLU B 29 -112.59 -70.62 7.29
N GLN B 30 -112.40 -70.02 8.47
CA GLN B 30 -112.56 -68.57 8.66
C GLN B 30 -111.44 -67.72 8.02
N GLY B 31 -110.35 -68.34 7.58
CA GLY B 31 -109.26 -67.59 6.91
C GLY B 31 -107.87 -67.98 7.40
N SER B 32 -106.92 -67.08 7.20
CA SER B 32 -105.54 -67.39 7.48
C SER B 32 -104.70 -66.15 7.75
N GLY B 33 -103.66 -66.32 8.55
CA GLY B 33 -102.82 -65.16 8.87
C GLY B 33 -101.72 -65.46 9.89
N TYR B 34 -100.92 -64.46 10.19
CA TYR B 34 -99.78 -64.62 11.00
C TYR B 34 -100.00 -63.95 12.35
N ALA B 35 -99.48 -64.60 13.41
CA ALA B 35 -99.47 -64.02 14.76
C ALA B 35 -98.10 -64.28 15.37
N ALA B 36 -97.49 -63.25 15.92
CA ALA B 36 -96.15 -63.39 16.54
C ALA B 36 -96.21 -63.76 17.99
N ASP B 37 -95.28 -64.58 18.46
CA ASP B 37 -95.08 -64.77 19.90
C ASP B 37 -94.16 -63.63 20.43
N LYS B 38 -94.77 -62.63 21.04
CA LYS B 38 -94.02 -61.48 21.53
C LYS B 38 -93.13 -61.79 22.73
N GLU B 39 -93.47 -62.84 23.49
CA GLU B 39 -92.61 -63.22 24.64
C GLU B 39 -91.21 -63.67 24.16
N SER B 40 -91.16 -64.76 23.40
CA SER B 40 -89.88 -65.30 22.97
C SER B 40 -89.12 -64.34 22.03
N THR B 41 -89.88 -63.53 21.30
CA THR B 41 -89.29 -62.51 20.41
C THR B 41 -88.51 -61.45 21.20
N GLN B 42 -89.12 -60.94 22.25
CA GLN B 42 -88.49 -59.86 22.99
C GLN B 42 -87.23 -60.35 23.76
N LYS B 43 -87.24 -61.62 24.13
CA LYS B 43 -86.11 -62.24 24.84
C LYS B 43 -85.01 -62.48 23.84
N ALA B 44 -85.36 -62.86 22.62
CA ALA B 44 -84.35 -62.91 21.58
C ALA B 44 -83.74 -61.52 21.28
N ILE B 45 -84.59 -60.52 21.16
CA ILE B 45 -84.16 -59.18 20.80
C ILE B 45 -83.31 -58.55 21.89
N ASP B 46 -83.43 -59.02 23.12
CA ASP B 46 -82.55 -58.63 24.21
C ASP B 46 -81.28 -59.46 24.29
N GLY B 47 -81.39 -60.74 23.99
CA GLY B 47 -80.22 -61.60 23.96
C GLY B 47 -79.20 -61.18 22.94
N VAL B 48 -79.69 -60.91 21.71
CA VAL B 48 -78.82 -60.51 20.60
C VAL B 48 -78.25 -59.07 20.83
N THR B 49 -79.00 -58.19 21.47
CA THR B 49 -78.54 -56.84 21.80
C THR B 49 -77.43 -56.89 22.85
N ASN B 50 -77.56 -57.77 23.84
CA ASN B 50 -76.43 -58.06 24.76
C ASN B 50 -75.19 -58.62 24.09
N LYS B 51 -75.39 -59.49 23.10
CA LYS B 51 -74.25 -60.09 22.40
C LYS B 51 -73.42 -58.98 21.75
N VAL B 52 -74.08 -58.16 20.91
CA VAL B 52 -73.44 -57.02 20.24
C VAL B 52 -72.81 -56.04 21.20
N ASN B 53 -73.58 -55.60 22.20
CA ASN B 53 -73.02 -54.72 23.23
C ASN B 53 -71.80 -55.29 24.00
N SER B 54 -71.79 -56.58 24.29
CA SER B 54 -70.63 -57.21 24.93
C SER B 54 -69.42 -57.18 24.05
N ILE B 55 -69.61 -57.48 22.80
CA ILE B 55 -68.52 -57.48 21.78
C ILE B 55 -67.94 -56.11 21.65
N ILE B 56 -68.77 -55.11 21.66
CA ILE B 56 -68.30 -53.72 21.56
C ILE B 56 -67.75 -53.24 22.88
N ASP B 57 -68.52 -53.35 23.95
CA ASP B 57 -68.14 -52.70 25.27
C ASP B 57 -66.96 -53.36 26.01
N LYS B 58 -66.61 -54.61 25.69
CA LYS B 58 -65.48 -55.23 26.36
C LYS B 58 -64.13 -54.71 25.84
N MET B 59 -64.15 -53.92 24.77
CA MET B 59 -62.90 -53.37 24.26
C MET B 59 -62.47 -52.29 25.14
N ASN B 60 -61.33 -52.50 25.77
CA ASN B 60 -60.65 -51.43 26.46
C ASN B 60 -59.67 -50.70 25.56
N THR B 61 -59.84 -49.39 25.41
CA THR B 61 -58.96 -48.58 24.59
C THR B 61 -58.42 -47.42 25.40
N GLN B 62 -57.11 -47.24 25.35
CA GLN B 62 -56.43 -46.10 25.95
C GLN B 62 -55.74 -45.22 24.92
N PHE B 63 -55.27 -44.07 25.37
CA PHE B 63 -54.56 -43.19 24.50
C PHE B 63 -53.32 -43.82 23.95
N GLU B 64 -53.19 -43.82 22.62
CA GLU B 64 -51.92 -44.13 21.99
C GLU B 64 -51.59 -43.19 20.85
N ALA B 65 -50.32 -42.90 20.69
CA ALA B 65 -49.84 -42.20 19.54
C ALA B 65 -48.88 -43.12 18.78
N VAL B 66 -49.37 -43.81 17.74
CA VAL B 66 -48.53 -44.65 16.86
C VAL B 66 -47.87 -43.75 15.79
N GLY B 67 -46.55 -43.63 15.82
CA GLY B 67 -45.86 -42.80 14.87
C GLY B 67 -44.53 -43.39 14.60
N ARG B 68 -44.01 -43.07 13.44
CA ARG B 68 -42.66 -43.47 13.06
C ARG B 68 -41.60 -42.41 13.35
N GLU B 69 -40.95 -42.52 14.50
CA GLU B 69 -39.97 -41.55 14.93
C GLU B 69 -38.53 -42.04 15.19
N PHE B 70 -38.15 -43.09 14.49
CA PHE B 70 -36.75 -43.57 14.51
C PHE B 70 -36.01 -43.18 13.23
N ASN B 71 -34.75 -42.79 13.37
CA ASN B 71 -33.95 -42.30 12.25
C ASN B 71 -33.22 -43.44 11.51
N ASN B 72 -32.34 -43.09 10.57
CA ASN B 72 -31.76 -44.12 9.74
C ASN B 72 -30.59 -44.86 10.28
N LEU B 73 -30.10 -44.42 11.46
CA LEU B 73 -29.24 -45.29 12.30
C LEU B 73 -29.99 -45.94 13.42
N GLU B 74 -31.32 -46.04 13.31
CA GLU B 74 -32.12 -46.77 14.30
C GLU B 74 -33.11 -47.71 13.65
N ARG B 75 -32.73 -48.33 12.59
CA ARG B 75 -33.61 -49.18 11.81
C ARG B 75 -33.88 -50.48 12.51
N ARG B 76 -32.93 -50.96 13.34
CA ARG B 76 -33.22 -52.16 14.20
C ARG B 76 -34.41 -51.88 15.19
N ILE B 77 -34.50 -50.67 15.73
CA ILE B 77 -35.57 -50.35 16.64
C ILE B 77 -36.88 -50.11 15.85
N GLU B 78 -36.74 -49.39 14.75
CA GLU B 78 -37.88 -49.25 13.80
C GLU B 78 -38.43 -50.66 13.41
N ASN B 79 -37.54 -51.61 13.16
CA ASN B 79 -37.96 -52.96 12.81
C ASN B 79 -38.63 -53.67 13.98
N LEU B 80 -38.14 -53.46 15.19
CA LEU B 80 -38.80 -53.95 16.38
C LEU B 80 -40.18 -53.37 16.50
N ASN B 81 -40.31 -52.07 16.36
CA ASN B 81 -41.61 -51.43 16.37
C ASN B 81 -42.53 -51.96 15.24
N LYS B 82 -41.93 -52.25 14.08
CA LYS B 82 -42.71 -52.87 12.99
C LYS B 82 -43.23 -54.33 13.31
N LYS B 83 -42.37 -55.18 13.89
CA LYS B 83 -42.80 -56.49 14.27
C LYS B 83 -43.93 -56.40 15.28
N MET B 84 -43.81 -55.43 16.18
CA MET B 84 -44.83 -55.24 17.13
C MET B 84 -46.14 -54.89 16.52
N GLU B 85 -46.17 -53.79 15.82
CA GLU B 85 -47.40 -53.35 15.04
C GLU B 85 -48.03 -54.43 14.18
N ASP B 86 -47.22 -55.16 13.44
CA ASP B 86 -47.75 -56.25 12.60
C ASP B 86 -48.26 -57.41 13.45
N GLY B 87 -47.50 -57.70 14.52
CA GLY B 87 -47.95 -58.62 15.54
C GLY B 87 -49.32 -58.36 16.06
N PHE B 88 -49.53 -57.13 16.53
CA PHE B 88 -50.90 -56.77 16.98
C PHE B 88 -51.94 -56.75 15.89
N LEU B 89 -51.55 -56.33 14.69
CA LEU B 89 -52.48 -56.31 13.58
C LEU B 89 -52.98 -57.71 13.32
N ASP B 90 -52.08 -58.68 13.34
CA ASP B 90 -52.45 -60.07 13.09
C ASP B 90 -53.29 -60.66 14.17
N VAL B 91 -52.88 -60.42 15.43
CA VAL B 91 -53.70 -60.91 16.53
C VAL B 91 -55.11 -60.36 16.40
N TRP B 92 -55.25 -59.07 16.19
CA TRP B 92 -56.59 -58.47 16.15
C TRP B 92 -57.38 -58.91 14.96
N THR B 93 -56.73 -58.95 13.81
CA THR B 93 -57.42 -59.36 12.55
C THR B 93 -58.02 -60.77 12.63
N TYR B 94 -57.19 -61.72 13.03
CA TYR B 94 -57.65 -63.11 13.18
C TYR B 94 -58.73 -63.31 14.25
N ASN B 95 -58.49 -62.73 15.45
CA ASN B 95 -59.45 -62.88 16.55
C ASN B 95 -60.78 -62.22 16.28
N ALA B 96 -60.77 -61.05 15.63
CA ALA B 96 -62.02 -60.38 15.29
C ALA B 96 -62.77 -61.14 14.16
N GLU B 97 -62.01 -61.63 13.19
CA GLU B 97 -62.63 -62.38 12.11
C GLU B 97 -63.27 -63.67 12.60
N LEU B 98 -62.53 -64.43 13.40
CA LEU B 98 -63.03 -65.68 13.98
C LEU B 98 -64.15 -65.44 14.99
N LEU B 99 -64.04 -64.37 15.75
CA LEU B 99 -65.07 -64.03 16.75
C LEU B 99 -66.37 -63.76 16.08
N VAL B 100 -66.33 -63.04 14.96
CA VAL B 100 -67.59 -62.83 14.17
C VAL B 100 -68.17 -64.16 13.65
N LEU B 101 -67.37 -64.93 12.92
CA LEU B 101 -67.79 -66.26 12.47
C LEU B 101 -68.46 -67.16 13.55
N MET B 102 -67.82 -67.23 14.70
CA MET B 102 -68.27 -68.12 15.82
C MET B 102 -69.55 -67.63 16.42
N GLU B 103 -69.64 -66.32 16.64
CA GLU B 103 -70.86 -65.79 17.23
C GLU B 103 -72.05 -65.81 16.26
N ASN B 104 -71.77 -65.63 14.96
CA ASN B 104 -72.81 -65.79 13.99
C ASN B 104 -73.43 -67.17 13.95
N GLU B 105 -72.61 -68.24 13.92
CA GLU B 105 -73.15 -69.61 14.04
C GLU B 105 -74.03 -69.75 15.32
N ARG B 106 -73.53 -69.23 16.40
CA ARG B 106 -74.28 -69.24 17.70
C ARG B 106 -75.59 -68.50 17.63
N THR B 107 -75.61 -67.31 17.05
CA THR B 107 -76.84 -66.56 16.94
C THR B 107 -77.91 -67.30 16.07
N LEU B 108 -77.48 -67.90 14.96
CA LEU B 108 -78.39 -68.50 14.04
C LEU B 108 -78.94 -69.76 14.63
N ASP B 109 -78.10 -70.50 15.37
CA ASP B 109 -78.58 -71.64 16.17
C ASP B 109 -79.53 -71.25 17.29
N PHE B 110 -79.26 -70.14 17.95
CA PHE B 110 -80.19 -69.56 18.98
C PHE B 110 -81.62 -69.35 18.42
N HIS B 111 -81.74 -68.83 17.19
CA HIS B 111 -83.04 -68.63 16.60
C HIS B 111 -83.72 -70.00 16.33
N ASP B 112 -82.95 -70.93 15.79
CA ASP B 112 -83.46 -72.26 15.51
C ASP B 112 -83.93 -72.93 16.77
N SER B 113 -83.18 -72.74 17.85
CA SER B 113 -83.60 -73.23 19.13
C SER B 113 -84.90 -72.59 19.63
N ASN B 114 -85.08 -71.30 19.39
CA ASN B 114 -86.29 -70.64 19.86
C ASN B 114 -87.51 -71.09 19.04
N VAL B 115 -87.31 -71.31 17.76
CA VAL B 115 -88.38 -71.74 16.91
C VAL B 115 -88.82 -73.12 17.37
N LYS B 116 -87.84 -73.99 17.55
CA LYS B 116 -88.14 -75.40 17.94
C LYS B 116 -88.86 -75.49 19.28
N ASN B 117 -88.55 -74.61 20.20
CA ASN B 117 -89.25 -74.61 21.45
C ASN B 117 -90.75 -74.20 21.33
N LEU B 118 -91.02 -73.22 20.51
CA LEU B 118 -92.36 -72.77 20.20
C LEU B 118 -93.14 -73.90 19.51
N TYR B 119 -92.46 -74.65 18.65
CA TYR B 119 -93.05 -75.85 18.04
C TYR B 119 -93.44 -76.93 19.05
N ASP B 120 -92.61 -77.11 20.07
CA ASP B 120 -92.83 -78.17 21.05
C ASP B 120 -94.01 -77.84 21.92
N LYS B 121 -94.07 -76.58 22.37
CA LYS B 121 -95.24 -76.10 23.12
C LYS B 121 -96.56 -76.46 22.41
N VAL B 122 -96.58 -76.39 21.07
CA VAL B 122 -97.77 -76.73 20.34
C VAL B 122 -97.95 -78.27 20.30
N ARG B 123 -96.88 -78.97 19.98
CA ARG B 123 -96.90 -80.42 19.82
C ARG B 123 -97.45 -81.13 21.03
N LEU B 124 -96.97 -80.75 22.22
CA LEU B 124 -97.49 -81.36 23.47
C LEU B 124 -98.98 -81.07 23.67
N GLN B 125 -99.44 -79.91 23.21
CA GLN B 125 -100.85 -79.53 23.36
C GLN B 125 -101.82 -80.34 22.47
N LEU B 126 -101.44 -80.50 21.24
CA LEU B 126 -102.27 -81.19 20.28
C LEU B 126 -102.30 -82.73 20.40
N ARG B 127 -101.12 -83.34 20.56
CA ARG B 127 -100.95 -84.79 20.66
C ARG B 127 -101.49 -85.52 19.40
N ASP B 128 -102.51 -86.38 19.59
CA ASP B 128 -103.16 -87.11 18.49
C ASP B 128 -104.36 -86.35 17.85
N ASN B 129 -104.90 -85.33 18.52
CA ASN B 129 -105.86 -84.39 17.85
C ASN B 129 -105.36 -83.70 16.54
N ALA B 130 -104.05 -83.70 16.28
CA ALA B 130 -103.51 -83.25 14.98
C ALA B 130 -102.38 -84.14 14.56
N LYS B 131 -102.01 -84.09 13.28
CA LYS B 131 -100.85 -84.78 12.78
C LYS B 131 -99.70 -83.82 12.35
N GLU B 132 -98.47 -84.19 12.61
CA GLU B 132 -97.30 -83.38 12.18
C GLU B 132 -96.96 -83.64 10.74
N LEU B 133 -96.79 -82.56 10.01
CA LEU B 133 -96.65 -82.65 8.58
C LEU B 133 -95.22 -82.72 8.24
N GLY B 134 -94.37 -82.40 9.21
CA GLY B 134 -92.94 -82.41 8.97
C GLY B 134 -92.42 -81.14 8.34
N ASN B 135 -93.22 -80.08 8.36
CA ASN B 135 -92.83 -78.78 7.81
C ASN B 135 -92.99 -77.67 8.83
N GLY B 136 -93.21 -78.04 10.07
CA GLY B 136 -93.45 -77.10 11.17
C GLY B 136 -94.90 -76.79 11.35
N CYS B 137 -95.73 -77.45 10.57
CA CYS B 137 -97.20 -77.33 10.65
C CYS B 137 -97.87 -78.57 11.31
N PHE B 138 -99.07 -78.38 11.81
CA PHE B 138 -99.94 -79.43 12.29
C PHE B 138 -101.25 -79.35 11.59
N GLU B 139 -101.70 -80.46 11.02
CA GLU B 139 -102.99 -80.57 10.40
C GLU B 139 -103.88 -81.14 11.42
N PHE B 140 -104.87 -80.35 11.84
CA PHE B 140 -105.89 -80.81 12.80
C PHE B 140 -106.80 -81.91 12.18
N TYR B 141 -107.33 -82.76 13.03
CA TYR B 141 -108.29 -83.78 12.61
C TYR B 141 -109.65 -83.16 12.78
N HIS B 142 -109.80 -82.40 13.85
CA HIS B 142 -111.02 -81.68 14.08
C HIS B 142 -110.96 -80.27 13.52
N ARG B 143 -112.06 -79.56 13.65
CA ARG B 143 -112.17 -78.17 13.21
C ARG B 143 -111.68 -77.20 14.24
N CYS B 144 -110.73 -76.36 13.83
CA CYS B 144 -110.11 -75.39 14.74
C CYS B 144 -110.44 -73.95 14.29
N ASP B 145 -111.45 -73.38 14.96
CA ASP B 145 -111.90 -71.98 14.69
C ASP B 145 -110.89 -70.92 15.16
N ASN B 146 -111.22 -69.66 14.93
CA ASN B 146 -110.31 -68.59 15.27
C ASN B 146 -109.99 -68.59 16.76
N GLU B 147 -110.99 -68.95 17.57
CA GLU B 147 -110.80 -69.02 19.04
C GLU B 147 -109.92 -70.22 19.42
N CYS B 148 -110.15 -71.36 18.77
CA CYS B 148 -109.36 -72.57 18.93
C CYS B 148 -107.88 -72.25 18.61
N MET B 149 -107.64 -71.48 17.56
CA MET B 149 -106.28 -71.11 17.15
C MET B 149 -105.63 -70.24 18.23
N GLU B 150 -106.34 -69.21 18.68
CA GLU B 150 -105.87 -68.37 19.74
C GLU B 150 -105.52 -69.26 20.97
N SER B 151 -106.35 -70.26 21.22
CA SER B 151 -106.19 -71.07 22.38
C SER B 151 -104.91 -71.89 22.27
N VAL B 152 -104.53 -72.29 21.05
CA VAL B 152 -103.26 -73.02 20.84
C VAL B 152 -102.02 -72.11 21.00
N ARG B 153 -102.16 -70.85 20.64
CA ARG B 153 -101.09 -69.88 20.71
C ARG B 153 -100.77 -69.54 22.13
N ASN B 154 -101.81 -69.26 22.92
CA ASN B 154 -101.60 -68.81 24.31
C ASN B 154 -101.61 -69.95 25.32
N GLY B 155 -101.33 -71.17 24.87
CA GLY B 155 -101.20 -72.33 25.76
C GLY B 155 -102.49 -72.85 26.44
N THR B 156 -103.66 -72.42 25.96
CA THR B 156 -105.00 -72.63 26.57
C THR B 156 -105.80 -73.75 25.91
N TYR B 157 -105.31 -74.27 24.80
CA TYR B 157 -105.97 -75.35 24.11
C TYR B 157 -106.38 -76.46 25.07
N ASP B 158 -107.67 -76.79 25.03
CA ASP B 158 -108.20 -77.88 25.85
C ASP B 158 -108.62 -79.03 24.96
N TYR B 159 -107.90 -80.11 25.14
CA TYR B 159 -107.82 -81.25 24.23
C TYR B 159 -109.03 -82.27 24.35
N PRO B 160 -109.61 -82.46 25.55
CA PRO B 160 -110.80 -83.31 25.66
C PRO B 160 -111.94 -82.92 24.75
N GLN B 161 -112.18 -81.60 24.57
CA GLN B 161 -113.33 -81.11 23.76
C GLN B 161 -113.33 -81.61 22.32
N TYR B 162 -112.16 -81.95 21.83
CA TYR B 162 -111.99 -82.39 20.48
C TYR B 162 -111.53 -83.83 20.37
N SER B 163 -111.14 -84.45 21.48
CA SER B 163 -110.60 -85.84 21.44
C SER B 163 -111.53 -86.84 20.76
N GLU B 164 -112.81 -86.80 21.13
CA GLU B 164 -113.72 -87.77 20.56
C GLU B 164 -113.89 -87.50 19.08
N GLU B 165 -114.11 -86.23 18.74
CA GLU B 165 -114.33 -85.86 17.34
C GLU B 165 -113.09 -86.24 16.47
N ALA B 166 -111.90 -86.17 17.07
CA ALA B 166 -110.70 -86.35 16.33
C ALA B 166 -110.36 -87.80 16.11
N ARG B 167 -110.76 -88.67 17.04
CA ARG B 167 -110.49 -90.08 16.99
C ARG B 167 -111.28 -90.73 15.83
N LEU B 168 -112.57 -90.51 15.83
CA LEU B 168 -113.40 -91.11 14.81
C LEU B 168 -112.77 -90.73 13.48
N LYS B 169 -112.16 -89.54 13.42
CA LYS B 169 -111.69 -89.03 12.14
C LYS B 169 -110.40 -89.71 11.66
N ARG B 170 -109.66 -90.35 12.59
CA ARG B 170 -108.48 -91.15 12.24
C ARG B 170 -108.94 -92.56 11.98
N GLU B 171 -110.08 -92.95 12.59
CA GLU B 171 -110.73 -94.23 12.27
C GLU B 171 -111.25 -94.17 10.88
N GLU B 172 -111.88 -93.09 10.55
CA GLU B 172 -112.26 -92.88 9.16
C GLU B 172 -111.08 -93.00 8.17
N ILE B 173 -109.88 -92.58 8.57
CA ILE B 173 -108.71 -92.60 7.67
C ILE B 173 -108.16 -94.03 7.59
N SER B 174 -108.12 -94.72 8.72
CA SER B 174 -107.59 -96.08 8.78
C SER B 174 -108.49 -97.12 8.09
N SER B 175 -109.76 -96.77 7.86
CA SER B 175 -110.68 -97.56 7.01
C SER B 175 -111.05 -96.78 5.75
N ASP C 5 21.52 13.10 -14.03
CA ASP C 5 20.11 13.37 -14.34
C ASP C 5 19.54 12.27 -15.24
N GLN C 6 18.30 11.86 -14.95
CA GLN C 6 17.60 10.78 -15.62
C GLN C 6 16.21 11.11 -16.00
N ILE C 7 15.78 10.57 -17.15
CA ILE C 7 14.39 10.53 -17.48
C ILE C 7 14.04 9.10 -17.85
N CYS C 8 12.92 8.61 -17.30
CA CYS C 8 12.46 7.23 -17.53
C CYS C 8 11.09 7.24 -18.16
N ILE C 9 10.80 6.19 -18.89
CA ILE C 9 9.49 5.97 -19.49
C ILE C 9 8.83 4.72 -18.86
N GLY C 10 7.54 4.82 -18.55
CA GLY C 10 6.88 3.79 -17.80
C GLY C 10 5.37 3.94 -17.75
N TYR C 11 4.73 3.09 -16.98
CA TYR C 11 3.27 3.01 -16.98
C TYR C 11 2.69 2.99 -15.56
N HIS C 12 1.38 3.16 -15.51
CA HIS C 12 0.56 3.30 -14.26
C HIS C 12 0.49 1.98 -13.52
N ALA C 13 0.42 2.09 -12.21
CA ALA C 13 0.17 0.95 -11.32
C ALA C 13 -0.86 1.39 -10.30
N ASN C 14 -1.46 0.45 -9.56
CA ASN C 14 -2.35 0.80 -8.46
C ASN C 14 -2.42 -0.40 -7.42
N ASN C 15 -3.42 -0.37 -6.53
CA ASN C 15 -3.58 -1.39 -5.50
CA ASN C 15 -3.66 -1.41 -5.48
C ASN C 15 -4.21 -2.70 -5.99
N SER C 16 -4.80 -2.65 -7.20
CA SER C 16 -5.56 -3.77 -7.78
C SER C 16 -4.90 -5.14 -7.67
N THR C 17 -5.68 -6.10 -7.22
CA THR C 17 -5.29 -7.53 -7.20
C THR C 17 -6.10 -8.34 -8.26
N GLU C 18 -6.81 -7.63 -9.15
CA GLU C 18 -7.61 -8.24 -10.16
C GLU C 18 -6.73 -8.99 -11.14
N GLN C 19 -7.04 -10.25 -11.34
CA GLN C 19 -6.25 -11.11 -12.27
C GLN C 19 -6.99 -11.42 -13.54
N VAL C 20 -6.23 -11.63 -14.63
CA VAL C 20 -6.78 -12.10 -15.85
C VAL C 20 -5.91 -13.18 -16.41
N ASP C 21 -6.42 -13.92 -17.41
CA ASP C 21 -5.65 -14.91 -18.10
C ASP C 21 -5.45 -14.46 -19.55
N THR C 22 -4.29 -14.83 -20.08
CA THR C 22 -3.94 -14.63 -21.47
C THR C 22 -3.85 -16.06 -22.09
N ILE C 23 -3.85 -16.12 -23.42
CA ILE C 23 -3.59 -17.38 -24.16
C ILE C 23 -2.24 -18.00 -23.75
N MET C 24 -1.24 -17.13 -23.47
CA MET C 24 0.17 -17.43 -23.21
C MET C 24 0.58 -17.35 -21.74
N GLU C 25 -0.22 -16.69 -20.90
CA GLU C 25 0.13 -16.38 -19.52
C GLU C 25 -1.06 -16.45 -18.59
N LYS C 26 -0.89 -17.07 -17.44
CA LYS C 26 -1.99 -17.31 -16.52
C LYS C 26 -1.86 -16.41 -15.29
N ASN C 27 -2.97 -15.85 -14.83
CA ASN C 27 -3.02 -15.15 -13.52
C ASN C 27 -2.11 -13.95 -13.53
N VAL C 28 -2.38 -13.08 -14.49
CA VAL C 28 -1.67 -11.86 -14.63
C VAL C 28 -2.43 -10.78 -13.88
N THR C 29 -1.77 -10.16 -12.90
CA THR C 29 -2.44 -9.15 -12.10
C THR C 29 -2.51 -7.88 -12.98
N VAL C 30 -3.61 -7.16 -12.85
CA VAL C 30 -3.93 -6.12 -13.79
C VAL C 30 -4.55 -4.96 -13.06
N THR C 31 -4.42 -3.78 -13.63
CA THR C 31 -4.88 -2.58 -12.97
C THR C 31 -6.43 -2.45 -12.96
N HIS C 32 -7.05 -2.74 -14.08
CA HIS C 32 -8.50 -2.71 -14.15
C HIS C 32 -8.96 -3.85 -15.00
N ALA C 33 -10.19 -4.28 -14.72
CA ALA C 33 -10.75 -5.38 -15.42
C ALA C 33 -12.25 -5.31 -15.46
N GLN C 34 -12.82 -6.06 -16.39
CA GLN C 34 -14.28 -6.11 -16.57
C GLN C 34 -14.70 -7.57 -16.86
N ASP C 35 -15.47 -8.16 -15.95
CA ASP C 35 -16.09 -9.48 -16.12
C ASP C 35 -17.18 -9.33 -17.14
N ILE C 36 -17.17 -10.22 -18.12
CA ILE C 36 -18.18 -10.20 -19.21
C ILE C 36 -19.22 -11.29 -18.96
N LEU C 37 -19.11 -11.95 -17.81
CA LEU C 37 -20.03 -13.01 -17.43
C LEU C 37 -21.03 -12.53 -16.34
N GLU C 38 -22.30 -12.69 -16.60
CA GLU C 38 -23.32 -12.28 -15.63
C GLU C 38 -23.52 -13.46 -14.72
N LYS C 39 -23.33 -13.20 -13.42
CA LYS C 39 -23.42 -14.26 -12.38
C LYS C 39 -24.43 -14.05 -11.30
N THR C 40 -25.11 -12.91 -11.31
CA THR C 40 -26.06 -12.59 -10.25
C THR C 40 -27.51 -12.55 -10.73
N HIS C 41 -28.41 -12.99 -9.85
CA HIS C 41 -29.81 -12.97 -10.12
C HIS C 41 -30.53 -12.43 -8.88
N ASN C 42 -31.83 -12.15 -9.01
CA ASN C 42 -32.53 -11.44 -7.94
C ASN C 42 -33.42 -12.33 -7.06
N GLY C 43 -33.48 -13.60 -7.35
CA GLY C 43 -34.15 -14.54 -6.45
C GLY C 43 -35.68 -14.49 -6.48
N LYS C 44 -36.23 -13.87 -7.51
CA LYS C 44 -37.65 -13.65 -7.63
C LYS C 44 -38.17 -13.98 -9.04
N LEU C 45 -39.48 -14.29 -9.14
CA LEU C 45 -40.15 -14.39 -10.41
C LEU C 45 -40.68 -12.98 -10.75
N CYS C 46 -40.43 -12.54 -11.96
CA CYS C 46 -40.75 -11.21 -12.38
C CYS C 46 -41.62 -11.17 -13.61
N ASN C 47 -42.26 -10.01 -13.82
CA ASN C 47 -42.89 -9.73 -15.10
C ASN C 47 -41.84 -9.87 -16.17
N LEU C 48 -42.21 -10.30 -17.37
CA LEU C 48 -41.25 -10.46 -18.47
C LEU C 48 -41.64 -9.48 -19.56
N ASP C 49 -40.75 -8.53 -19.84
CA ASP C 49 -41.07 -7.39 -20.68
C ASP C 49 -42.41 -6.68 -20.29
N GLY C 50 -42.65 -6.53 -18.98
CA GLY C 50 -43.86 -5.86 -18.51
C GLY C 50 -45.13 -6.70 -18.29
N VAL C 51 -45.12 -7.99 -18.69
CA VAL C 51 -46.34 -8.83 -18.53
C VAL C 51 -46.15 -9.89 -17.45
N LYS C 52 -47.10 -9.95 -16.55
CA LYS C 52 -47.06 -10.84 -15.41
C LYS C 52 -47.02 -12.29 -15.85
N PRO C 53 -46.40 -13.18 -15.04
CA PRO C 53 -46.53 -14.59 -15.36
C PRO C 53 -47.79 -15.12 -14.81
N LEU C 54 -48.28 -16.20 -15.40
CA LEU C 54 -49.37 -16.96 -14.81
C LEU C 54 -48.71 -17.93 -13.83
N ILE C 55 -48.99 -17.73 -12.55
CA ILE C 55 -48.39 -18.52 -11.50
C ILE C 55 -49.43 -19.45 -10.96
N LEU C 56 -49.24 -20.72 -11.24
CA LEU C 56 -50.07 -21.79 -10.66
C LEU C 56 -49.32 -22.40 -9.50
N ARG C 57 -49.88 -22.31 -8.31
CA ARG C 57 -49.19 -22.73 -7.06
C ARG C 57 -48.93 -24.25 -7.08
N ASP C 58 -49.91 -25.05 -6.64
CA ASP C 58 -49.81 -26.51 -6.66
C ASP C 58 -50.92 -27.07 -7.58
N CYS C 59 -50.95 -26.53 -8.78
CA CYS C 59 -52.01 -26.76 -9.74
C CYS C 59 -51.32 -27.13 -11.04
N SER C 60 -51.78 -28.17 -11.69
CA SER C 60 -51.36 -28.41 -13.08
C SER C 60 -52.13 -27.50 -14.04
N VAL C 61 -51.65 -27.40 -15.27
CA VAL C 61 -52.45 -26.67 -16.30
C VAL C 61 -53.74 -27.40 -16.45
N ALA C 62 -53.68 -28.71 -16.43
CA ALA C 62 -54.92 -29.46 -16.67
C ALA C 62 -55.95 -29.10 -15.59
N GLY C 63 -55.56 -29.17 -14.33
CA GLY C 63 -56.53 -28.95 -13.23
C GLY C 63 -56.99 -27.52 -13.18
N TRP C 64 -56.12 -26.61 -13.54
CA TRP C 64 -56.50 -25.20 -13.65
C TRP C 64 -57.56 -24.99 -14.76
N LEU C 65 -57.32 -25.58 -15.96
CA LEU C 65 -58.31 -25.47 -17.05
C LEU C 65 -59.63 -26.10 -16.70
N LEU C 66 -59.63 -27.30 -16.14
CA LEU C 66 -60.88 -27.98 -15.84
C LEU C 66 -61.63 -27.39 -14.69
N GLY C 67 -61.00 -26.48 -13.94
CA GLY C 67 -61.63 -25.82 -12.78
C GLY C 67 -61.58 -26.72 -11.54
N ASN C 68 -60.41 -27.32 -11.31
CA ASN C 68 -60.19 -28.20 -10.14
C ASN C 68 -60.55 -27.53 -8.82
N PRO C 69 -61.37 -28.21 -8.00
CA PRO C 69 -61.86 -27.67 -6.72
C PRO C 69 -60.76 -27.52 -5.66
N MET C 70 -59.78 -28.44 -5.65
CA MET C 70 -58.63 -28.38 -4.73
C MET C 70 -57.59 -27.36 -5.22
N CYS C 71 -57.60 -27.06 -6.51
CA CYS C 71 -56.95 -25.86 -7.01
C CYS C 71 -57.80 -24.68 -6.57
N ASP C 72 -57.59 -23.55 -7.23
CA ASP C 72 -58.49 -22.42 -7.18
C ASP C 72 -58.31 -21.57 -8.47
N GLU C 73 -59.12 -20.53 -8.48
CA GLU C 73 -59.23 -19.61 -9.59
C GLU C 73 -59.35 -18.20 -9.03
N PHE C 74 -58.38 -17.85 -8.20
CA PHE C 74 -58.03 -16.44 -7.96
C PHE C 74 -57.46 -15.92 -9.29
N LEU C 75 -57.01 -16.86 -10.10
CA LEU C 75 -56.26 -16.57 -11.30
C LEU C 75 -57.22 -16.16 -12.42
N ASN C 76 -58.05 -15.15 -12.13
CA ASN C 76 -58.75 -14.40 -13.18
C ASN C 76 -57.73 -13.43 -13.81
N VAL C 77 -56.98 -13.94 -14.79
CA VAL C 77 -55.77 -13.30 -15.30
C VAL C 77 -55.85 -13.23 -16.82
N PRO C 78 -56.17 -12.05 -17.37
CA PRO C 78 -56.45 -11.96 -18.80
C PRO C 78 -55.26 -12.20 -19.77
N GLU C 79 -54.05 -12.30 -19.27
CA GLU C 79 -52.87 -12.17 -20.11
C GLU C 79 -51.64 -12.62 -19.32
N TRP C 80 -50.67 -13.24 -20.00
CA TRP C 80 -49.45 -13.66 -19.31
C TRP C 80 -48.34 -13.99 -20.30
N SER C 81 -47.09 -13.80 -19.89
CA SER C 81 -45.95 -13.97 -20.79
C SER C 81 -45.28 -15.36 -20.69
N TYR C 82 -45.33 -15.97 -19.51
CA TYR C 82 -44.95 -17.35 -19.28
C TYR C 82 -45.74 -17.95 -18.13
N ILE C 83 -45.73 -19.24 -18.00
CA ILE C 83 -46.40 -19.97 -16.87
C ILE C 83 -45.41 -20.53 -15.93
N VAL C 84 -45.69 -20.40 -14.65
CA VAL C 84 -44.88 -21.09 -13.63
C VAL C 84 -45.75 -22.14 -12.89
N GLU C 85 -45.27 -23.36 -12.86
CA GLU C 85 -45.75 -24.41 -11.94
C GLU C 85 -44.66 -24.69 -10.94
N LYS C 86 -45.02 -25.34 -9.84
CA LYS C 86 -44.01 -25.96 -8.95
C LYS C 86 -43.36 -27.15 -9.65
N ILE C 87 -42.23 -27.60 -9.15
CA ILE C 87 -41.54 -28.75 -9.80
C ILE C 87 -42.48 -29.99 -9.89
N ASN C 88 -43.17 -30.32 -8.80
CA ASN C 88 -44.26 -31.32 -8.79
C ASN C 88 -45.52 -30.88 -7.97
N PRO C 89 -46.66 -30.65 -8.64
CA PRO C 89 -47.88 -30.19 -7.94
C PRO C 89 -48.81 -31.36 -7.58
N ALA C 90 -49.68 -31.14 -6.59
CA ALA C 90 -50.56 -32.18 -6.03
C ALA C 90 -51.91 -32.23 -6.76
N ASN C 91 -52.35 -31.09 -7.29
CA ASN C 91 -53.63 -30.99 -8.01
C ASN C 91 -53.51 -31.03 -9.55
N ASP C 92 -53.46 -32.24 -10.10
CA ASP C 92 -53.46 -32.48 -11.54
C ASP C 92 -54.89 -32.87 -11.97
N LEU C 93 -55.24 -34.14 -11.76
CA LEU C 93 -56.55 -34.70 -12.07
C LEU C 93 -57.01 -35.39 -10.78
N CYS C 94 -58.00 -34.81 -10.09
CA CYS C 94 -58.66 -35.49 -8.97
C CYS C 94 -59.14 -36.92 -9.33
N TYR C 95 -59.91 -37.04 -10.41
CA TYR C 95 -60.25 -38.39 -10.98
C TYR C 95 -59.14 -38.85 -11.92
N PRO C 96 -58.64 -40.08 -11.75
CA PRO C 96 -57.50 -40.48 -12.56
C PRO C 96 -57.77 -40.39 -14.06
N GLY C 97 -56.87 -39.77 -14.77
CA GLY C 97 -57.03 -39.71 -16.21
C GLY C 97 -55.89 -39.12 -17.01
N ASN C 98 -56.16 -38.95 -18.29
CA ASN C 98 -55.23 -38.47 -19.29
C ASN C 98 -55.89 -37.25 -19.90
N PHE C 99 -55.08 -36.25 -20.21
CA PHE C 99 -55.42 -35.22 -21.16
C PHE C 99 -54.77 -35.58 -22.49
N ASN C 100 -55.54 -35.57 -23.56
CA ASN C 100 -54.99 -35.83 -24.87
C ASN C 100 -54.20 -34.61 -25.35
N ASP C 101 -53.06 -34.88 -25.99
CA ASP C 101 -52.14 -33.88 -26.51
C ASP C 101 -51.98 -32.80 -25.43
N TYR C 102 -51.71 -33.24 -24.22
CA TYR C 102 -51.51 -32.38 -23.12
C TYR C 102 -50.28 -31.44 -23.30
N GLU C 103 -49.16 -31.95 -23.75
CA GLU C 103 -47.95 -31.10 -23.90
C GLU C 103 -48.12 -30.02 -24.92
N GLU C 104 -48.81 -30.29 -26.02
CA GLU C 104 -49.09 -29.24 -27.01
C GLU C 104 -50.06 -28.21 -26.42
N LEU C 105 -50.96 -28.63 -25.54
CA LEU C 105 -51.87 -27.69 -24.88
C LEU C 105 -51.17 -26.73 -23.96
N LYS C 106 -50.25 -27.28 -23.14
CA LYS C 106 -49.48 -26.49 -22.21
C LYS C 106 -48.64 -25.46 -23.02
N HIS C 107 -48.01 -25.93 -24.09
CA HIS C 107 -47.15 -25.08 -24.86
C HIS C 107 -47.91 -23.94 -25.53
N LEU C 108 -49.09 -24.24 -26.00
CA LEU C 108 -49.96 -23.22 -26.56
C LEU C 108 -50.38 -22.18 -25.54
N LEU C 109 -50.67 -22.62 -24.32
CA LEU C 109 -51.16 -21.75 -23.24
C LEU C 109 -49.99 -21.03 -22.52
N SER C 110 -48.77 -21.34 -22.91
CA SER C 110 -47.60 -20.79 -22.20
C SER C 110 -47.50 -19.27 -22.27
N ARG C 111 -48.05 -18.69 -23.32
CA ARG C 111 -48.07 -17.20 -23.51
C ARG C 111 -49.32 -16.85 -24.21
N ILE C 112 -50.16 -16.07 -23.55
CA ILE C 112 -51.48 -15.71 -24.04
C ILE C 112 -51.66 -14.19 -23.95
N ASN C 113 -52.06 -13.56 -25.08
CA ASN C 113 -52.34 -12.12 -25.16
C ASN C 113 -53.69 -11.76 -24.58
N HIS C 114 -54.70 -12.66 -24.71
CA HIS C 114 -55.99 -12.47 -24.06
C HIS C 114 -56.62 -13.82 -23.76
N PHE C 115 -57.21 -13.91 -22.59
CA PHE C 115 -57.85 -15.13 -22.09
C PHE C 115 -59.07 -14.76 -21.27
N GLU C 116 -60.20 -15.35 -21.57
CA GLU C 116 -61.42 -15.04 -20.91
C GLU C 116 -62.35 -16.25 -20.88
N LYS C 117 -62.65 -16.69 -19.66
CA LYS C 117 -63.61 -17.72 -19.42
C LYS C 117 -65.03 -17.27 -19.74
N ILE C 118 -65.74 -18.05 -20.55
CA ILE C 118 -67.15 -17.76 -20.82
C ILE C 118 -67.92 -19.04 -20.71
N GLN C 119 -69.14 -18.93 -20.23
CA GLN C 119 -70.07 -20.02 -20.15
C GLN C 119 -70.63 -20.32 -21.52
N ILE C 120 -70.52 -21.56 -21.99
CA ILE C 120 -71.02 -21.89 -23.36
C ILE C 120 -72.18 -22.85 -23.30
N ILE C 121 -72.25 -23.69 -22.27
CA ILE C 121 -73.46 -24.52 -22.05
C ILE C 121 -73.81 -24.53 -20.57
N PRO C 122 -74.84 -23.78 -20.17
CA PRO C 122 -75.14 -23.66 -18.74
C PRO C 122 -75.40 -25.05 -18.17
N LYS C 123 -74.99 -25.28 -16.93
CA LYS C 123 -75.26 -26.49 -16.23
C LYS C 123 -76.78 -26.78 -16.18
N SER C 124 -77.57 -25.71 -16.09
CA SER C 124 -79.04 -25.82 -15.94
C SER C 124 -79.74 -26.14 -17.23
N SER C 125 -79.06 -26.11 -18.37
CA SER C 125 -79.75 -26.41 -19.63
C SER C 125 -79.96 -27.88 -19.90
N TRP C 126 -79.48 -28.76 -19.02
CA TRP C 126 -79.70 -30.21 -19.18
C TRP C 126 -81.03 -30.61 -18.57
N SER C 127 -82.05 -30.63 -19.40
CA SER C 127 -83.41 -30.97 -18.92
C SER C 127 -83.63 -32.46 -18.77
N ASP C 128 -83.08 -33.21 -19.74
CA ASP C 128 -83.27 -34.67 -19.90
C ASP C 128 -82.15 -35.54 -19.26
N HIS C 129 -81.16 -34.94 -18.56
CA HIS C 129 -80.02 -35.70 -17.97
C HIS C 129 -79.63 -35.03 -16.69
N GLU C 130 -79.16 -35.83 -15.75
CA GLU C 130 -78.65 -35.34 -14.50
C GLU C 130 -77.26 -34.73 -14.72
N ALA C 131 -77.09 -33.53 -14.16
CA ALA C 131 -75.83 -32.75 -14.25
C ALA C 131 -75.08 -32.75 -12.96
N SER C 132 -75.61 -33.41 -11.96
CA SER C 132 -75.13 -33.29 -10.57
C SER C 132 -73.92 -34.22 -10.29
N GLY C 133 -73.32 -34.77 -11.35
CA GLY C 133 -72.36 -35.84 -11.17
C GLY C 133 -71.12 -35.35 -10.41
N VAL C 134 -70.65 -36.21 -9.51
CA VAL C 134 -69.68 -35.85 -8.46
C VAL C 134 -68.91 -37.11 -7.97
N SER C 135 -67.72 -36.93 -7.41
CA SER C 135 -66.91 -38.07 -6.92
C SER C 135 -66.25 -37.70 -5.59
N SER C 136 -65.85 -38.71 -4.81
CA SER C 136 -65.13 -38.48 -3.53
C SER C 136 -63.66 -38.00 -3.72
N VAL C 137 -63.44 -36.67 -3.71
CA VAL C 137 -62.10 -36.11 -3.96
C VAL C 137 -61.93 -34.65 -3.43
N CYS C 138 -62.39 -33.67 -4.21
CA CYS C 138 -61.95 -32.29 -4.04
C CYS C 138 -63.14 -31.33 -4.07
N SER C 145 -67.57 -33.32 -4.70
CA SER C 145 -67.69 -32.35 -5.80
C SER C 145 -67.01 -32.79 -7.14
N PHE C 146 -66.80 -31.78 -7.97
CA PHE C 146 -66.22 -31.99 -9.28
C PHE C 146 -65.59 -30.66 -9.78
N PHE C 147 -64.80 -30.78 -10.85
CA PHE C 147 -64.43 -29.68 -11.77
C PHE C 147 -65.60 -28.72 -12.05
N ARG C 148 -65.34 -27.42 -12.06
CA ARG C 148 -66.37 -26.42 -12.28
C ARG C 148 -66.60 -26.03 -13.75
N ASN C 149 -65.64 -26.31 -14.64
CA ASN C 149 -65.78 -25.95 -16.06
C ASN C 149 -66.30 -27.00 -16.94
N VAL C 150 -66.70 -28.11 -16.33
CA VAL C 150 -67.00 -29.33 -17.06
C VAL C 150 -68.05 -30.12 -16.24
N VAL C 151 -69.04 -30.73 -16.91
CA VAL C 151 -70.15 -31.38 -16.20
C VAL C 151 -70.21 -32.85 -16.51
N TRP C 152 -70.41 -33.63 -15.48
CA TRP C 152 -70.56 -35.08 -15.61
C TRP C 152 -72.03 -35.38 -15.81
N LEU C 153 -72.41 -35.77 -17.03
CA LEU C 153 -73.78 -36.11 -17.28
C LEU C 153 -74.09 -37.56 -16.89
N THR C 154 -75.25 -37.82 -16.31
CA THR C 154 -75.69 -39.17 -16.01
C THR C 154 -77.20 -39.30 -16.28
N LYS C 155 -77.69 -40.53 -16.28
CA LYS C 155 -79.06 -40.82 -16.69
C LYS C 155 -80.04 -40.14 -15.78
N LYS C 156 -81.21 -39.83 -16.29
CA LYS C 156 -82.27 -39.22 -15.51
C LYS C 156 -83.51 -40.08 -15.72
N ASP C 157 -84.31 -40.21 -14.69
CA ASP C 157 -85.23 -41.30 -14.53
C ASP C 157 -84.33 -42.50 -14.68
N ASN C 158 -84.66 -43.41 -15.60
CA ASN C 158 -83.73 -44.47 -15.86
C ASN C 158 -83.33 -44.47 -17.36
N ALA C 159 -82.92 -43.32 -17.86
CA ALA C 159 -82.71 -43.17 -19.31
C ALA C 159 -81.65 -42.10 -19.67
N TYR C 160 -81.06 -42.23 -20.84
CA TYR C 160 -80.07 -41.30 -21.31
C TYR C 160 -80.33 -41.10 -22.80
N PRO C 161 -81.20 -40.13 -23.12
CA PRO C 161 -81.52 -39.85 -24.49
C PRO C 161 -80.29 -39.32 -25.17
N THR C 162 -80.16 -39.58 -26.47
CA THR C 162 -79.06 -39.00 -27.25
C THR C 162 -79.02 -37.50 -26.99
N ILE C 163 -77.83 -36.99 -26.64
CA ILE C 163 -77.54 -35.51 -26.56
C ILE C 163 -77.14 -35.04 -27.93
N LYS C 164 -77.70 -33.91 -28.37
CA LYS C 164 -77.35 -33.31 -29.68
C LYS C 164 -77.26 -31.84 -29.45
N ARG C 165 -76.03 -31.34 -29.38
CA ARG C 165 -75.76 -29.98 -29.00
C ARG C 165 -74.77 -29.33 -29.91
N SER C 166 -75.03 -28.10 -30.31
CA SER C 166 -74.08 -27.31 -31.05
C SER C 166 -73.91 -25.95 -30.46
N TYR C 167 -72.73 -25.42 -30.70
CA TYR C 167 -72.35 -24.14 -30.24
C TYR C 167 -71.60 -23.47 -31.33
N ASN C 168 -72.14 -22.34 -31.78
CA ASN C 168 -71.51 -21.51 -32.78
C ASN C 168 -70.70 -20.50 -32.08
N ASN C 169 -69.42 -20.44 -32.37
CA ASN C 169 -68.54 -19.43 -31.75
C ASN C 169 -68.86 -18.01 -32.36
N THR C 170 -69.82 -17.31 -31.77
CA THR C 170 -70.21 -15.97 -32.24
C THR C 170 -69.23 -14.89 -31.80
N ASN C 171 -68.30 -15.23 -30.91
CA ASN C 171 -67.28 -14.31 -30.49
C ASN C 171 -66.32 -14.02 -31.62
N GLN C 172 -65.67 -12.89 -31.61
CA GLN C 172 -64.77 -12.65 -32.72
C GLN C 172 -63.36 -13.25 -32.44
N GLU C 173 -63.24 -13.88 -31.27
CA GLU C 173 -62.05 -14.52 -30.82
C GLU C 173 -62.16 -16.07 -31.03
N ASP C 174 -61.05 -16.76 -31.15
CA ASP C 174 -61.01 -18.20 -31.09
C ASP C 174 -61.27 -18.72 -29.71
N LEU C 175 -61.86 -19.93 -29.65
CA LEU C 175 -62.37 -20.53 -28.41
C LEU C 175 -61.67 -21.83 -28.10
N LEU C 176 -61.07 -21.93 -26.92
CA LEU C 176 -60.53 -23.25 -26.43
C LEU C 176 -61.66 -23.99 -25.72
N VAL C 177 -62.14 -25.08 -26.34
CA VAL C 177 -63.13 -25.97 -25.78
C VAL C 177 -62.54 -27.31 -25.29
N LEU C 178 -63.04 -27.75 -24.16
CA LEU C 178 -62.60 -28.96 -23.46
C LEU C 178 -63.79 -29.90 -23.29
N TRP C 179 -63.57 -31.17 -23.44
CA TRP C 179 -64.55 -32.16 -23.09
C TRP C 179 -63.80 -33.43 -22.81
N GLY C 180 -64.51 -34.37 -22.20
CA GLY C 180 -63.95 -35.67 -21.95
C GLY C 180 -64.94 -36.79 -22.02
N ILE C 181 -64.43 -38.00 -21.82
CA ILE C 181 -65.24 -39.16 -21.79
C ILE C 181 -64.92 -39.88 -20.49
N HIS C 182 -65.84 -40.66 -20.00
CA HIS C 182 -65.61 -41.58 -18.86
C HIS C 182 -65.51 -43.02 -19.28
N HIS C 183 -64.41 -43.62 -18.99
CA HIS C 183 -64.20 -45.05 -19.18
C HIS C 183 -64.53 -45.81 -17.88
N PRO C 184 -65.70 -46.38 -17.80
CA PRO C 184 -66.03 -47.24 -16.68
C PRO C 184 -65.22 -48.47 -16.52
N ASN C 185 -65.36 -49.05 -15.32
CA ASN C 185 -64.69 -50.30 -14.93
C ASN C 185 -65.41 -51.55 -15.42
N ASP C 186 -66.75 -51.51 -15.60
CA ASP C 186 -67.50 -52.68 -16.08
C ASP C 186 -68.91 -52.35 -16.54
N ALA C 187 -69.60 -53.30 -17.14
CA ALA C 187 -70.89 -53.06 -17.72
C ALA C 187 -71.91 -52.62 -16.71
N ALA C 188 -71.74 -53.07 -15.47
CA ALA C 188 -72.72 -52.75 -14.39
C ALA C 188 -72.63 -51.26 -14.00
N GLU C 189 -71.44 -50.78 -13.80
CA GLU C 189 -71.19 -49.31 -13.72
C GLU C 189 -71.70 -48.55 -14.96
N GLN C 190 -71.41 -49.06 -16.13
CA GLN C 190 -71.80 -48.36 -17.40
C GLN C 190 -73.31 -48.06 -17.43
N THR C 191 -74.17 -49.09 -17.19
CA THR C 191 -75.59 -48.92 -17.28
C THR C 191 -76.17 -48.23 -15.97
N ARG C 192 -75.52 -48.45 -14.84
CA ARG C 192 -75.88 -47.77 -13.59
C ARG C 192 -75.75 -46.29 -13.80
N LEU C 193 -74.64 -45.84 -14.41
CA LEU C 193 -74.45 -44.43 -14.69
C LEU C 193 -75.18 -43.84 -15.96
N TYR C 194 -75.25 -44.62 -17.04
CA TYR C 194 -75.69 -44.09 -18.34
C TYR C 194 -76.82 -44.85 -19.02
N GLN C 195 -77.37 -45.88 -18.34
CA GLN C 195 -78.33 -46.84 -18.91
C GLN C 195 -77.90 -47.62 -20.13
N ASN C 196 -77.43 -46.91 -21.18
CA ASN C 196 -77.23 -47.55 -22.47
C ASN C 196 -75.94 -48.33 -22.38
N PRO C 197 -75.99 -49.63 -22.68
CA PRO C 197 -74.74 -50.41 -22.56
C PRO C 197 -73.73 -50.08 -23.61
N THR C 198 -74.21 -49.76 -24.80
CA THR C 198 -73.36 -49.41 -25.96
C THR C 198 -73.48 -47.95 -26.33
N THR C 199 -72.35 -47.29 -26.40
CA THR C 199 -72.31 -45.83 -26.26
C THR C 199 -71.20 -45.15 -27.06
N TYR C 200 -71.43 -43.90 -27.47
CA TYR C 200 -70.44 -43.15 -28.28
C TYR C 200 -70.50 -41.62 -27.94
N ILE C 201 -69.42 -40.93 -28.26
CA ILE C 201 -69.39 -39.51 -28.30
C ILE C 201 -68.84 -39.08 -29.66
N SER C 202 -69.53 -38.18 -30.34
CA SER C 202 -69.08 -37.68 -31.62
C SER C 202 -68.89 -36.19 -31.45
N VAL C 203 -67.79 -35.66 -31.95
CA VAL C 203 -67.50 -34.24 -31.85
C VAL C 203 -67.03 -33.75 -33.24
N GLY C 204 -67.60 -32.64 -33.66
CA GLY C 204 -67.47 -32.17 -35.04
C GLY C 204 -67.26 -30.66 -35.12
N THR C 205 -66.39 -30.28 -36.01
CA THR C 205 -65.98 -28.89 -36.15
C THR C 205 -65.75 -28.76 -37.68
N SER C 206 -65.24 -27.64 -38.16
CA SER C 206 -64.95 -27.53 -39.57
C SER C 206 -63.70 -28.36 -39.81
N THR C 207 -62.98 -28.61 -38.75
CA THR C 207 -61.63 -29.31 -38.75
C THR C 207 -61.65 -30.68 -38.03
N LEU C 208 -62.33 -30.77 -36.92
CA LEU C 208 -62.36 -31.94 -36.12
C LEU C 208 -63.56 -32.84 -36.54
N ASN C 209 -63.28 -34.14 -36.56
CA ASN C 209 -64.23 -35.22 -36.87
C ASN C 209 -63.95 -36.44 -35.95
N GLN C 210 -64.40 -36.33 -34.71
CA GLN C 210 -64.00 -37.24 -33.65
C GLN C 210 -65.12 -38.22 -33.30
N ARG C 211 -64.69 -39.43 -32.97
CA ARG C 211 -65.59 -40.46 -32.50
C ARG C 211 -64.87 -41.15 -31.34
N LEU C 212 -65.49 -41.15 -30.18
CA LEU C 212 -64.95 -41.78 -28.99
C LEU C 212 -65.97 -42.83 -28.53
N VAL C 213 -65.46 -44.03 -28.24
CA VAL C 213 -66.20 -45.14 -27.71
C VAL C 213 -65.51 -45.49 -26.39
N PRO C 214 -66.26 -45.57 -25.32
CA PRO C 214 -65.59 -45.76 -24.03
C PRO C 214 -64.96 -47.14 -23.94
N LYS C 215 -63.80 -47.24 -23.33
CA LYS C 215 -63.14 -48.57 -23.07
C LYS C 215 -63.45 -49.11 -21.70
N ILE C 216 -64.29 -50.10 -21.65
CA ILE C 216 -64.80 -50.71 -20.42
C ILE C 216 -63.98 -51.91 -20.08
N ALA C 217 -63.12 -51.77 -19.11
CA ALA C 217 -62.19 -52.81 -18.72
C ALA C 217 -61.77 -52.75 -17.25
N THR C 218 -61.40 -53.92 -16.69
CA THR C 218 -60.76 -54.04 -15.33
C THR C 218 -59.39 -53.39 -15.24
N ARG C 219 -59.20 -52.57 -14.18
CA ARG C 219 -58.06 -51.65 -14.09
C ARG C 219 -57.58 -51.41 -12.68
N SER C 220 -56.37 -50.91 -12.57
CA SER C 220 -55.75 -50.55 -11.29
C SER C 220 -56.57 -49.42 -10.64
N LYS C 221 -56.97 -49.61 -9.37
CA LYS C 221 -57.48 -48.53 -8.60
C LYS C 221 -56.43 -47.47 -8.38
N VAL C 222 -56.73 -46.23 -8.76
CA VAL C 222 -55.83 -45.09 -8.59
C VAL C 222 -56.63 -44.02 -7.81
N ASN C 223 -56.15 -43.68 -6.59
CA ASN C 223 -56.94 -42.92 -5.61
C ASN C 223 -58.27 -43.60 -5.33
N GLY C 224 -58.27 -44.93 -5.29
CA GLY C 224 -59.52 -45.67 -5.06
C GLY C 224 -60.41 -45.85 -6.29
N GLN C 225 -60.02 -45.28 -7.45
CA GLN C 225 -60.85 -45.27 -8.65
C GLN C 225 -60.33 -46.21 -9.74
N SER C 226 -61.19 -47.09 -10.25
CA SER C 226 -60.82 -47.93 -11.36
C SER C 226 -61.26 -47.41 -12.76
N GLY C 227 -62.25 -46.52 -12.79
CA GLY C 227 -62.67 -45.82 -13.97
C GLY C 227 -61.64 -44.80 -14.36
N ARG C 228 -61.75 -44.25 -15.58
CA ARG C 228 -60.82 -43.22 -16.03
C ARG C 228 -61.58 -42.17 -16.68
N MET C 229 -61.02 -40.95 -16.70
CA MET C 229 -61.58 -39.86 -17.52
C MET C 229 -60.50 -39.38 -18.48
N GLU C 230 -60.87 -39.18 -19.72
CA GLU C 230 -59.93 -38.75 -20.69
C GLU C 230 -60.47 -37.42 -21.23
N PHE C 231 -59.63 -36.40 -21.22
CA PHE C 231 -60.02 -35.13 -21.75
C PHE C 231 -59.38 -34.82 -23.11
N PHE C 232 -60.08 -33.99 -23.86
CA PHE C 232 -59.74 -33.60 -25.19
C PHE C 232 -60.03 -32.15 -25.34
N TRP C 233 -59.43 -31.52 -26.36
CA TRP C 233 -59.64 -30.12 -26.64
C TRP C 233 -59.54 -29.80 -28.17
N THR C 234 -60.08 -28.62 -28.56
CA THR C 234 -59.64 -27.96 -29.81
C THR C 234 -59.71 -26.47 -29.65
N ILE C 235 -59.33 -25.80 -30.73
CA ILE C 235 -59.63 -24.41 -30.91
C ILE C 235 -60.76 -24.33 -31.92
N LEU C 236 -61.90 -23.84 -31.45
CA LEU C 236 -62.99 -23.50 -32.31
C LEU C 236 -62.76 -22.10 -32.83
N LYS C 237 -62.54 -22.01 -34.11
CA LYS C 237 -62.38 -20.71 -34.81
C LYS C 237 -63.56 -19.76 -34.67
N SER C 238 -63.29 -18.49 -35.00
CA SER C 238 -64.26 -17.42 -34.81
C SER C 238 -65.67 -17.75 -35.31
N ASN C 239 -65.89 -18.02 -36.58
CA ASN C 239 -67.39 -18.21 -36.97
C ASN C 239 -67.76 -19.69 -37.13
N ASP C 240 -67.00 -20.58 -36.48
CA ASP C 240 -67.17 -22.04 -36.68
C ASP C 240 -68.09 -22.56 -35.52
N ALA C 241 -68.68 -23.72 -35.75
CA ALA C 241 -69.52 -24.37 -34.72
C ALA C 241 -68.85 -25.69 -34.31
N ILE C 242 -69.07 -26.07 -33.09
CA ILE C 242 -68.77 -27.39 -32.59
C ILE C 242 -70.07 -28.18 -32.32
N ASN C 243 -70.10 -29.44 -32.70
CA ASN C 243 -71.28 -30.29 -32.58
C ASN C 243 -70.99 -31.53 -31.74
N PHE C 244 -71.82 -31.75 -30.74
CA PHE C 244 -71.66 -32.84 -29.80
C PHE C 244 -72.85 -33.72 -29.91
N GLU C 245 -72.58 -35.00 -30.02
CA GLU C 245 -73.64 -36.00 -30.03
C GLU C 245 -73.13 -37.16 -29.18
N SER C 246 -73.92 -37.55 -28.20
CA SER C 246 -73.55 -38.63 -27.29
C SER C 246 -74.76 -39.26 -26.63
N ASN C 247 -74.66 -40.56 -26.39
CA ASN C 247 -75.62 -41.31 -25.64
C ASN C 247 -75.06 -41.88 -24.35
N GLY C 248 -73.96 -41.38 -23.91
CA GLY C 248 -73.38 -41.75 -22.63
C GLY C 248 -71.91 -41.46 -22.49
N ASN C 249 -71.44 -41.48 -21.24
CA ASN C 249 -70.04 -41.32 -20.90
C ASN C 249 -69.44 -39.93 -21.23
N PHE C 250 -70.29 -38.98 -21.51
CA PHE C 250 -69.85 -37.68 -22.03
C PHE C 250 -69.72 -36.77 -20.82
N ILE C 251 -68.54 -36.18 -20.75
CA ILE C 251 -68.24 -35.12 -19.81
C ILE C 251 -68.22 -33.81 -20.59
N ALA C 252 -69.28 -32.99 -20.37
CA ALA C 252 -69.54 -31.93 -21.29
C ALA C 252 -68.85 -30.68 -20.92
N PRO C 253 -68.59 -29.84 -21.90
CA PRO C 253 -68.20 -28.46 -21.57
C PRO C 253 -69.32 -27.72 -20.85
N GLU C 254 -68.96 -26.94 -19.86
CA GLU C 254 -69.83 -25.91 -19.36
C GLU C 254 -69.21 -24.58 -19.82
N ASN C 255 -67.94 -24.33 -19.46
CA ASN C 255 -67.25 -23.12 -19.81
C ASN C 255 -66.14 -23.42 -20.80
N ALA C 256 -65.90 -22.45 -21.70
CA ALA C 256 -64.78 -22.48 -22.60
C ALA C 256 -64.04 -21.17 -22.42
N TYR C 257 -63.00 -20.95 -23.21
CA TYR C 257 -62.09 -19.82 -23.03
C TYR C 257 -61.81 -19.08 -24.32
N LYS C 258 -62.13 -17.80 -24.37
CA LYS C 258 -61.75 -16.98 -25.50
C LYS C 258 -60.23 -16.88 -25.36
N ILE C 259 -59.51 -17.07 -26.45
CA ILE C 259 -58.07 -17.08 -26.46
C ILE C 259 -57.57 -16.22 -27.63
N VAL C 260 -56.66 -15.32 -27.35
CA VAL C 260 -55.79 -14.75 -28.39
C VAL C 260 -54.31 -15.13 -28.14
N LYS C 261 -53.65 -15.62 -29.15
CA LYS C 261 -52.34 -16.22 -29.11
C LYS C 261 -51.51 -15.57 -30.16
N LYS C 262 -50.48 -14.85 -29.71
CA LYS C 262 -49.40 -14.44 -30.53
C LYS C 262 -48.10 -14.82 -29.83
N GLY C 263 -47.43 -15.82 -30.37
CA GLY C 263 -46.17 -16.28 -29.81
C GLY C 263 -46.20 -17.17 -28.56
N ASP C 264 -45.04 -17.76 -28.31
CA ASP C 264 -44.88 -18.79 -27.32
C ASP C 264 -43.83 -18.45 -26.31
N SER C 265 -43.90 -19.14 -25.17
CA SER C 265 -42.88 -19.13 -24.24
C SER C 265 -42.84 -20.55 -23.78
N THR C 266 -42.87 -20.83 -22.47
CA THR C 266 -42.85 -22.17 -21.99
C THR C 266 -43.33 -22.21 -20.59
N ILE C 267 -43.30 -23.38 -20.00
CA ILE C 267 -43.70 -23.59 -18.64
C ILE C 267 -42.43 -23.65 -17.83
N MET C 268 -42.33 -22.77 -16.86
CA MET C 268 -41.18 -22.78 -16.01
C MET C 268 -41.52 -23.52 -14.74
N LYS C 269 -40.55 -24.29 -14.23
CA LYS C 269 -40.67 -24.91 -12.93
C LYS C 269 -39.76 -24.18 -11.94
N SER C 270 -40.36 -23.61 -10.91
CA SER C 270 -39.70 -22.74 -10.00
C SER C 270 -40.44 -22.84 -8.68
N GLU C 271 -39.65 -22.86 -7.61
CA GLU C 271 -40.17 -22.87 -6.26
C GLU C 271 -40.26 -21.46 -5.74
N LEU C 272 -39.77 -20.53 -6.55
CA LEU C 272 -39.77 -19.12 -6.17
C LEU C 272 -41.22 -18.62 -6.12
N GLU C 273 -41.36 -17.35 -5.78
CA GLU C 273 -42.61 -16.69 -6.08
C GLU C 273 -42.34 -15.26 -6.60
N TYR C 274 -43.44 -14.55 -6.80
CA TYR C 274 -43.48 -13.35 -7.55
C TYR C 274 -42.95 -12.22 -6.74
N GLY C 275 -41.91 -11.57 -7.24
CA GLY C 275 -41.51 -10.23 -6.78
C GLY C 275 -42.25 -9.18 -7.59
N ASN C 276 -42.08 -7.90 -7.28
CA ASN C 276 -42.76 -6.85 -8.06
C ASN C 276 -41.78 -6.23 -9.01
N CYS C 277 -41.28 -7.05 -9.88
CA CYS C 277 -40.09 -6.71 -10.68
C CYS C 277 -40.41 -6.93 -12.14
N ASN C 278 -39.58 -6.35 -13.00
CA ASN C 278 -39.68 -6.45 -14.44
C ASN C 278 -38.26 -6.91 -14.97
N THR C 279 -38.20 -7.80 -15.92
CA THR C 279 -36.95 -8.24 -16.55
C THR C 279 -37.11 -8.41 -18.00
N LYS C 280 -36.00 -8.52 -18.66
CA LYS C 280 -35.98 -9.03 -20.05
C LYS C 280 -35.62 -10.52 -20.10
N CYS C 281 -35.17 -11.07 -18.99
CA CYS C 281 -34.73 -12.45 -18.90
C CYS C 281 -35.05 -13.06 -17.52
N GLN C 282 -35.86 -14.11 -17.48
CA GLN C 282 -36.21 -14.80 -16.29
C GLN C 282 -35.56 -16.20 -16.31
N THR C 283 -35.16 -16.66 -15.13
CA THR C 283 -34.56 -17.99 -14.90
C THR C 283 -35.39 -18.59 -13.75
N PRO C 284 -35.34 -19.92 -13.59
CA PRO C 284 -36.15 -20.56 -12.54
C PRO C 284 -35.59 -20.40 -11.11
N ILE C 285 -34.38 -19.86 -11.01
CA ILE C 285 -33.71 -19.49 -9.73
C ILE C 285 -33.60 -17.97 -9.58
N GLY C 286 -34.21 -17.18 -10.47
CA GLY C 286 -34.26 -15.70 -10.31
C GLY C 286 -34.16 -14.99 -11.67
N ALA C 287 -34.49 -13.71 -11.70
CA ALA C 287 -34.36 -12.93 -12.88
C ALA C 287 -32.94 -12.35 -13.04
N ILE C 288 -32.61 -11.98 -14.29
CA ILE C 288 -31.25 -11.57 -14.69
C ILE C 288 -31.29 -10.28 -15.44
N ASN C 289 -30.24 -9.47 -15.32
CA ASN C 289 -30.00 -8.37 -16.29
C ASN C 289 -29.59 -9.05 -17.65
N SER C 290 -29.99 -8.49 -18.79
CA SER C 290 -29.40 -8.89 -20.03
C SER C 290 -28.38 -7.89 -20.69
N SER C 291 -27.51 -7.28 -19.90
CA SER C 291 -26.45 -6.39 -20.41
C SER C 291 -25.19 -7.13 -20.88
N MET C 292 -24.72 -8.13 -20.12
CA MET C 292 -23.58 -8.94 -20.53
C MET C 292 -23.93 -9.96 -21.58
N PRO C 293 -22.95 -10.40 -22.37
CA PRO C 293 -23.25 -11.33 -23.43
C PRO C 293 -23.33 -12.77 -22.99
N PHE C 294 -22.86 -13.06 -21.80
CA PHE C 294 -22.81 -14.38 -21.28
C PHE C 294 -23.24 -14.47 -19.84
N HIS C 295 -23.86 -15.62 -19.44
CA HIS C 295 -24.24 -15.86 -18.09
C HIS C 295 -24.00 -17.28 -17.72
N ASN C 296 -24.03 -17.56 -16.41
CA ASN C 296 -23.89 -18.97 -15.92
C ASN C 296 -24.96 -19.36 -14.86
N ILE C 297 -26.08 -18.68 -14.89
CA ILE C 297 -27.14 -18.85 -13.87
C ILE C 297 -27.84 -20.20 -13.99
N HIS C 298 -28.46 -20.47 -15.13
CA HIS C 298 -29.30 -21.60 -15.30
C HIS C 298 -29.58 -21.72 -16.77
N PRO C 299 -29.71 -22.95 -17.29
CA PRO C 299 -29.96 -23.11 -18.74
C PRO C 299 -31.39 -22.81 -19.20
N LEU C 300 -32.38 -22.99 -18.32
CA LEU C 300 -33.80 -22.88 -18.69
C LEU C 300 -34.29 -21.46 -18.56
N THR C 301 -33.84 -20.58 -19.45
CA THR C 301 -34.20 -19.18 -19.33
C THR C 301 -35.33 -18.80 -20.28
N ILE C 302 -36.09 -17.77 -19.92
CA ILE C 302 -37.12 -17.24 -20.82
C ILE C 302 -36.92 -15.77 -21.00
N GLY C 303 -36.95 -15.33 -22.26
CA GLY C 303 -36.76 -13.89 -22.59
C GLY C 303 -35.65 -13.68 -23.60
N GLU C 304 -35.12 -12.48 -23.63
CA GLU C 304 -33.98 -12.10 -24.48
C GLU C 304 -32.77 -12.22 -23.56
N CYS C 305 -32.13 -13.37 -23.62
CA CYS C 305 -31.15 -13.71 -22.61
C CYS C 305 -29.71 -13.72 -23.11
N PRO C 306 -28.75 -13.50 -22.21
CA PRO C 306 -27.37 -13.70 -22.56
C PRO C 306 -27.17 -15.19 -22.83
N LYS C 307 -26.10 -15.54 -23.51
CA LYS C 307 -25.81 -16.94 -23.79
C LYS C 307 -25.33 -17.71 -22.56
N TYR C 308 -25.99 -18.82 -22.27
CA TYR C 308 -25.62 -19.69 -21.18
C TYR C 308 -24.23 -20.28 -21.45
N VAL C 309 -23.40 -20.30 -20.39
CA VAL C 309 -22.00 -20.70 -20.51
C VAL C 309 -21.56 -21.42 -19.25
N LYS C 310 -20.63 -22.34 -19.38
CA LYS C 310 -20.20 -23.11 -18.21
C LYS C 310 -19.17 -22.36 -17.41
N SER C 311 -18.62 -21.24 -17.88
CA SER C 311 -17.58 -20.58 -17.06
C SER C 311 -17.95 -20.03 -15.68
N ASN C 312 -16.95 -19.91 -14.85
CA ASN C 312 -17.03 -19.19 -13.58
C ASN C 312 -16.68 -17.76 -13.74
N ARG C 313 -16.01 -17.46 -14.84
CA ARG C 313 -15.16 -16.30 -14.97
C ARG C 313 -14.90 -15.98 -16.42
N LEU C 314 -15.18 -14.75 -16.83
CA LEU C 314 -14.80 -14.25 -18.13
C LEU C 314 -14.33 -12.80 -18.00
N VAL C 315 -13.06 -12.64 -17.68
CA VAL C 315 -12.51 -11.33 -17.26
C VAL C 315 -11.60 -10.73 -18.35
N LEU C 316 -12.03 -9.60 -18.86
CA LEU C 316 -11.28 -8.86 -19.89
C LEU C 316 -10.35 -7.86 -19.18
N ALA C 317 -9.06 -7.97 -19.47
CA ALA C 317 -8.12 -6.95 -19.05
C ALA C 317 -8.49 -5.67 -19.69
N THR C 318 -8.63 -4.62 -18.89
CA THR C 318 -8.81 -3.24 -19.40
C THR C 318 -7.52 -2.43 -19.17
N GLY C 319 -7.09 -2.35 -17.93
CA GLY C 319 -5.90 -1.61 -17.58
C GLY C 319 -4.62 -2.38 -17.86
N LEU C 320 -3.55 -2.04 -17.11
CA LEU C 320 -2.19 -2.52 -17.41
C LEU C 320 -1.76 -3.62 -16.46
N ARG C 321 -0.65 -4.28 -16.76
CA ARG C 321 -0.05 -5.19 -15.83
C ARG C 321 0.25 -4.42 -14.60
N ASN C 322 -0.02 -5.03 -13.46
CA ASN C 322 0.30 -4.46 -12.15
C ASN C 322 1.41 -5.31 -11.56
N SER C 323 2.54 -5.31 -12.23
CA SER C 323 3.79 -5.84 -11.63
C SER C 323 4.44 -4.66 -10.88
N PRO C 324 4.88 -4.87 -9.63
CA PRO C 324 4.66 -3.78 -8.66
C PRO C 324 3.73 -2.67 -9.19
N ILE D 10 11.89 -2.12 -19.31
CA ILE D 10 11.08 -1.21 -18.46
C ILE D 10 10.45 -2.02 -17.41
N GLU D 11 11.27 -2.45 -16.45
CA GLU D 11 11.01 -3.55 -15.50
C GLU D 11 10.04 -3.23 -14.31
N GLY D 12 8.81 -2.86 -14.65
CA GLY D 12 7.70 -2.77 -13.70
C GLY D 12 6.92 -1.47 -13.91
N GLY D 13 5.86 -1.30 -13.11
CA GLY D 13 4.99 -0.16 -13.22
C GLY D 13 5.31 0.91 -12.20
N TRP D 14 4.43 1.90 -12.10
CA TRP D 14 4.62 3.05 -11.21
C TRP D 14 3.34 3.48 -10.48
N GLN D 15 3.29 3.21 -9.18
CA GLN D 15 2.21 3.76 -8.33
C GLN D 15 2.01 5.28 -8.47
N GLY D 16 3.13 6.00 -8.61
CA GLY D 16 3.11 7.46 -8.48
C GLY D 16 2.54 8.17 -9.66
N MET D 17 2.42 7.45 -10.77
CA MET D 17 1.84 8.01 -11.97
C MET D 17 0.30 7.94 -11.93
N VAL D 18 -0.30 8.81 -11.11
CA VAL D 18 -1.74 8.63 -10.81
C VAL D 18 -2.70 9.20 -11.85
N ASP D 19 -2.18 10.02 -12.76
CA ASP D 19 -3.01 10.88 -13.59
C ASP D 19 -3.14 10.33 -15.05
N GLY D 20 -2.55 9.17 -15.31
CA GLY D 20 -2.47 8.67 -16.66
C GLY D 20 -1.95 7.25 -16.72
N TRP D 21 -1.94 6.69 -17.92
CA TRP D 21 -1.64 5.28 -18.10
C TRP D 21 -0.19 5.06 -18.44
N TYR D 22 0.32 5.94 -19.30
CA TYR D 22 1.69 5.94 -19.69
C TYR D 22 2.31 7.32 -19.43
N GLY D 23 3.62 7.34 -19.19
CA GLY D 23 4.25 8.56 -18.89
C GLY D 23 5.71 8.47 -18.54
N TYR D 24 6.14 9.43 -17.77
CA TYR D 24 7.56 9.72 -17.54
C TYR D 24 7.83 9.95 -16.08
N HIS D 25 9.00 9.53 -15.64
CA HIS D 25 9.51 9.85 -14.35
C HIS D 25 10.81 10.55 -14.65
N HIS D 26 11.07 11.67 -14.00
CA HIS D 26 12.34 12.34 -14.17
C HIS D 26 13.04 12.51 -12.81
N SER D 27 14.37 12.55 -12.85
CA SER D 27 15.17 12.77 -11.67
C SER D 27 16.28 13.73 -12.07
N ASN D 28 16.29 14.90 -11.43
CA ASN D 28 17.33 15.87 -11.65
C ASN D 28 17.75 16.51 -10.31
N GLU D 29 18.55 17.58 -10.36
CA GLU D 29 19.03 18.29 -9.13
C GLU D 29 17.88 18.96 -8.37
N GLN D 30 16.91 19.48 -9.12
CA GLN D 30 15.72 20.11 -8.55
C GLN D 30 14.71 19.11 -7.93
N GLY D 31 14.88 17.82 -8.16
CA GLY D 31 13.96 16.79 -7.59
C GLY D 31 13.53 15.73 -8.59
N SER D 32 12.41 15.07 -8.28
CA SER D 32 11.97 13.98 -9.07
C SER D 32 10.46 13.76 -8.96
N GLY D 33 9.88 13.21 -10.00
CA GLY D 33 8.43 12.97 -10.01
C GLY D 33 7.89 12.44 -11.31
N TYR D 34 6.59 12.15 -11.34
CA TYR D 34 5.96 11.50 -12.45
C TYR D 34 5.11 12.50 -13.22
N ALA D 35 5.11 12.33 -14.55
CA ALA D 35 4.22 13.09 -15.43
C ALA D 35 3.65 12.13 -16.46
N ALA D 36 2.34 12.14 -16.65
CA ALA D 36 1.67 11.26 -17.64
C ALA D 36 1.61 11.88 -18.99
N ASP D 37 1.74 11.05 -20.05
CA ASP D 37 1.39 11.46 -21.41
C ASP D 37 -0.12 11.29 -21.59
N LYS D 38 -0.87 12.37 -21.47
CA LYS D 38 -2.34 12.33 -21.56
C LYS D 38 -2.82 12.03 -23.00
N GLU D 39 -1.98 12.32 -24.00
CA GLU D 39 -2.36 12.00 -25.37
C GLU D 39 -2.54 10.47 -25.57
N SER D 40 -1.44 9.75 -25.44
CA SER D 40 -1.45 8.32 -25.72
C SER D 40 -2.31 7.55 -24.72
N THR D 41 -2.45 8.10 -23.53
CA THR D 41 -3.34 7.50 -22.50
C THR D 41 -4.80 7.53 -22.92
N GLN D 42 -5.25 8.67 -23.41
CA GLN D 42 -6.65 8.82 -23.76
C GLN D 42 -7.02 7.96 -25.00
N LYS D 43 -6.04 7.74 -25.88
CA LYS D 43 -6.19 6.83 -27.02
C LYS D 43 -6.29 5.41 -26.56
N ALA D 44 -5.44 5.05 -25.61
CA ALA D 44 -5.52 3.70 -25.05
C ALA D 44 -6.87 3.47 -24.34
N ILE D 45 -7.32 4.46 -23.60
CA ILE D 45 -8.57 4.32 -22.88
C ILE D 45 -9.66 4.04 -23.89
N ASP D 46 -9.65 4.80 -24.94
CA ASP D 46 -10.72 4.76 -25.91
C ASP D 46 -10.65 3.47 -26.75
N GLY D 47 -9.44 3.03 -27.03
CA GLY D 47 -9.23 1.76 -27.68
C GLY D 47 -9.77 0.60 -26.90
N VAL D 48 -9.42 0.56 -25.61
CA VAL D 48 -9.83 -0.55 -24.76
C VAL D 48 -11.36 -0.49 -24.47
N THR D 49 -11.92 0.71 -24.41
CA THR D 49 -13.36 0.85 -24.21
C THR D 49 -14.14 0.38 -25.43
N ASN D 50 -13.64 0.68 -26.62
CA ASN D 50 -14.19 0.04 -27.86
C ASN D 50 -14.06 -1.49 -27.89
N LYS D 51 -12.95 -2.01 -27.37
CA LYS D 51 -12.76 -3.47 -27.36
C LYS D 51 -13.88 -4.15 -26.56
N VAL D 52 -14.02 -3.72 -25.30
CA VAL D 52 -15.05 -4.24 -24.40
C VAL D 52 -16.42 -4.08 -24.99
N ASN D 53 -16.74 -2.85 -25.44
CA ASN D 53 -18.04 -2.60 -26.05
C ASN D 53 -18.34 -3.44 -27.28
N SER D 54 -17.36 -3.67 -28.12
CA SER D 54 -17.56 -4.55 -29.28
C SER D 54 -17.90 -5.94 -28.85
N ILE D 55 -17.17 -6.45 -27.89
CA ILE D 55 -17.35 -7.82 -27.36
C ILE D 55 -18.74 -7.98 -26.79
N ILE D 56 -19.22 -6.96 -26.10
CA ILE D 56 -20.55 -7.00 -25.52
C ILE D 56 -21.61 -6.77 -26.57
N ASP D 57 -21.49 -5.68 -27.31
CA ASP D 57 -22.60 -5.21 -28.21
C ASP D 57 -22.78 -6.06 -29.47
N LYS D 58 -21.80 -6.85 -29.88
CA LYS D 58 -21.98 -7.66 -31.07
C LYS D 58 -22.82 -8.91 -30.79
N MET D 59 -23.14 -9.16 -29.51
CA MET D 59 -24.04 -10.28 -29.20
C MET D 59 -25.43 -9.86 -29.59
N ASN D 60 -25.95 -10.56 -30.58
CA ASN D 60 -27.36 -10.53 -30.87
C ASN D 60 -28.15 -11.51 -30.01
N THR D 61 -29.10 -10.99 -29.22
CA THR D 61 -29.95 -11.84 -28.40
C THR D 61 -31.40 -11.61 -28.70
N GLN D 62 -32.13 -12.68 -28.96
CA GLN D 62 -33.57 -12.64 -29.20
C GLN D 62 -34.34 -13.39 -28.13
N PHE D 63 -35.66 -13.26 -28.17
CA PHE D 63 -36.52 -13.94 -27.26
C PHE D 63 -36.36 -15.44 -27.41
N GLU D 64 -36.10 -16.13 -26.30
CA GLU D 64 -36.24 -17.59 -26.25
C GLU D 64 -36.84 -18.09 -24.98
N ALA D 65 -37.69 -19.11 -25.09
CA ALA D 65 -38.15 -19.81 -23.98
C ALA D 65 -37.59 -21.23 -23.98
N VAL D 66 -36.50 -21.47 -23.22
CA VAL D 66 -35.97 -22.85 -23.00
C VAL D 66 -36.81 -23.58 -21.94
N GLY D 67 -37.50 -24.62 -22.32
CA GLY D 67 -38.25 -25.41 -21.38
C GLY D 67 -38.21 -26.84 -21.81
N ARG D 68 -38.39 -27.71 -20.83
CA ARG D 68 -38.55 -29.13 -21.07
C ARG D 68 -39.98 -29.58 -21.17
N GLU D 69 -40.48 -29.72 -22.41
CA GLU D 69 -41.87 -30.07 -22.63
C GLU D 69 -42.16 -31.31 -23.48
N PHE D 70 -41.27 -32.27 -23.42
CA PHE D 70 -41.52 -33.60 -24.07
C PHE D 70 -41.85 -34.68 -23.05
N ASN D 71 -42.81 -35.56 -23.37
CA ASN D 71 -43.26 -36.60 -22.45
C ASN D 71 -42.42 -37.89 -22.51
N ASN D 72 -42.88 -38.96 -21.84
CA ASN D 72 -42.12 -40.19 -21.72
C ASN D 72 -42.07 -41.05 -22.95
N LEU D 73 -43.00 -40.83 -23.90
CA LEU D 73 -42.88 -41.44 -25.23
C LEU D 73 -42.31 -40.50 -26.25
N GLU D 74 -41.60 -39.46 -25.82
CA GLU D 74 -40.89 -38.58 -26.74
C GLU D 74 -39.44 -38.30 -26.26
N ARG D 75 -38.81 -39.31 -25.70
CA ARG D 75 -37.46 -39.22 -25.21
C ARG D 75 -36.43 -39.00 -26.36
N ARG D 76 -36.70 -39.52 -27.55
CA ARG D 76 -35.78 -39.25 -28.71
C ARG D 76 -35.76 -37.73 -29.06
N ILE D 77 -36.93 -37.06 -28.98
CA ILE D 77 -36.99 -35.65 -29.28
C ILE D 77 -36.37 -34.86 -28.12
N GLU D 78 -36.66 -35.28 -26.92
CA GLU D 78 -36.02 -34.70 -25.72
C GLU D 78 -34.49 -34.83 -25.81
N ASN D 79 -34.01 -35.99 -26.27
CA ASN D 79 -32.59 -36.17 -26.50
C ASN D 79 -32.05 -35.28 -27.60
N LEU D 80 -32.80 -35.12 -28.67
CA LEU D 80 -32.42 -34.16 -29.71
C LEU D 80 -32.28 -32.73 -29.15
N ASN D 81 -33.28 -32.29 -28.39
CA ASN D 81 -33.22 -31.01 -27.74
C ASN D 81 -32.02 -30.90 -26.77
N LYS D 82 -31.73 -31.99 -26.06
CA LYS D 82 -30.57 -32.01 -25.20
C LYS D 82 -29.20 -31.91 -25.94
N LYS D 83 -29.02 -32.61 -27.04
CA LYS D 83 -27.84 -32.52 -27.80
C LYS D 83 -27.67 -31.08 -28.30
N MET D 84 -28.79 -30.48 -28.70
CA MET D 84 -28.76 -29.16 -29.17
C MET D 84 -28.26 -28.24 -28.08
N GLU D 85 -28.99 -28.17 -26.99
CA GLU D 85 -28.59 -27.28 -25.81
C GLU D 85 -27.14 -27.47 -25.37
N ASP D 86 -26.70 -28.73 -25.26
CA ASP D 86 -25.26 -29.00 -24.91
C ASP D 86 -24.30 -28.55 -25.98
N GLY D 87 -24.69 -28.82 -27.23
CA GLY D 87 -24.00 -28.28 -28.39
C GLY D 87 -23.75 -26.80 -28.33
N PHE D 88 -24.79 -26.03 -28.11
CA PHE D 88 -24.64 -24.58 -27.94
C PHE D 88 -23.88 -24.18 -26.74
N LEU D 89 -24.08 -24.87 -25.63
CA LEU D 89 -23.36 -24.57 -24.41
C LEU D 89 -21.88 -24.69 -24.70
N ASP D 90 -21.49 -25.73 -25.44
CA ASP D 90 -20.05 -25.96 -25.70
C ASP D 90 -19.49 -24.96 -26.64
N VAL D 91 -20.24 -24.67 -27.73
CA VAL D 91 -19.76 -23.65 -28.67
C VAL D 91 -19.52 -22.34 -27.89
N TRP D 92 -20.50 -21.90 -27.14
CA TRP D 92 -20.39 -20.57 -26.46
C TRP D 92 -19.35 -20.54 -25.38
N THR D 93 -19.27 -21.61 -24.58
CA THR D 93 -18.24 -21.72 -23.52
C THR D 93 -16.81 -21.62 -24.09
N TYR D 94 -16.50 -22.40 -25.11
CA TYR D 94 -15.16 -22.44 -25.71
C TYR D 94 -14.81 -21.15 -26.40
N ASN D 95 -15.74 -20.65 -27.21
CA ASN D 95 -15.46 -19.41 -27.93
C ASN D 95 -15.31 -18.21 -27.04
N ALA D 96 -16.14 -18.12 -25.99
CA ALA D 96 -16.03 -16.99 -25.06
C ALA D 96 -14.73 -17.11 -24.25
N GLU D 97 -14.42 -18.35 -23.85
CA GLU D 97 -13.19 -18.54 -23.09
C GLU D 97 -11.94 -18.14 -23.90
N LEU D 98 -11.87 -18.63 -25.11
CA LEU D 98 -10.77 -18.35 -25.99
C LEU D 98 -10.73 -16.90 -26.48
N LEU D 99 -11.89 -16.31 -26.65
CA LEU D 99 -12.00 -14.91 -27.03
C LEU D 99 -11.46 -14.02 -25.93
N VAL D 100 -11.73 -14.33 -24.69
CA VAL D 100 -11.14 -13.58 -23.59
C VAL D 100 -9.57 -13.76 -23.58
N LEU D 101 -9.08 -14.99 -23.51
CA LEU D 101 -7.63 -15.25 -23.57
C LEU D 101 -6.89 -14.49 -24.69
N MET D 102 -7.44 -14.56 -25.91
CA MET D 102 -6.80 -13.93 -27.09
C MET D 102 -6.78 -12.40 -26.98
N GLU D 103 -7.90 -11.82 -26.57
CA GLU D 103 -8.00 -10.37 -26.50
C GLU D 103 -7.18 -9.80 -25.31
N ASN D 104 -7.09 -10.56 -24.23
CA ASN D 104 -6.24 -10.17 -23.15
C ASN D 104 -4.74 -10.08 -23.58
N GLU D 105 -4.20 -11.13 -24.24
CA GLU D 105 -2.86 -11.04 -24.75
C GLU D 105 -2.71 -9.78 -25.66
N ARG D 106 -3.67 -9.55 -26.52
CA ARG D 106 -3.67 -8.39 -27.43
C ARG D 106 -3.66 -7.10 -26.66
N THR D 107 -4.48 -6.97 -25.63
CA THR D 107 -4.55 -5.75 -24.86
C THR D 107 -3.22 -5.45 -24.10
N LEU D 108 -2.61 -6.48 -23.54
CA LEU D 108 -1.41 -6.31 -22.81
C LEU D 108 -0.24 -5.95 -23.73
N ASP D 109 -0.22 -6.54 -24.92
CA ASP D 109 0.75 -6.15 -25.98
C ASP D 109 0.54 -4.73 -26.50
N PHE D 110 -0.70 -4.31 -26.65
CA PHE D 110 -1.06 -2.92 -27.02
C PHE D 110 -0.41 -1.91 -26.03
N HIS D 111 -0.48 -2.20 -24.72
CA HIS D 111 0.12 -1.30 -23.74
C HIS D 111 1.64 -1.25 -23.90
N ASP D 112 2.25 -2.41 -24.02
CA ASP D 112 3.67 -2.52 -24.25
C ASP D 112 4.09 -1.77 -25.50
N SER D 113 3.28 -1.86 -26.53
CA SER D 113 3.52 -1.11 -27.77
C SER D 113 3.42 0.41 -27.57
N ASN D 114 2.46 0.86 -26.76
CA ASN D 114 2.32 2.27 -26.51
C ASN D 114 3.45 2.83 -25.62
N VAL D 115 3.91 2.03 -24.66
CA VAL D 115 5.00 2.40 -23.84
C VAL D 115 6.27 2.53 -24.70
N LYS D 116 6.53 1.51 -25.49
CA LYS D 116 7.72 1.53 -26.36
C LYS D 116 7.75 2.72 -27.35
N ASN D 117 6.60 3.14 -27.82
CA ASN D 117 6.55 4.28 -28.77
C ASN D 117 6.92 5.60 -28.08
N LEU D 118 6.44 5.76 -26.86
CA LEU D 118 6.81 6.90 -26.01
C LEU D 118 8.30 6.88 -25.67
N TYR D 119 8.87 5.70 -25.46
CA TYR D 119 10.33 5.55 -25.31
C TYR D 119 11.15 5.95 -26.54
N ASP D 120 10.64 5.63 -27.71
CA ASP D 120 11.36 5.95 -28.98
C ASP D 120 11.33 7.41 -29.29
N LYS D 121 10.18 8.03 -29.09
CA LYS D 121 10.05 9.47 -29.16
C LYS D 121 11.17 10.20 -28.29
N VAL D 122 11.53 9.67 -27.11
CA VAL D 122 12.54 10.27 -26.30
C VAL D 122 13.89 9.92 -26.93
N ARG D 123 14.08 8.68 -27.28
CA ARG D 123 15.37 8.22 -27.75
C ARG D 123 15.87 9.01 -28.95
N LEU D 124 15.00 9.25 -29.92
CA LEU D 124 15.41 10.02 -31.10
C LEU D 124 15.73 11.48 -30.76
N GLN D 125 15.09 12.01 -29.72
CA GLN D 125 15.36 13.39 -29.26
C GLN D 125 16.74 13.54 -28.59
N LEU D 126 17.09 12.61 -27.72
CA LEU D 126 18.31 12.71 -26.96
C LEU D 126 19.58 12.34 -27.74
N ARG D 127 19.51 11.23 -28.49
CA ARG D 127 20.63 10.72 -29.26
C ARG D 127 21.88 10.41 -28.37
N ASP D 128 22.98 11.12 -28.60
CA ASP D 128 24.21 10.97 -27.84
C ASP D 128 24.29 11.89 -26.60
N ASN D 129 23.45 12.92 -26.53
CA ASN D 129 23.30 13.73 -25.27
C ASN D 129 22.91 12.96 -24.01
N ALA D 130 22.42 11.73 -24.17
CA ALA D 130 22.16 10.84 -23.03
C ALA D 130 22.51 9.42 -23.40
N LYS D 131 22.65 8.56 -22.41
CA LYS D 131 22.89 7.15 -22.62
C LYS D 131 21.68 6.28 -22.15
N GLU D 132 21.36 5.23 -22.90
CA GLU D 132 20.31 4.30 -22.50
C GLU D 132 20.79 3.32 -21.48
N LEU D 133 20.02 3.16 -20.42
CA LEU D 133 20.44 2.34 -19.32
C LEU D 133 19.91 0.93 -19.48
N GLY D 134 18.99 0.75 -20.41
CA GLY D 134 18.38 -0.55 -20.64
C GLY D 134 17.21 -0.88 -19.74
N ASN D 135 16.73 0.12 -19.01
CA ASN D 135 15.63 -0.09 -18.05
C ASN D 135 14.47 0.82 -18.37
N GLY D 136 14.53 1.47 -19.51
CA GLY D 136 13.56 2.46 -19.93
C GLY D 136 13.95 3.87 -19.53
N CYS D 137 15.12 4.00 -18.91
CA CYS D 137 15.68 5.28 -18.49
C CYS D 137 16.76 5.78 -19.40
N PHE D 138 16.96 7.09 -19.44
CA PHE D 138 18.11 7.73 -20.08
C PHE D 138 18.83 8.56 -19.04
N GLU D 139 20.14 8.34 -18.92
CA GLU D 139 21.00 9.14 -18.08
C GLU D 139 21.59 10.20 -18.96
N PHE D 140 21.24 11.46 -18.70
CA PHE D 140 21.82 12.61 -19.41
C PHE D 140 23.32 12.82 -19.09
N TYR D 141 24.03 13.40 -20.05
CA TYR D 141 25.45 13.67 -19.90
C TYR D 141 25.51 15.08 -19.36
N HIS D 142 24.63 15.92 -19.90
CA HIS D 142 24.49 17.25 -19.43
C HIS D 142 23.44 17.36 -18.33
N ARG D 143 23.31 18.55 -17.77
CA ARG D 143 22.32 18.84 -16.74
C ARG D 143 21.00 19.20 -17.30
N CYS D 144 19.97 18.49 -16.87
CA CYS D 144 18.63 18.70 -17.44
C CYS D 144 17.67 19.23 -16.37
N ASP D 145 17.46 20.55 -16.44
CA ASP D 145 16.58 21.27 -15.52
C ASP D 145 15.07 20.92 -15.68
N ASN D 146 14.23 21.47 -14.79
CA ASN D 146 12.79 21.19 -14.88
C ASN D 146 12.24 21.57 -16.25
N GLU D 147 12.77 22.65 -16.82
CA GLU D 147 12.34 23.12 -18.16
C GLU D 147 12.84 22.18 -19.26
N CYS D 148 14.08 21.74 -19.13
CA CYS D 148 14.69 20.75 -20.03
C CYS D 148 13.85 19.46 -20.03
N MET D 149 13.40 19.03 -18.86
CA MET D 149 12.56 17.84 -18.74
C MET D 149 11.20 18.03 -19.44
N GLU D 150 10.54 19.15 -19.19
CA GLU D 150 9.28 19.48 -19.87
C GLU D 150 9.53 19.44 -21.40
N SER D 151 10.70 19.92 -21.79
CA SER D 151 11.02 20.03 -23.20
C SER D 151 11.16 18.65 -23.83
N VAL D 152 11.67 17.66 -23.09
CA VAL D 152 11.72 16.27 -23.63
C VAL D 152 10.35 15.62 -23.70
N ARG D 153 9.47 15.97 -22.77
CA ARG D 153 8.12 15.36 -22.70
C ARG D 153 7.27 15.80 -23.81
N ASN D 154 7.28 17.12 -24.06
CA ASN D 154 6.45 17.72 -25.16
C ASN D 154 7.17 17.83 -26.50
N GLY D 155 8.20 17.01 -26.72
CA GLY D 155 8.89 16.92 -28.03
C GLY D 155 9.73 18.14 -28.48
N THR D 156 10.01 19.05 -27.55
CA THR D 156 10.62 20.37 -27.81
C THR D 156 12.14 20.40 -27.60
N TYR D 157 12.71 19.26 -27.26
CA TYR D 157 14.12 19.20 -27.03
C TYR D 157 14.86 19.16 -28.36
N TYR D 162 17.96 22.73 -29.43
CA TYR D 162 18.09 22.17 -28.06
C TYR D 162 19.15 21.05 -27.95
N SER D 163 19.11 20.09 -28.86
CA SER D 163 20.20 19.08 -28.96
C SER D 163 21.59 19.73 -29.10
N GLU D 164 21.70 20.71 -29.98
CA GLU D 164 22.98 21.40 -30.20
C GLU D 164 23.39 22.13 -28.93
N GLU D 165 22.43 22.86 -28.36
CA GLU D 165 22.72 23.67 -27.17
C GLU D 165 23.00 22.85 -25.92
N ALA D 166 22.75 21.53 -25.99
CA ALA D 166 23.20 20.60 -24.98
C ALA D 166 24.46 19.80 -25.35
N ARG D 167 24.67 19.56 -26.65
CA ARG D 167 25.81 18.76 -27.16
C ARG D 167 27.19 19.40 -26.92
N LEU D 168 27.23 20.60 -26.37
CA LEU D 168 28.43 21.06 -25.65
C LEU D 168 29.17 19.85 -25.01
N LYS D 169 28.46 19.16 -24.12
CA LYS D 169 28.98 18.04 -23.33
C LYS D 169 28.66 16.70 -24.07
N ARG D 170 28.64 16.78 -25.40
CA ARG D 170 28.94 15.61 -26.21
C ARG D 170 30.42 15.29 -26.26
N GLU D 171 31.15 16.06 -27.06
CA GLU D 171 32.58 15.79 -27.29
C GLU D 171 33.33 15.87 -25.97
N GLU D 172 32.85 16.72 -25.06
CA GLU D 172 33.45 16.87 -23.72
C GLU D 172 33.39 15.61 -22.84
N ILE D 173 33.19 14.46 -23.48
CA ILE D 173 33.31 13.13 -22.86
C ILE D 173 34.05 12.10 -23.73
N SER D 174 33.79 12.09 -25.03
CA SER D 174 34.52 11.21 -25.95
C SER D 174 36.01 11.60 -25.96
N ASP E 5 91.52 46.41 8.18
CA ASP E 5 91.13 45.17 7.46
C ASP E 5 90.42 44.23 8.42
N GLN E 6 89.31 43.65 7.94
CA GLN E 6 88.47 42.72 8.73
C GLN E 6 88.11 41.45 7.98
N ILE E 7 88.00 40.36 8.75
CA ILE E 7 87.28 39.19 8.30
C ILE E 7 86.27 38.84 9.36
N CYS E 8 85.04 38.50 8.93
CA CYS E 8 83.93 38.15 9.83
C CYS E 8 83.40 36.78 9.52
N ILE E 9 82.90 36.11 10.56
CA ILE E 9 82.25 34.81 10.39
C ILE E 9 80.76 35.00 10.62
N GLY E 10 79.94 34.35 9.81
CA GLY E 10 78.51 34.54 9.92
C GLY E 10 77.70 33.53 9.18
N TYR E 11 76.41 33.81 9.09
CA TYR E 11 75.48 32.87 8.47
C TYR E 11 74.46 33.56 7.53
N HIS E 12 73.83 32.72 6.72
CA HIS E 12 72.96 33.12 5.62
C HIS E 12 71.69 33.73 6.16
N ALA E 13 71.15 34.66 5.39
CA ALA E 13 69.85 35.23 5.66
C ALA E 13 69.10 35.36 4.34
N ASN E 14 67.78 35.54 4.42
CA ASN E 14 66.99 35.84 3.23
C ASN E 14 65.74 36.62 3.61
N ASN E 15 64.78 36.74 2.69
CA ASN E 15 63.55 37.49 2.94
C ASN E 15 62.42 36.69 3.64
N SER E 16 62.66 35.41 3.84
CA SER E 16 61.72 34.50 4.53
C SER E 16 61.12 35.07 5.83
N THR E 17 59.79 34.93 5.94
CA THR E 17 59.03 35.26 7.18
C THR E 17 58.44 33.98 7.81
N GLU E 18 58.95 32.83 7.37
CA GLU E 18 58.53 31.55 7.92
C GLU E 18 58.97 31.46 9.38
N GLN E 19 58.02 31.22 10.26
CA GLN E 19 58.29 31.09 11.71
C GLN E 19 58.15 29.67 12.22
N VAL E 20 58.92 29.38 13.23
CA VAL E 20 58.98 28.08 13.82
C VAL E 20 58.99 28.21 15.32
N ASP E 21 58.67 27.14 16.04
CA ASP E 21 58.78 27.14 17.49
C ASP E 21 59.82 26.12 17.95
N THR E 22 60.44 26.42 19.09
CA THR E 22 61.40 25.60 19.75
C THR E 22 60.82 25.28 21.15
N ILE E 23 61.35 24.27 21.81
CA ILE E 23 60.96 23.98 23.15
C ILE E 23 61.17 25.13 24.11
N MET E 24 62.22 25.90 23.85
CA MET E 24 62.75 27.00 24.67
C MET E 24 62.37 28.38 24.11
N GLU E 25 62.05 28.47 22.81
CA GLU E 25 61.80 29.75 22.13
C GLU E 25 60.60 29.72 21.23
N LYS E 26 59.76 30.75 21.27
CA LYS E 26 58.58 30.79 20.43
C LYS E 26 58.75 31.78 19.26
N ASN E 27 58.24 31.43 18.08
CA ASN E 27 58.09 32.40 16.98
C ASN E 27 59.42 32.91 16.55
N VAL E 28 60.25 31.94 16.14
CA VAL E 28 61.57 32.22 15.62
C VAL E 28 61.48 32.27 14.10
N THR E 29 61.81 33.43 13.52
CA THR E 29 61.78 33.56 12.05
C THR E 29 62.98 32.79 11.49
N VAL E 30 62.79 32.09 10.38
CA VAL E 30 63.74 31.10 9.91
C VAL E 30 63.85 31.17 8.39
N THR E 31 64.97 30.73 7.85
CA THR E 31 65.26 30.91 6.41
C THR E 31 64.48 29.93 5.53
N HIS E 32 64.38 28.69 5.98
CA HIS E 32 63.61 27.66 5.29
C HIS E 32 62.95 26.78 6.34
N ALA E 33 61.84 26.18 5.92
CA ALA E 33 61.05 25.35 6.81
C ALA E 33 60.25 24.31 6.04
N GLN E 34 59.87 23.25 6.73
CA GLN E 34 59.12 22.14 6.15
C GLN E 34 58.00 21.68 7.14
N ASP E 35 56.75 21.84 6.73
CA ASP E 35 55.56 21.35 7.49
C ASP E 35 55.53 19.84 7.36
N ILE E 36 55.40 19.15 8.48
CA ILE E 36 55.40 17.69 8.53
C ILE E 36 53.95 17.21 8.72
N LEU E 37 53.02 18.15 8.66
CA LEU E 37 51.60 17.86 8.78
C LEU E 37 50.87 17.97 7.43
N GLU E 38 50.20 16.89 7.01
CA GLU E 38 49.45 16.90 5.76
C GLU E 38 48.09 17.48 6.04
N LYS E 39 47.76 18.54 5.31
CA LYS E 39 46.52 19.30 5.56
C LYS E 39 45.64 19.43 4.34
N THR E 40 46.09 18.89 3.19
CA THR E 40 45.31 18.99 1.96
C THR E 40 44.73 17.63 1.45
N HIS E 41 43.55 17.70 0.88
CA HIS E 41 42.90 16.52 0.31
C HIS E 41 42.35 16.92 -1.04
N ASN E 42 41.89 15.93 -1.81
CA ASN E 42 41.49 16.17 -3.21
C ASN E 42 39.98 16.28 -3.43
N GLY E 43 39.20 16.10 -2.39
CA GLY E 43 37.76 16.36 -2.50
C GLY E 43 36.96 15.30 -3.22
N LYS E 44 37.54 14.12 -3.41
CA LYS E 44 36.96 13.05 -4.21
C LYS E 44 37.08 11.69 -3.51
N LEU E 45 36.18 10.76 -3.85
CA LEU E 45 36.33 9.37 -3.46
C LEU E 45 37.13 8.65 -4.55
N CYS E 46 38.13 7.88 -4.13
CA CYS E 46 39.09 7.29 -5.02
C CYS E 46 39.24 5.82 -4.84
N ASN E 47 39.79 5.16 -5.86
CA ASN E 47 40.19 3.79 -5.74
C ASN E 47 41.18 3.74 -4.61
N LEU E 48 41.22 2.64 -3.87
CA LEU E 48 42.13 2.50 -2.71
C LEU E 48 43.11 1.37 -3.03
N ASP E 49 44.38 1.72 -3.15
CA ASP E 49 45.39 0.82 -3.67
C ASP E 49 44.96 0.13 -5.00
N GLY E 50 44.32 0.88 -5.89
CA GLY E 50 43.92 0.35 -7.18
C GLY E 50 42.53 -0.30 -7.29
N VAL E 51 41.83 -0.51 -6.17
CA VAL E 51 40.47 -1.15 -6.22
C VAL E 51 39.35 -0.14 -5.95
N LYS E 52 38.37 -0.12 -6.84
CA LYS E 52 37.27 0.81 -6.78
C LYS E 52 36.50 0.59 -5.47
N PRO E 53 35.88 1.65 -4.94
CA PRO E 53 34.88 1.42 -3.88
C PRO E 53 33.56 0.98 -4.40
N LEU E 54 32.81 0.28 -3.55
CA LEU E 54 31.40 0.00 -3.83
C LEU E 54 30.61 1.21 -3.34
N ILE E 55 30.01 1.93 -4.27
CA ILE E 55 29.31 3.15 -3.94
C ILE E 55 27.84 2.88 -4.02
N LEU E 56 27.19 2.88 -2.85
CA LEU E 56 25.76 2.83 -2.76
C LEU E 56 25.26 4.23 -2.55
N ARG E 57 24.50 4.75 -3.49
CA ARG E 57 24.11 6.18 -3.45
C ARG E 57 23.09 6.39 -2.33
N ASP E 58 21.82 6.05 -2.58
CA ASP E 58 20.74 6.20 -1.60
C ASP E 58 20.19 4.83 -1.10
N CYS E 59 21.09 3.90 -0.80
CA CYS E 59 20.77 2.50 -0.60
C CYS E 59 21.45 2.08 0.64
N SER E 60 20.79 1.29 1.47
CA SER E 60 21.48 0.55 2.55
C SER E 60 22.12 -0.73 2.05
N VAL E 61 23.04 -1.29 2.82
CA VAL E 61 23.58 -2.60 2.47
C VAL E 61 22.39 -3.57 2.46
N ALA E 62 21.49 -3.44 3.42
CA ALA E 62 20.37 -4.41 3.48
C ALA E 62 19.52 -4.40 2.20
N GLY E 63 19.10 -3.22 1.79
CA GLY E 63 18.32 -3.09 0.56
C GLY E 63 19.09 -3.49 -0.69
N TRP E 64 20.39 -3.24 -0.70
CA TRP E 64 21.22 -3.64 -1.83
C TRP E 64 21.25 -5.16 -1.90
N LEU E 65 21.52 -5.81 -0.77
CA LEU E 65 21.57 -7.30 -0.75
C LEU E 65 20.24 -7.95 -1.10
N LEU E 66 19.15 -7.43 -0.55
CA LEU E 66 17.85 -8.02 -0.85
C LEU E 66 17.33 -7.75 -2.29
N GLY E 67 18.04 -6.88 -3.03
CA GLY E 67 17.68 -6.49 -4.41
C GLY E 67 16.83 -5.22 -4.49
N ASN E 68 17.37 -4.13 -3.92
CA ASN E 68 16.61 -2.91 -3.61
C ASN E 68 16.18 -2.13 -4.85
N PRO E 69 14.86 -1.96 -4.99
CA PRO E 69 14.21 -1.21 -6.08
C PRO E 69 14.43 0.30 -6.10
N MET E 70 14.41 0.96 -4.93
CA MET E 70 14.50 2.42 -4.88
C MET E 70 15.80 2.78 -5.57
N CYS E 71 16.87 2.25 -5.01
CA CYS E 71 18.20 2.48 -5.53
C CYS E 71 18.30 1.65 -6.81
N ASP E 72 18.57 0.36 -6.67
CA ASP E 72 18.68 -0.65 -7.75
C ASP E 72 20.09 -1.29 -7.60
N GLU E 73 20.27 -2.43 -8.25
CA GLU E 73 21.60 -2.93 -8.60
C GLU E 73 21.95 -2.57 -10.05
N PHE E 74 22.41 -1.33 -10.24
CA PHE E 74 23.33 -0.98 -11.33
C PHE E 74 24.72 -1.53 -10.99
N LEU E 75 24.85 -1.98 -9.73
CA LEU E 75 26.12 -2.32 -9.10
C LEU E 75 26.46 -3.79 -9.27
N ASN E 76 26.56 -4.24 -10.53
CA ASN E 76 27.23 -5.52 -10.83
C ASN E 76 28.77 -5.32 -10.77
N VAL E 77 29.30 -5.44 -9.55
CA VAL E 77 30.67 -5.00 -9.21
C VAL E 77 31.41 -6.15 -8.50
N PRO E 78 32.34 -6.83 -9.21
CA PRO E 78 32.87 -8.11 -8.69
C PRO E 78 33.82 -7.99 -7.48
N GLU E 79 34.21 -6.78 -7.11
CA GLU E 79 35.34 -6.57 -6.18
C GLU E 79 35.35 -5.13 -5.72
N TRP E 80 35.74 -4.90 -4.48
CA TRP E 80 35.77 -3.53 -3.95
C TRP E 80 36.58 -3.45 -2.65
N SER E 81 37.18 -2.30 -2.40
CA SER E 81 38.11 -2.13 -1.28
C SER E 81 37.46 -1.53 -0.01
N TYR E 82 36.43 -0.72 -0.21
CA TYR E 82 35.58 -0.19 0.84
C TYR E 82 34.24 0.17 0.28
N ILE E 83 33.28 0.41 1.16
CA ILE E 83 31.91 0.75 0.76
C ILE E 83 31.64 2.16 1.14
N VAL E 84 30.96 2.91 0.27
CA VAL E 84 30.48 4.26 0.59
C VAL E 84 28.92 4.29 0.56
N GLU E 85 28.31 4.73 1.68
CA GLU E 85 26.87 5.13 1.72
C GLU E 85 26.62 6.66 1.72
N LYS E 86 26.04 7.23 2.79
CA LYS E 86 25.47 8.62 2.71
C LYS E 86 25.10 9.25 4.08
N GLY E 97 12.81 -4.24 6.69
CA GLY E 97 12.83 -5.23 7.76
C GLY E 97 14.07 -5.16 8.62
N ASN E 98 14.04 -5.90 9.71
CA ASN E 98 15.10 -5.90 10.70
C ASN E 98 15.97 -7.05 10.20
N PHE E 99 17.27 -6.81 10.10
CA PHE E 99 18.23 -7.77 9.63
C PHE E 99 18.98 -8.25 10.89
N ASN E 100 19.06 -9.56 11.04
CA ASN E 100 19.80 -10.11 12.15
C ASN E 100 21.33 -10.03 11.90
N ASP E 101 22.09 -9.69 12.95
CA ASP E 101 23.50 -9.47 12.91
C ASP E 101 23.81 -8.63 11.68
N TYR E 102 23.10 -7.52 11.53
CA TYR E 102 23.27 -6.62 10.44
C TYR E 102 24.69 -5.99 10.40
N GLU E 103 25.17 -5.52 11.55
CA GLU E 103 26.48 -4.85 11.58
C GLU E 103 27.62 -5.78 11.20
N GLU E 104 27.57 -7.04 11.62
CA GLU E 104 28.58 -7.98 11.25
C GLU E 104 28.49 -8.29 9.77
N LEU E 105 27.27 -8.20 9.20
CA LEU E 105 27.11 -8.40 7.73
C LEU E 105 27.73 -7.31 6.88
N LYS E 106 27.50 -6.08 7.30
CA LYS E 106 28.09 -4.93 6.67
C LYS E 106 29.62 -5.00 6.74
N HIS E 107 30.14 -5.29 7.93
CA HIS E 107 31.55 -5.33 8.13
C HIS E 107 32.20 -6.40 7.25
N LEU E 108 31.58 -7.54 7.15
CA LEU E 108 32.07 -8.63 6.32
C LEU E 108 32.09 -8.25 4.83
N LEU E 109 31.09 -7.50 4.39
CA LEU E 109 30.96 -7.07 2.99
C LEU E 109 31.76 -5.80 2.68
N SER E 110 32.39 -5.22 3.70
CA SER E 110 33.08 -3.94 3.50
C SER E 110 34.26 -4.00 2.53
N ARG E 111 34.85 -5.17 2.40
CA ARG E 111 35.95 -5.42 1.42
C ARG E 111 35.86 -6.84 0.92
N ILE E 112 35.70 -6.97 -0.38
CA ILE E 112 35.43 -8.24 -1.00
C ILE E 112 36.33 -8.40 -2.20
N ASN E 113 37.01 -9.54 -2.25
CA ASN E 113 37.91 -9.87 -3.36
C ASN E 113 37.17 -10.39 -4.56
N HIS E 114 36.05 -11.12 -4.34
CA HIS E 114 35.18 -11.58 -5.42
C HIS E 114 33.75 -11.76 -4.92
N PHE E 115 32.82 -11.31 -5.72
CA PHE E 115 31.40 -11.30 -5.42
C PHE E 115 30.64 -11.59 -6.70
N GLU E 116 29.74 -12.53 -6.66
CA GLU E 116 28.92 -12.88 -7.82
C GLU E 116 27.56 -13.45 -7.41
N LYS E 117 26.51 -12.75 -7.83
CA LYS E 117 25.15 -13.14 -7.63
C LYS E 117 24.85 -14.38 -8.47
N ILE E 118 24.30 -15.42 -7.85
CA ILE E 118 23.94 -16.62 -8.51
C ILE E 118 22.52 -16.95 -8.08
N GLN E 119 21.71 -17.41 -9.04
CA GLN E 119 20.36 -17.91 -8.76
C GLN E 119 20.45 -19.27 -8.11
N ILE E 120 19.83 -19.41 -6.95
CA ILE E 120 19.99 -20.62 -6.11
C ILE E 120 18.67 -21.43 -6.02
N ILE E 121 17.54 -20.75 -6.02
CA ILE E 121 16.23 -21.39 -6.16
C ILE E 121 15.34 -20.58 -7.08
N PRO E 122 15.09 -21.08 -8.29
CA PRO E 122 14.37 -20.25 -9.26
C PRO E 122 13.00 -19.93 -8.72
N LYS E 123 12.52 -18.72 -8.96
CA LYS E 123 11.18 -18.35 -8.58
C LYS E 123 10.12 -19.33 -9.13
N SER E 124 10.38 -19.88 -10.31
CA SER E 124 9.40 -20.73 -11.03
C SER E 124 9.35 -22.15 -10.48
N SER E 125 10.27 -22.55 -9.61
CA SER E 125 10.26 -23.90 -9.11
C SER E 125 9.23 -24.14 -8.03
N TRP E 126 8.52 -23.12 -7.59
CA TRP E 126 7.48 -23.28 -6.57
C TRP E 126 6.16 -23.70 -7.21
N SER E 127 5.97 -24.99 -7.33
CA SER E 127 4.82 -25.52 -8.08
C SER E 127 3.51 -25.47 -7.28
N ASP E 128 3.59 -25.70 -5.97
CA ASP E 128 2.38 -25.67 -5.11
C ASP E 128 2.40 -24.61 -4.01
N HIS E 129 3.08 -23.50 -4.29
CA HIS E 129 2.89 -22.27 -3.49
C HIS E 129 2.96 -21.14 -4.42
N GLU E 130 2.26 -20.07 -4.09
CA GLU E 130 2.33 -18.83 -4.83
C GLU E 130 3.61 -18.04 -4.46
N ALA E 131 4.30 -17.52 -5.47
CA ALA E 131 5.45 -16.63 -5.29
C ALA E 131 5.48 -15.51 -6.32
N SER E 132 5.66 -14.26 -5.94
CA SER E 132 6.11 -13.86 -4.66
C SER E 132 5.34 -12.61 -4.22
N GLY E 133 6.07 -11.58 -3.84
CA GLY E 133 5.50 -10.45 -3.17
C GLY E 133 6.52 -9.39 -2.82
N VAL E 134 7.41 -9.66 -1.85
CA VAL E 134 8.50 -8.73 -1.37
C VAL E 134 8.29 -7.31 -1.82
N SER E 135 7.19 -6.76 -1.35
CA SER E 135 6.63 -5.49 -1.84
C SER E 135 6.87 -4.46 -0.76
N SER E 145 9.08 0.14 -2.99
CA SER E 145 10.11 -0.85 -3.23
C SER E 145 9.68 -2.35 -3.36
N PHE E 146 10.31 -3.06 -4.29
CA PHE E 146 10.08 -4.46 -4.61
C PHE E 146 11.35 -5.30 -4.83
N PHE E 147 11.96 -5.75 -3.73
CA PHE E 147 13.11 -6.68 -3.69
C PHE E 147 13.04 -7.94 -4.60
N ARG E 148 14.13 -8.21 -5.30
CA ARG E 148 14.20 -9.26 -6.33
C ARG E 148 14.98 -10.54 -5.97
N ASN E 149 15.80 -10.50 -4.91
CA ASN E 149 16.66 -11.65 -4.54
C ASN E 149 16.03 -12.58 -3.54
N VAL E 150 14.77 -12.34 -3.26
CA VAL E 150 14.08 -13.00 -2.19
C VAL E 150 12.59 -13.11 -2.53
N VAL E 151 11.96 -14.21 -2.14
CA VAL E 151 10.61 -14.54 -2.61
C VAL E 151 9.65 -14.72 -1.50
N TRP E 152 8.50 -14.07 -1.59
CA TRP E 152 7.46 -14.17 -0.57
C TRP E 152 6.53 -15.30 -0.98
N LEU E 153 6.57 -16.39 -0.23
CA LEU E 153 5.70 -17.50 -0.51
C LEU E 153 4.34 -17.38 0.17
N THR E 154 3.26 -17.72 -0.52
CA THR E 154 1.94 -17.70 0.07
C THR E 154 1.19 -18.94 -0.35
N LYS E 155 0.05 -19.19 0.28
CA LYS E 155 -0.78 -20.40 -0.01
C LYS E 155 -1.26 -20.43 -1.46
N LYS E 156 -1.44 -21.61 -1.99
CA LYS E 156 -1.93 -21.82 -3.36
C LYS E 156 -3.07 -22.79 -3.26
N ASP E 157 -4.07 -22.59 -4.10
CA ASP E 157 -5.39 -23.04 -3.84
C ASP E 157 -5.66 -22.45 -2.46
N ASN E 158 -6.07 -23.28 -1.50
CA ASN E 158 -6.25 -22.73 -0.16
C ASN E 158 -5.38 -23.52 0.81
N ALA E 159 -4.12 -23.69 0.47
CA ALA E 159 -3.26 -24.63 1.23
C ALA E 159 -1.76 -24.24 1.15
N TYR E 160 -1.01 -24.69 2.15
CA TYR E 160 0.37 -24.39 2.22
C TYR E 160 0.98 -25.69 2.69
N PRO E 161 1.28 -26.61 1.75
CA PRO E 161 2.03 -27.78 2.09
C PRO E 161 3.45 -27.48 2.64
N THR E 162 3.94 -28.33 3.51
CA THR E 162 5.27 -28.20 4.02
C THR E 162 6.27 -28.09 2.88
N ILE E 163 7.12 -27.04 2.91
CA ILE E 163 8.23 -26.90 1.97
C ILE E 163 9.40 -27.67 2.52
N LYS E 164 10.09 -28.41 1.67
CA LYS E 164 11.30 -29.15 2.05
C LYS E 164 12.33 -28.98 0.94
N ARG E 165 13.27 -28.08 1.14
CA ARG E 165 14.21 -27.68 0.10
C ARG E 165 15.63 -27.68 0.57
N SER E 166 16.54 -28.15 -0.27
CA SER E 166 17.96 -28.06 -0.04
C SER E 166 18.72 -27.51 -1.24
N TYR E 167 19.86 -26.93 -0.95
CA TYR E 167 20.74 -26.42 -1.90
C TYR E 167 22.14 -26.77 -1.43
N ASN E 168 22.83 -27.49 -2.28
CA ASN E 168 24.15 -27.90 -2.03
C ASN E 168 25.00 -26.88 -2.73
N ASN E 169 25.91 -26.27 -1.98
CA ASN E 169 26.90 -25.34 -2.60
C ASN E 169 27.98 -26.10 -3.39
N THR E 170 27.71 -26.36 -4.68
CA THR E 170 28.67 -27.10 -5.55
C THR E 170 29.88 -26.25 -5.97
N ASN E 171 29.82 -24.95 -5.73
CA ASN E 171 30.87 -24.03 -6.14
C ASN E 171 32.09 -24.21 -5.25
N GLN E 172 33.27 -23.79 -5.70
CA GLN E 172 34.45 -23.79 -4.80
C GLN E 172 34.42 -22.62 -3.80
N GLU E 173 33.57 -21.67 -4.07
CA GLU E 173 33.51 -20.44 -3.34
C GLU E 173 32.45 -20.58 -2.25
N ASP E 174 32.63 -19.87 -1.15
CA ASP E 174 31.58 -19.79 -0.13
C ASP E 174 30.44 -18.93 -0.62
N LEU E 175 29.24 -19.22 -0.09
CA LEU E 175 27.99 -18.63 -0.51
C LEU E 175 27.36 -17.83 0.62
N LEU E 176 27.08 -16.55 0.38
CA LEU E 176 26.23 -15.78 1.30
C LEU E 176 24.74 -15.95 0.95
N VAL E 177 24.01 -16.62 1.84
CA VAL E 177 22.54 -16.88 1.70
C VAL E 177 21.71 -16.06 2.68
N LEU E 178 20.60 -15.54 2.19
CA LEU E 178 19.69 -14.66 2.89
C LEU E 178 18.30 -15.28 2.90
N TRP E 179 17.59 -15.13 4.01
CA TRP E 179 16.17 -15.53 4.06
C TRP E 179 15.55 -14.78 5.19
N GLY E 180 14.22 -14.80 5.24
CA GLY E 180 13.50 -14.14 6.26
C GLY E 180 12.21 -14.79 6.65
N ILE E 181 11.54 -14.19 7.65
CA ILE E 181 10.26 -14.64 8.08
C ILE E 181 9.30 -13.42 8.06
N HIS E 182 8.01 -13.67 7.91
CA HIS E 182 7.00 -12.63 8.02
C HIS E 182 6.21 -12.76 9.32
N HIS E 183 6.25 -11.72 10.13
CA HIS E 183 5.45 -11.65 11.35
C HIS E 183 4.17 -10.91 11.12
N PRO E 184 3.08 -11.65 11.00
CA PRO E 184 1.79 -11.02 10.77
C PRO E 184 1.23 -10.31 11.96
N ASN E 185 0.23 -9.48 11.66
CA ASN E 185 -0.44 -8.65 12.65
C ASN E 185 -1.50 -9.41 13.46
N ASP E 186 -2.11 -10.44 12.85
CA ASP E 186 -3.10 -11.21 13.57
C ASP E 186 -3.43 -12.54 12.88
N ALA E 187 -4.21 -13.37 13.56
CA ALA E 187 -4.47 -14.72 13.06
C ALA E 187 -5.18 -14.70 11.77
N ALA E 188 -5.96 -13.65 11.52
CA ALA E 188 -6.76 -13.55 10.25
C ALA E 188 -5.81 -13.35 9.07
N GLU E 189 -4.85 -12.41 9.22
CA GLU E 189 -3.78 -12.24 8.22
C GLU E 189 -2.95 -13.55 8.05
N GLN E 190 -2.63 -14.20 9.15
CA GLN E 190 -1.82 -15.40 9.14
C GLN E 190 -2.43 -16.51 8.22
N THR E 191 -3.72 -16.80 8.41
CA THR E 191 -4.34 -17.85 7.65
C THR E 191 -4.74 -17.36 6.21
N ARG E 192 -5.06 -16.08 6.08
CA ARG E 192 -5.35 -15.47 4.78
C ARG E 192 -4.16 -15.62 3.88
N LEU E 193 -2.95 -15.35 4.42
CA LEU E 193 -1.72 -15.53 3.68
C LEU E 193 -1.15 -16.94 3.55
N TYR E 194 -1.27 -17.77 4.62
CA TYR E 194 -0.55 -19.03 4.70
C TYR E 194 -1.39 -20.22 5.01
N GLN E 195 -2.70 -20.05 5.16
CA GLN E 195 -3.65 -21.04 5.70
C GLN E 195 -3.41 -21.67 7.09
N ASN E 196 -2.21 -22.22 7.32
CA ASN E 196 -1.95 -22.90 8.57
C ASN E 196 -1.81 -21.87 9.70
N PRO E 197 -2.59 -22.02 10.76
CA PRO E 197 -2.51 -21.03 11.85
C PRO E 197 -1.24 -21.12 12.67
N THR E 198 -0.70 -22.35 12.77
CA THR E 198 0.55 -22.62 13.51
C THR E 198 1.69 -23.09 12.64
N THR E 199 2.81 -22.42 12.75
CA THR E 199 3.75 -22.34 11.68
C THR E 199 5.17 -22.20 12.10
N TYR E 200 6.13 -22.72 11.29
CA TYR E 200 7.56 -22.66 11.62
C TYR E 200 8.41 -22.54 10.40
N ILE E 201 9.63 -22.05 10.62
CA ILE E 201 10.72 -22.16 9.58
C ILE E 201 11.94 -22.79 10.22
N SER E 202 12.51 -23.78 9.56
CA SER E 202 13.65 -24.46 10.08
C SER E 202 14.73 -24.34 9.04
N VAL E 203 15.93 -24.02 9.46
CA VAL E 203 17.05 -23.80 8.55
C VAL E 203 18.28 -24.47 9.10
N GLY E 204 18.96 -25.21 8.23
CA GLY E 204 19.98 -26.16 8.66
C GLY E 204 21.15 -26.16 7.75
N THR E 205 22.30 -26.24 8.36
CA THR E 205 23.57 -26.21 7.62
C THR E 205 24.48 -27.19 8.39
N SER E 206 25.75 -27.29 8.06
CA SER E 206 26.66 -28.10 8.89
C SER E 206 26.87 -27.37 10.20
N THR E 207 26.62 -26.07 10.19
CA THR E 207 26.89 -25.13 11.31
C THR E 207 25.59 -24.54 11.93
N LEU E 208 24.65 -24.18 11.08
CA LEU E 208 23.42 -23.57 11.51
C LEU E 208 22.38 -24.61 11.80
N ASN E 209 21.62 -24.37 12.84
CA ASN E 209 20.47 -25.16 13.28
C ASN E 209 19.36 -24.22 13.84
N GLN E 210 18.60 -23.64 12.92
CA GLN E 210 17.70 -22.52 13.24
C GLN E 210 16.24 -22.92 13.25
N ARG E 211 15.48 -22.35 14.15
CA ARG E 211 14.06 -22.58 14.22
C ARG E 211 13.42 -21.23 14.48
N LEU E 212 12.56 -20.79 13.58
CA LEU E 212 11.88 -19.51 13.69
C LEU E 212 10.40 -19.82 13.74
N VAL E 213 9.71 -19.20 14.68
CA VAL E 213 8.26 -19.27 14.83
C VAL E 213 7.76 -17.80 14.74
N PRO E 214 6.84 -17.52 13.84
CA PRO E 214 6.44 -16.12 13.68
C PRO E 214 5.74 -15.54 14.90
N LYS E 215 6.05 -14.29 15.21
CA LYS E 215 5.42 -13.59 16.34
C LYS E 215 4.20 -12.79 15.85
N ILE E 216 3.06 -13.27 16.14
CA ILE E 216 1.80 -12.67 15.74
C ILE E 216 1.33 -11.76 16.84
N ALA E 217 1.37 -10.47 16.63
CA ALA E 217 0.93 -9.52 17.62
C ALA E 217 0.43 -8.21 16.99
N THR E 218 -0.49 -7.51 17.69
CA THR E 218 -0.92 -6.11 17.36
C THR E 218 0.22 -5.10 17.49
N ARG E 219 0.43 -4.30 16.43
CA ARG E 219 1.65 -3.47 16.32
C ARG E 219 1.41 -2.09 15.71
N SER E 220 2.36 -1.18 15.96
CA SER E 220 2.33 0.16 15.38
C SER E 220 2.42 0.02 13.84
N LYS E 221 1.47 0.64 13.12
CA LYS E 221 1.58 0.76 11.64
C LYS E 221 2.83 1.60 11.32
N VAL E 222 3.74 1.04 10.52
CA VAL E 222 4.97 1.73 10.06
C VAL E 222 4.98 1.66 8.53
N ASN E 223 4.92 2.85 7.89
CA ASN E 223 4.73 2.97 6.45
C ASN E 223 3.64 1.97 6.00
N GLY E 224 2.45 2.14 6.56
CA GLY E 224 1.30 1.32 6.22
C GLY E 224 1.25 0.13 7.16
N GLN E 225 2.22 -0.77 6.99
CA GLN E 225 2.09 -2.12 7.59
C GLN E 225 2.29 -2.30 9.14
N SER E 226 1.45 -3.19 9.65
CA SER E 226 1.51 -3.63 11.03
C SER E 226 2.31 -4.95 11.16
N GLY E 227 2.46 -5.69 10.04
CA GLY E 227 3.35 -6.84 9.97
C GLY E 227 4.82 -6.45 9.99
N ARG E 228 5.71 -7.44 10.21
CA ARG E 228 7.15 -7.16 10.15
C ARG E 228 7.81 -8.26 9.34
N MET E 229 8.96 -7.96 8.77
CA MET E 229 9.81 -8.98 8.14
C MET E 229 11.15 -8.94 8.84
N GLU E 230 11.71 -10.12 9.06
CA GLU E 230 12.98 -10.21 9.68
C GLU E 230 13.85 -11.04 8.75
N PHE E 231 15.07 -10.56 8.50
CA PHE E 231 15.98 -11.28 7.63
C PHE E 231 17.19 -11.86 8.42
N PHE E 232 17.71 -12.95 7.88
CA PHE E 232 18.77 -13.70 8.44
C PHE E 232 19.72 -14.10 7.29
N TRP E 233 20.95 -14.49 7.66
CA TRP E 233 21.98 -14.92 6.70
C TRP E 233 22.97 -15.90 7.29
N THR E 234 23.68 -16.60 6.41
CA THR E 234 24.92 -17.28 6.82
C THR E 234 25.84 -17.35 5.65
N ILE E 235 27.02 -17.93 5.90
CA ILE E 235 27.92 -18.36 4.85
C ILE E 235 27.81 -19.84 4.73
N LEU E 236 27.29 -20.31 3.61
CA LEU E 236 27.29 -21.71 3.26
C LEU E 236 28.63 -22.08 2.60
N LYS E 237 29.40 -22.90 3.32
CA LYS E 237 30.72 -23.34 2.90
C LYS E 237 30.68 -24.15 1.64
N SER E 238 31.87 -24.29 1.06
CA SER E 238 32.00 -24.86 -0.27
C SER E 238 31.19 -26.14 -0.48
N ASN E 239 31.40 -27.23 0.25
CA ASN E 239 30.65 -28.47 -0.14
C ASN E 239 29.44 -28.71 0.74
N ASP E 240 28.97 -27.66 1.39
CA ASP E 240 27.95 -27.82 2.42
C ASP E 240 26.59 -27.61 1.73
N ALA E 241 25.56 -28.08 2.40
CA ALA E 241 24.17 -27.87 1.97
C ALA E 241 23.41 -27.03 2.99
N ILE E 242 22.50 -26.22 2.48
CA ILE E 242 21.52 -25.54 3.34
C ILE E 242 20.10 -26.15 3.15
N ASN E 243 19.40 -26.38 4.24
CA ASN E 243 18.13 -27.11 4.21
C ASN E 243 17.00 -26.26 4.83
N PHE E 244 15.93 -26.12 4.09
CA PHE E 244 14.83 -25.22 4.49
C PHE E 244 13.59 -26.08 4.60
N GLU E 245 12.88 -25.85 5.67
CA GLU E 245 11.62 -26.57 5.92
C GLU E 245 10.68 -25.56 6.57
N SER E 246 9.51 -25.41 6.00
CA SER E 246 8.55 -24.48 6.50
C SER E 246 7.16 -24.81 6.07
N ASN E 247 6.20 -24.45 6.91
CA ASN E 247 4.78 -24.51 6.59
C ASN E 247 4.08 -23.13 6.59
N GLY E 248 4.85 -22.06 6.49
CA GLY E 248 4.36 -20.71 6.37
C GLY E 248 5.32 -19.64 6.77
N ASN E 249 5.02 -18.40 6.38
CA ASN E 249 5.73 -17.25 6.81
C ASN E 249 7.16 -17.16 6.36
N PHE E 250 7.49 -18.02 5.43
CA PHE E 250 8.89 -18.15 4.93
C PHE E 250 9.05 -17.25 3.74
N ILE E 251 10.11 -16.42 3.84
CA ILE E 251 10.56 -15.59 2.76
C ILE E 251 11.84 -16.20 2.23
N ALA E 252 11.75 -16.80 1.01
CA ALA E 252 12.81 -17.70 0.56
C ALA E 252 13.88 -17.03 -0.22
N PRO E 253 15.09 -17.61 -0.21
CA PRO E 253 16.09 -17.16 -1.10
C PRO E 253 15.68 -17.46 -2.54
N GLU E 254 15.99 -16.53 -3.44
CA GLU E 254 16.00 -16.84 -4.85
C GLU E 254 17.46 -16.83 -5.28
N ASN E 255 18.14 -15.70 -5.04
CA ASN E 255 19.53 -15.55 -5.36
C ASN E 255 20.38 -15.51 -4.11
N ALA E 256 21.59 -16.06 -4.22
CA ALA E 256 22.63 -15.91 -3.24
C ALA E 256 23.91 -15.37 -3.89
N TYR E 257 24.99 -15.27 -3.15
CA TYR E 257 26.19 -14.59 -3.59
C TYR E 257 27.44 -15.39 -3.32
N LYS E 258 28.18 -15.72 -4.37
CA LYS E 258 29.51 -16.28 -4.19
C LYS E 258 30.37 -15.17 -3.62
N ILE E 259 31.16 -15.48 -2.60
CA ILE E 259 31.94 -14.50 -1.85
C ILE E 259 33.37 -15.04 -1.61
N VAL E 260 34.39 -14.28 -1.99
CA VAL E 260 35.75 -14.45 -1.48
C VAL E 260 36.21 -13.25 -0.70
N LYS E 261 36.70 -13.51 0.52
CA LYS E 261 36.94 -12.52 1.57
C LYS E 261 38.36 -12.72 2.04
N LYS E 262 39.23 -11.77 1.73
CA LYS E 262 40.65 -11.82 2.14
C LYS E 262 41.09 -10.73 3.11
N GLY E 263 40.27 -9.72 3.35
CA GLY E 263 40.51 -8.74 4.44
C GLY E 263 39.34 -7.82 4.68
N ASP E 264 39.46 -6.85 5.59
CA ASP E 264 38.38 -5.95 5.95
C ASP E 264 38.69 -4.51 5.70
N SER E 265 37.65 -3.69 5.61
CA SER E 265 37.80 -2.28 5.66
C SER E 265 36.62 -1.83 6.44
N THR E 266 35.82 -0.89 5.94
CA THR E 266 34.64 -0.45 6.67
C THR E 266 33.70 0.28 5.73
N ILE E 267 32.60 0.78 6.27
CA ILE E 267 31.63 1.50 5.52
C ILE E 267 31.89 2.97 5.76
N MET E 268 32.11 3.72 4.69
CA MET E 268 32.38 5.11 4.85
C MET E 268 31.12 5.85 4.58
N LYS E 269 30.88 6.93 5.33
CA LYS E 269 29.78 7.87 5.03
C LYS E 269 30.40 9.14 4.43
N SER E 270 30.01 9.45 3.19
CA SER E 270 30.57 10.55 2.44
C SER E 270 29.53 11.03 1.47
N GLU E 271 29.47 12.34 1.38
CA GLU E 271 28.54 13.00 0.49
C GLU E 271 29.24 13.25 -0.82
N LEU E 272 30.51 12.94 -0.85
CA LEU E 272 31.32 13.12 -2.05
C LEU E 272 30.83 12.19 -3.15
N GLU E 273 31.47 12.26 -4.31
CA GLU E 273 31.37 11.14 -5.23
C GLU E 273 32.72 10.81 -5.88
N TYR E 274 32.67 9.82 -6.77
CA TYR E 274 33.85 9.11 -7.27
C TYR E 274 34.59 9.96 -8.27
N GLY E 275 35.83 10.30 -7.97
CA GLY E 275 36.75 10.85 -8.96
C GLY E 275 37.44 9.67 -9.63
N ASN E 276 38.26 9.93 -10.62
CA ASN E 276 38.95 8.87 -11.34
C ASN E 276 40.41 8.80 -10.83
N CYS E 277 40.53 8.53 -9.54
CA CYS E 277 41.81 8.70 -8.85
C CYS E 277 42.15 7.43 -8.10
N ASN E 278 43.39 7.35 -7.68
CA ASN E 278 43.95 6.24 -6.92
C ASN E 278 44.66 6.83 -5.66
N THR E 279 44.50 6.25 -4.48
CA THR E 279 45.15 6.71 -3.26
C THR E 279 45.60 5.52 -2.48
N LYS E 280 46.46 5.81 -1.52
CA LYS E 280 46.76 4.85 -0.46
C LYS E 280 45.88 5.12 0.80
N CYS E 281 45.24 6.27 0.85
CA CYS E 281 44.51 6.72 2.02
C CYS E 281 43.31 7.57 1.65
N GLN E 282 42.12 7.10 1.99
CA GLN E 282 40.86 7.75 1.67
C GLN E 282 40.18 8.23 2.95
N THR E 283 39.56 9.42 2.88
CA THR E 283 38.94 10.11 4.02
C THR E 283 37.55 10.43 3.48
N PRO E 284 36.57 10.65 4.35
CA PRO E 284 35.20 10.90 3.89
C PRO E 284 34.99 12.32 3.32
N ILE E 285 36.03 13.15 3.45
CA ILE E 285 36.13 14.52 2.95
C ILE E 285 37.09 14.63 1.76
N GLY E 286 37.68 13.51 1.37
CA GLY E 286 38.62 13.52 0.23
C GLY E 286 39.75 12.53 0.44
N ALA E 287 40.46 12.22 -0.61
CA ALA E 287 41.67 11.39 -0.51
C ALA E 287 42.91 12.20 -0.16
N ILE E 288 43.91 11.50 0.37
CA ILE E 288 45.09 12.09 0.93
C ILE E 288 46.34 11.42 0.42
N ASN E 289 47.43 12.19 0.27
CA ASN E 289 48.76 11.59 0.03
C ASN E 289 49.23 11.01 1.39
N SER E 290 49.89 9.86 1.36
CA SER E 290 50.49 9.35 2.58
C SER E 290 52.01 9.52 2.64
N SER E 291 52.49 10.69 2.23
CA SER E 291 53.92 11.04 2.25
C SER E 291 54.36 11.58 3.66
N MET E 292 53.58 12.48 4.25
CA MET E 292 53.87 12.98 5.61
C MET E 292 53.47 11.99 6.71
N PRO E 293 54.11 12.06 7.86
CA PRO E 293 53.80 11.13 8.93
C PRO E 293 52.57 11.49 9.75
N PHE E 294 52.06 12.71 9.57
CA PHE E 294 50.90 13.16 10.34
C PHE E 294 49.96 13.91 9.48
N HIS E 295 48.66 13.84 9.82
CA HIS E 295 47.67 14.60 9.14
C HIS E 295 46.58 15.07 10.11
N ASN E 296 45.75 16.03 9.67
CA ASN E 296 44.68 16.56 10.48
C ASN E 296 43.36 16.70 9.67
N ILE E 297 43.22 15.92 8.63
CA ILE E 297 42.07 15.97 7.74
C ILE E 297 40.80 15.49 8.44
N HIS E 298 40.78 14.25 8.88
CA HIS E 298 39.55 13.62 9.36
C HIS E 298 39.99 12.34 10.06
N PRO E 299 39.30 11.94 11.15
CA PRO E 299 39.70 10.69 11.87
C PRO E 299 39.33 9.39 11.18
N LEU E 300 38.27 9.41 10.38
CA LEU E 300 37.71 8.19 9.82
C LEU E 300 38.36 7.84 8.51
N THR E 301 39.62 7.42 8.56
CA THR E 301 40.37 7.15 7.31
C THR E 301 40.43 5.71 6.98
N ILE E 302 40.55 5.40 5.71
CA ILE E 302 40.76 4.00 5.28
C ILE E 302 41.98 3.93 4.40
N GLY E 303 42.84 2.97 4.68
CA GLY E 303 44.08 2.77 3.95
C GLY E 303 45.32 2.79 4.81
N GLU E 304 46.48 3.05 4.20
CA GLU E 304 47.77 3.16 4.89
C GLU E 304 47.96 4.63 5.10
N CYS E 305 47.57 5.09 6.26
CA CYS E 305 47.41 6.51 6.47
C CYS E 305 48.46 7.09 7.41
N PRO E 306 48.75 8.39 7.23
CA PRO E 306 49.48 9.07 8.26
C PRO E 306 48.67 9.11 9.56
N LYS E 307 49.34 9.39 10.68
CA LYS E 307 48.65 9.43 11.94
C LYS E 307 47.82 10.68 12.12
N TYR E 308 46.57 10.49 12.48
CA TYR E 308 45.65 11.62 12.74
C TYR E 308 46.13 12.39 13.97
N VAL E 309 46.11 13.71 13.87
CA VAL E 309 46.69 14.56 14.93
C VAL E 309 45.87 15.85 15.07
N LYS E 310 45.76 16.35 16.29
CA LYS E 310 44.89 17.51 16.53
C LYS E 310 45.58 18.86 16.37
N SER E 311 46.39 19.00 15.34
CA SER E 311 47.30 20.12 15.21
C SER E 311 47.00 20.91 13.94
N ASN E 312 47.26 22.20 14.00
CA ASN E 312 47.14 23.06 12.82
C ASN E 312 48.40 23.06 12.01
N ARG E 313 49.48 22.67 12.65
CA ARG E 313 50.81 23.09 12.25
C ARG E 313 51.84 22.19 12.87
N LEU E 314 52.74 21.67 12.06
CA LEU E 314 53.94 20.97 12.55
C LEU E 314 55.14 21.34 11.65
N VAL E 315 55.80 22.45 12.00
CA VAL E 315 56.81 23.06 11.12
C VAL E 315 58.22 22.86 11.67
N LEU E 316 59.03 22.16 10.90
CA LEU E 316 60.38 21.85 11.25
C LEU E 316 61.28 22.93 10.64
N ALA E 317 62.07 23.57 11.48
CA ALA E 317 63.11 24.46 10.98
C ALA E 317 64.06 23.66 10.17
N THR E 318 64.31 24.12 8.95
CA THR E 318 65.35 23.54 8.10
C THR E 318 66.55 24.48 8.01
N GLY E 319 66.29 25.71 7.59
CA GLY E 319 67.35 26.69 7.49
C GLY E 319 67.71 27.31 8.84
N LEU E 320 68.19 28.55 8.82
CA LEU E 320 68.77 29.21 9.99
C LEU E 320 67.84 30.23 10.53
N ARG E 321 68.19 30.80 11.67
CA ARG E 321 67.49 31.99 12.19
C ARG E 321 67.65 33.09 11.20
N ASN E 322 66.59 33.84 10.98
CA ASN E 322 66.60 34.99 10.09
C ASN E 322 66.48 36.24 10.90
N SER E 323 67.59 36.68 11.47
CA SER E 323 67.67 38.00 12.14
C SER E 323 68.64 38.97 11.39
N PRO E 324 68.11 40.07 10.82
CA PRO E 324 69.00 41.01 10.09
C PRO E 324 70.00 41.72 11.01
N ILE F 10 77.88 37.77 16.85
CA ILE F 10 77.42 37.81 15.43
C ILE F 10 76.00 38.29 15.44
N GLU F 11 75.85 39.61 15.60
CA GLU F 11 74.59 40.27 15.96
C GLU F 11 73.48 40.15 14.91
N GLY F 12 73.79 39.58 13.76
CA GLY F 12 72.76 39.28 12.78
C GLY F 12 73.24 38.35 11.68
N GLY F 13 72.36 38.13 10.71
CA GLY F 13 72.66 37.29 9.56
C GLY F 13 73.09 38.16 8.38
N TRP F 14 73.21 37.52 7.21
CA TRP F 14 73.74 38.16 6.01
C TRP F 14 72.99 37.82 4.71
N GLN F 15 72.18 38.75 4.23
CA GLN F 15 71.51 38.59 2.93
C GLN F 15 72.51 38.23 1.81
N GLY F 16 73.70 38.84 1.85
CA GLY F 16 74.63 38.77 0.74
C GLY F 16 75.29 37.42 0.53
N MET F 17 75.22 36.57 1.56
CA MET F 17 75.84 35.26 1.47
C MET F 17 74.93 34.25 0.76
N VAL F 18 74.77 34.42 -0.54
CA VAL F 18 73.71 33.79 -1.35
C VAL F 18 74.19 32.55 -2.12
N ASP F 19 75.25 31.93 -1.62
CA ASP F 19 75.76 30.64 -2.20
C ASP F 19 76.08 29.56 -1.13
N GLY F 20 75.77 29.84 0.13
CA GLY F 20 76.04 28.90 1.20
C GLY F 20 75.37 29.30 2.52
N TRP F 21 75.54 28.43 3.53
CA TRP F 21 74.81 28.58 4.80
C TRP F 21 75.65 29.27 5.83
N TYR F 22 76.92 28.91 5.86
CA TYR F 22 77.89 29.55 6.69
C TYR F 22 79.06 30.05 5.86
N GLY F 23 79.70 31.09 6.33
CA GLY F 23 80.79 31.65 5.60
C GLY F 23 81.41 32.87 6.20
N TYR F 24 81.98 33.68 5.30
CA TYR F 24 82.87 34.79 5.66
C TYR F 24 82.48 36.00 4.93
N HIS F 25 82.64 37.14 5.60
CA HIS F 25 82.59 38.42 4.96
C HIS F 25 83.93 39.01 5.21
N HIS F 26 84.58 39.55 4.18
CA HIS F 26 85.84 40.24 4.40
C HIS F 26 85.77 41.66 3.91
N SER F 27 86.61 42.51 4.48
CA SER F 27 86.67 43.89 4.10
C SER F 27 88.15 44.28 4.16
N ASN F 28 88.69 44.67 3.02
CA ASN F 28 90.05 45.14 2.95
C ASN F 28 90.13 46.36 2.01
N GLU F 29 91.33 46.78 1.64
CA GLU F 29 91.50 47.94 0.71
C GLU F 29 91.05 47.62 -0.75
N GLN F 30 91.21 46.36 -1.20
CA GLN F 30 90.72 45.92 -2.48
C GLN F 30 89.18 45.74 -2.57
N GLY F 31 88.46 45.88 -1.47
CA GLY F 31 87.00 45.76 -1.48
C GLY F 31 86.45 44.77 -0.43
N SER F 32 85.21 44.33 -0.63
CA SER F 32 84.53 43.58 0.39
C SER F 32 83.47 42.69 -0.21
N GLY F 33 83.17 41.60 0.48
CA GLY F 33 82.15 40.67 0.00
C GLY F 33 82.04 39.41 0.79
N TYR F 34 81.12 38.53 0.38
CA TYR F 34 80.84 37.33 1.09
C TYR F 34 81.36 36.08 0.36
N ALA F 35 81.89 35.14 1.12
CA ALA F 35 82.34 33.88 0.58
C ALA F 35 81.82 32.77 1.50
N ALA F 36 81.15 31.78 0.95
CA ALA F 36 80.58 30.72 1.78
C ALA F 36 81.58 29.61 1.99
N ASP F 37 81.55 28.98 3.16
CA ASP F 37 82.27 27.70 3.36
C ASP F 37 81.39 26.56 2.84
N LYS F 38 81.66 26.10 1.61
CA LYS F 38 80.84 25.06 1.00
C LYS F 38 80.99 23.71 1.72
N GLU F 39 82.13 23.47 2.36
CA GLU F 39 82.31 22.19 3.05
C GLU F 39 81.30 22.04 4.20
N SER F 40 81.38 22.90 5.20
CA SER F 40 80.48 22.79 6.35
C SER F 40 79.01 23.00 6.00
N THR F 41 78.76 23.80 4.97
CA THR F 41 77.42 24.03 4.46
C THR F 41 76.79 22.74 3.92
N GLN F 42 77.53 22.00 3.09
CA GLN F 42 76.95 20.78 2.49
C GLN F 42 76.74 19.69 3.55
N LYS F 43 77.55 19.68 4.61
CA LYS F 43 77.40 18.73 5.72
C LYS F 43 76.18 19.12 6.51
N ALA F 44 75.98 20.41 6.73
CA ALA F 44 74.75 20.87 7.38
C ALA F 44 73.49 20.56 6.55
N ILE F 45 73.54 20.84 5.26
CA ILE F 45 72.41 20.52 4.37
C ILE F 45 72.05 19.02 4.47
N ASP F 46 73.09 18.19 4.44
CA ASP F 46 72.89 16.74 4.46
C ASP F 46 72.42 16.27 5.85
N GLY F 47 72.93 16.89 6.89
CA GLY F 47 72.48 16.59 8.22
C GLY F 47 71.02 16.89 8.40
N VAL F 48 70.59 18.08 7.99
CA VAL F 48 69.23 18.52 8.19
C VAL F 48 68.28 17.71 7.29
N THR F 49 68.75 17.30 6.11
CA THR F 49 67.95 16.49 5.20
C THR F 49 67.73 15.09 5.80
N ASN F 50 68.75 14.54 6.43
CA ASN F 50 68.59 13.28 7.18
C ASN F 50 67.65 13.40 8.35
N LYS F 51 67.69 14.55 9.04
CA LYS F 51 66.77 14.74 10.18
C LYS F 51 65.32 14.65 9.68
N VAL F 52 64.97 15.51 8.74
CA VAL F 52 63.64 15.48 8.14
C VAL F 52 63.23 14.11 7.64
N ASN F 53 64.07 13.51 6.81
CA ASN F 53 63.79 12.20 6.27
C ASN F 53 63.59 11.12 7.33
N SER F 54 64.40 11.14 8.38
CA SER F 54 64.22 10.20 9.47
C SER F 54 62.86 10.39 10.10
N ILE F 55 62.49 11.64 10.35
CA ILE F 55 61.21 11.93 11.02
C ILE F 55 60.05 11.45 10.22
N ILE F 56 60.17 11.59 8.90
CA ILE F 56 59.11 11.14 8.00
C ILE F 56 59.16 9.64 7.81
N ASP F 57 60.32 9.12 7.41
CA ASP F 57 60.40 7.68 6.99
C ASP F 57 60.30 6.66 8.12
N LYS F 58 60.50 7.06 9.38
CA LYS F 58 60.41 6.07 10.45
C LYS F 58 58.95 5.80 10.79
N MET F 59 58.01 6.54 10.22
CA MET F 59 56.59 6.23 10.42
C MET F 59 56.23 4.99 9.64
N ASN F 60 55.99 3.91 10.36
CA ASN F 60 55.43 2.68 9.79
C ASN F 60 53.89 2.79 9.78
N THR F 61 53.29 2.76 8.60
CA THR F 61 51.82 2.90 8.45
C THR F 61 51.28 1.70 7.71
N GLN F 62 50.33 1.02 8.34
CA GLN F 62 49.66 -0.14 7.75
C GLN F 62 48.26 0.21 7.33
N PHE F 63 47.66 -0.66 6.55
CA PHE F 63 46.26 -0.49 6.19
C PHE F 63 45.44 -0.41 7.45
N GLU F 64 44.66 0.66 7.60
CA GLU F 64 43.58 0.69 8.58
C GLU F 64 42.29 1.26 8.05
N ALA F 65 41.16 0.70 8.54
CA ALA F 65 39.87 1.24 8.25
C ALA F 65 39.24 1.72 9.51
N VAL F 66 39.33 3.01 9.78
CA VAL F 66 38.61 3.60 10.91
C VAL F 66 37.17 3.83 10.43
N GLY F 67 36.22 3.13 11.06
CA GLY F 67 34.84 3.34 10.80
C GLY F 67 34.03 3.08 12.05
N ARG F 68 32.87 3.70 12.12
CA ARG F 68 31.90 3.46 13.18
C ARG F 68 30.83 2.44 12.83
N GLU F 69 31.03 1.18 13.24
CA GLU F 69 30.10 0.11 12.91
C GLU F 69 29.47 -0.68 14.06
N PHE F 70 29.25 0.00 15.16
CA PHE F 70 28.49 -0.57 16.28
C PHE F 70 27.10 0.02 16.35
N ASN F 71 26.11 -0.78 16.74
CA ASN F 71 24.73 -0.37 16.82
C ASN F 71 24.31 0.21 18.18
N ASN F 72 22.98 0.42 18.37
CA ASN F 72 22.47 1.15 19.54
C ASN F 72 22.44 0.35 20.81
N LEU F 73 22.52 -0.98 20.68
CA LEU F 73 22.82 -1.81 21.86
C LEU F 73 24.27 -2.23 21.98
N GLU F 74 25.17 -1.50 21.35
CA GLU F 74 26.61 -1.76 21.50
C GLU F 74 27.41 -0.46 21.77
N ARG F 75 26.80 0.43 22.54
CA ARG F 75 27.36 1.72 22.84
C ARG F 75 28.57 1.59 23.76
N ARG F 76 28.63 0.56 24.58
CA ARG F 76 29.83 0.31 25.39
C ARG F 76 31.04 0.00 24.53
N ILE F 77 30.85 -0.78 23.46
CA ILE F 77 31.96 -1.14 22.56
C ILE F 77 32.32 0.06 21.68
N GLU F 78 31.32 0.78 21.21
CA GLU F 78 31.56 2.08 20.53
C GLU F 78 32.34 3.04 21.44
N ASN F 79 31.97 3.09 22.72
CA ASN F 79 32.73 3.91 23.68
C ASN F 79 34.16 3.40 23.89
N LEU F 80 34.35 2.10 23.96
CA LEU F 80 35.70 1.54 23.99
C LEU F 80 36.54 1.95 22.75
N ASN F 81 35.94 1.81 21.58
CA ASN F 81 36.58 2.27 20.36
C ASN F 81 36.91 3.76 20.39
N LYS F 82 35.99 4.55 20.93
CA LYS F 82 36.24 5.99 21.10
C LYS F 82 37.40 6.33 22.10
N LYS F 83 37.47 5.65 23.25
CA LYS F 83 38.59 5.83 24.15
C LYS F 83 39.87 5.51 23.45
N MET F 84 39.84 4.44 22.66
CA MET F 84 41.01 4.02 21.92
C MET F 84 41.45 5.12 20.94
N GLU F 85 40.58 5.47 20.02
CA GLU F 85 40.86 6.57 19.04
C GLU F 85 41.38 7.86 19.70
N ASP F 86 40.73 8.32 20.76
CA ASP F 86 41.15 9.54 21.45
C ASP F 86 42.50 9.35 22.11
N GLY F 87 42.67 8.20 22.74
CA GLY F 87 43.96 7.77 23.29
C GLY F 87 45.07 7.94 22.29
N PHE F 88 44.91 7.33 21.11
CA PHE F 88 45.96 7.47 20.05
C PHE F 88 46.08 8.88 19.51
N LEU F 89 44.98 9.59 19.37
CA LEU F 89 45.05 10.98 18.97
C LEU F 89 45.92 11.78 19.96
N ASP F 90 45.75 11.54 21.27
CA ASP F 90 46.51 12.29 22.26
C ASP F 90 47.97 11.93 22.26
N VAL F 91 48.25 10.61 22.18
CA VAL F 91 49.64 10.16 22.14
C VAL F 91 50.32 10.81 20.94
N TRP F 92 49.71 10.73 19.78
CA TRP F 92 50.37 11.25 18.58
C TRP F 92 50.50 12.74 18.59
N THR F 93 49.44 13.44 18.99
CA THR F 93 49.47 14.89 19.03
C THR F 93 50.61 15.42 19.91
N TYR F 94 50.68 14.95 21.13
CA TYR F 94 51.68 15.39 22.08
C TYR F 94 53.10 15.04 21.61
N ASN F 95 53.30 13.78 21.23
CA ASN F 95 54.63 13.34 20.81
C ASN F 95 55.14 14.04 19.55
N ALA F 96 54.25 14.30 18.60
CA ALA F 96 54.65 15.01 17.39
C ALA F 96 54.93 16.48 17.71
N GLU F 97 54.08 17.06 18.57
CA GLU F 97 54.22 18.44 18.94
C GLU F 97 55.59 18.66 19.60
N LEU F 98 55.88 17.84 20.59
CA LEU F 98 57.13 17.94 21.36
C LEU F 98 58.33 17.54 20.55
N LEU F 99 58.17 16.58 19.66
CA LEU F 99 59.23 16.15 18.77
C LEU F 99 59.64 17.32 17.90
N VAL F 100 58.68 18.08 17.41
CA VAL F 100 59.02 19.24 16.57
C VAL F 100 59.79 20.31 17.37
N LEU F 101 59.20 20.74 18.49
CA LEU F 101 59.88 21.66 19.41
C LEU F 101 61.33 21.29 19.75
N MET F 102 61.54 20.01 20.09
CA MET F 102 62.87 19.53 20.53
C MET F 102 63.86 19.53 19.39
N GLU F 103 63.43 19.05 18.24
CA GLU F 103 64.36 18.95 17.11
C GLU F 103 64.66 20.34 16.50
N ASN F 104 63.70 21.25 16.57
CA ASN F 104 63.97 22.62 16.19
C ASN F 104 65.06 23.30 17.08
N GLU F 105 64.96 23.22 18.40
CA GLU F 105 66.05 23.68 19.25
C GLU F 105 67.40 23.04 18.85
N ARG F 106 67.38 21.73 18.63
CA ARG F 106 68.58 20.98 18.22
C ARG F 106 69.15 21.48 16.91
N THR F 107 68.30 21.70 15.91
CA THR F 107 68.75 22.19 14.62
C THR F 107 69.36 23.63 14.67
N LEU F 108 68.70 24.51 15.42
CA LEU F 108 69.20 25.86 15.57
C LEU F 108 70.57 25.88 16.33
N ASP F 109 70.71 25.03 17.35
CA ASP F 109 71.98 24.87 18.04
C ASP F 109 73.07 24.27 17.18
N PHE F 110 72.69 23.32 16.32
CA PHE F 110 73.61 22.75 15.31
C PHE F 110 74.24 23.85 14.45
N HIS F 111 73.44 24.82 14.01
CA HIS F 111 73.95 25.89 13.15
C HIS F 111 74.94 26.76 13.93
N ASP F 112 74.55 27.13 15.14
CA ASP F 112 75.40 27.88 16.04
C ASP F 112 76.71 27.16 16.31
N SER F 113 76.66 25.88 16.51
CA SER F 113 77.85 25.10 16.67
C SER F 113 78.72 25.10 15.38
N ASN F 114 78.11 25.07 14.20
CA ASN F 114 78.90 25.08 12.96
C ASN F 114 79.55 26.43 12.70
N VAL F 115 78.81 27.48 13.01
CA VAL F 115 79.32 28.81 12.90
C VAL F 115 80.53 28.97 13.81
N LYS F 116 80.37 28.57 15.09
CA LYS F 116 81.44 28.75 16.09
C LYS F 116 82.72 27.99 15.69
N ASN F 117 82.58 26.83 15.10
CA ASN F 117 83.75 26.03 14.69
C ASN F 117 84.50 26.72 13.56
N LEU F 118 83.76 27.31 12.61
CA LEU F 118 84.35 28.12 11.52
C LEU F 118 85.08 29.33 12.07
N TYR F 119 84.53 29.96 13.11
CA TYR F 119 85.16 31.05 13.80
C TYR F 119 86.49 30.66 14.47
N ASP F 120 86.53 29.48 15.03
CA ASP F 120 87.69 29.02 15.79
C ASP F 120 88.82 28.69 14.85
N LYS F 121 88.52 28.02 13.74
CA LYS F 121 89.51 27.79 12.68
C LYS F 121 90.24 29.12 12.31
N VAL F 122 89.52 30.22 12.26
CA VAL F 122 90.12 31.50 11.95
C VAL F 122 90.92 32.01 13.14
N ARG F 123 90.31 31.96 14.30
CA ARG F 123 90.94 32.47 15.50
C ARG F 123 92.30 31.87 15.80
N LEU F 124 92.41 30.55 15.73
CA LEU F 124 93.70 29.90 15.96
C LEU F 124 94.76 30.25 14.90
N GLN F 125 94.32 30.56 13.68
CA GLN F 125 95.23 30.99 12.61
C GLN F 125 95.83 32.40 12.83
N LEU F 126 94.97 33.35 13.18
CA LEU F 126 95.36 34.75 13.31
C LEU F 126 96.17 35.06 14.59
N ARG F 127 95.71 34.56 15.73
CA ARG F 127 96.31 34.79 17.03
C ARG F 127 96.39 36.30 17.37
N ASP F 128 97.62 36.82 17.55
CA ASP F 128 97.86 38.26 17.82
C ASP F 128 97.96 39.12 16.55
N ASN F 129 98.19 38.50 15.38
CA ASN F 129 98.08 39.26 14.08
C ASN F 129 96.76 39.99 13.81
N ALA F 130 95.70 39.63 14.54
CA ALA F 130 94.42 40.38 14.47
C ALA F 130 93.81 40.46 15.85
N LYS F 131 92.86 41.35 16.06
CA LYS F 131 92.08 41.41 17.31
C LYS F 131 90.62 41.03 17.12
N GLU F 132 90.06 40.34 18.10
CA GLU F 132 88.64 39.96 18.09
C GLU F 132 87.75 41.08 18.56
N LEU F 133 86.71 41.36 17.80
CA LEU F 133 85.84 42.50 18.10
C LEU F 133 84.68 42.03 18.93
N GLY F 134 84.49 40.72 19.00
CA GLY F 134 83.40 40.14 19.77
C GLY F 134 82.10 40.09 19.00
N ASN F 135 82.19 40.27 17.69
CA ASN F 135 80.98 40.30 16.84
C ASN F 135 81.12 39.30 15.72
N GLY F 136 82.14 38.43 15.85
CA GLY F 136 82.43 37.39 14.87
C GLY F 136 83.45 37.86 13.86
N CYS F 137 83.89 39.11 14.04
CA CYS F 137 84.89 39.72 13.16
C CYS F 137 86.27 39.76 13.79
N PHE F 138 87.29 39.77 12.96
CA PHE F 138 88.67 40.03 13.36
C PHE F 138 89.17 41.23 12.58
N GLU F 139 89.70 42.22 13.29
CA GLU F 139 90.37 43.36 12.68
C GLU F 139 91.86 43.03 12.61
N PHE F 140 92.40 42.90 11.40
CA PHE F 140 93.83 42.68 11.21
C PHE F 140 94.70 43.91 11.61
N TYR F 141 95.95 43.63 11.93
CA TYR F 141 97.01 44.61 12.14
C TYR F 141 97.88 44.67 10.87
N HIS F 142 98.07 43.50 10.26
CA HIS F 142 98.53 43.22 8.90
C HIS F 142 97.59 43.87 7.90
N ARG F 143 98.13 44.24 6.73
CA ARG F 143 97.30 44.40 5.55
C ARG F 143 97.01 43.02 5.00
N CYS F 144 95.73 42.74 4.82
CA CYS F 144 95.31 41.44 4.34
C CYS F 144 94.63 41.58 2.96
N ASP F 145 95.41 41.33 1.92
CA ASP F 145 94.94 41.36 0.55
C ASP F 145 93.95 40.20 0.18
N ASN F 146 93.47 40.21 -1.05
CA ASN F 146 92.53 39.21 -1.52
C ASN F 146 93.10 37.78 -1.38
N GLU F 147 94.40 37.64 -1.61
CA GLU F 147 95.10 36.36 -1.48
C GLU F 147 95.21 35.94 -0.02
N CYS F 148 95.57 36.90 0.83
CA CYS F 148 95.63 36.71 2.27
C CYS F 148 94.27 36.21 2.79
N MET F 149 93.18 36.78 2.28
CA MET F 149 91.84 36.33 2.68
C MET F 149 91.54 34.91 2.24
N GLU F 150 91.82 34.59 0.98
CA GLU F 150 91.70 33.22 0.45
C GLU F 150 92.64 32.24 1.12
N SER F 151 93.65 32.74 1.86
CA SER F 151 94.50 31.93 2.75
C SER F 151 93.92 31.71 4.15
N VAL F 152 93.17 32.70 4.67
CA VAL F 152 92.46 32.54 5.94
C VAL F 152 91.25 31.64 5.79
N ARG F 153 90.60 31.67 4.64
CA ARG F 153 89.38 30.89 4.43
C ARG F 153 89.71 29.44 4.33
N ASN F 154 90.73 29.12 3.54
CA ASN F 154 91.10 27.71 3.30
C ASN F 154 92.11 27.14 4.31
N GLY F 155 92.19 27.76 5.48
CA GLY F 155 92.98 27.23 6.59
C GLY F 155 94.50 27.25 6.39
N THR F 156 95.02 28.00 5.41
CA THR F 156 96.48 27.93 5.22
C THR F 156 97.08 28.66 6.43
N TYR F 162 103.69 32.79 6.66
CA TYR F 162 103.31 34.17 6.97
C TYR F 162 103.82 34.71 8.32
N SER F 163 103.72 33.87 9.34
CA SER F 163 103.70 34.31 10.71
C SER F 163 105.01 34.84 11.30
N GLU F 164 106.15 34.75 10.60
CA GLU F 164 107.40 35.49 10.96
C GLU F 164 107.43 36.91 10.36
N GLU F 165 106.63 37.13 9.31
CA GLU F 165 106.69 38.26 8.38
C GLU F 165 105.41 39.11 8.64
N ALA F 166 104.32 38.40 8.92
CA ALA F 166 103.14 39.03 9.43
C ALA F 166 103.35 39.41 10.89
N ARG F 167 104.14 38.61 11.61
CA ARG F 167 104.28 38.84 13.05
C ARG F 167 104.90 40.20 13.33
N LEU F 168 105.93 40.55 12.58
CA LEU F 168 106.49 41.89 12.68
C LEU F 168 105.43 42.98 12.79
N LYS F 169 104.51 43.02 11.82
CA LYS F 169 103.49 44.07 11.79
C LYS F 169 102.31 43.69 12.74
N ARG F 170 102.56 42.74 13.65
CA ARG F 170 101.82 42.64 14.92
C ARG F 170 102.61 43.37 15.98
N GLU F 171 103.90 43.05 16.05
CA GLU F 171 104.76 43.56 17.10
C GLU F 171 104.90 45.08 16.94
N GLU F 172 104.96 45.57 15.71
CA GLU F 172 105.04 47.02 15.44
C GLU F 172 103.79 47.80 15.84
N ILE F 173 102.93 47.17 16.64
CA ILE F 173 101.62 47.70 17.03
C ILE F 173 101.24 47.33 18.48
N SER F 174 101.69 46.16 18.92
CA SER F 174 101.82 45.87 20.35
C SER F 174 102.72 46.97 20.95
N SER F 175 103.45 47.66 20.08
CA SER F 175 103.86 49.05 20.35
C SER F 175 103.41 49.92 19.17
N GLY F 176 102.64 50.97 19.46
CA GLY F 176 102.09 51.88 18.45
C GLY F 176 102.85 51.96 17.14
N ASP G 5 -0.41 16.43 1.00
CA ASP G 5 0.27 17.29 0.02
C ASP G 5 0.74 18.55 0.70
N GLN G 6 1.98 18.95 0.38
CA GLN G 6 2.60 20.16 0.94
C GLN G 6 3.26 21.06 -0.11
N ILE G 7 3.20 22.36 0.14
CA ILE G 7 4.04 23.31 -0.51
C ILE G 7 4.71 24.18 0.56
N CYS G 8 6.02 24.42 0.42
CA CYS G 8 6.82 25.16 1.38
C CYS G 8 7.45 26.34 0.67
N ILE G 9 7.69 27.39 1.45
CA ILE G 9 8.50 28.52 0.98
C ILE G 9 9.84 28.56 1.70
N GLY G 10 10.88 28.86 0.98
CA GLY G 10 12.21 28.80 1.51
C GLY G 10 13.27 29.48 0.67
N TYR G 11 14.52 29.29 1.06
CA TYR G 11 15.62 29.97 0.41
C TYR G 11 16.83 29.04 0.10
N HIS G 12 17.68 29.55 -0.76
CA HIS G 12 18.81 28.84 -1.37
C HIS G 12 19.86 28.54 -0.35
N ALA G 13 20.54 27.43 -0.54
CA ALA G 13 21.69 27.05 0.25
C ALA G 13 22.73 26.48 -0.67
N ASN G 14 23.97 26.39 -0.18
CA ASN G 14 25.04 25.72 -0.95
C ASN G 14 26.15 25.20 -0.02
N ASN G 15 27.31 24.85 -0.57
CA ASN G 15 28.41 24.28 0.21
C ASN G 15 29.31 25.35 0.85
N SER G 16 29.07 26.61 0.53
CA SER G 16 29.86 27.75 1.06
C SER G 16 30.08 27.72 2.60
N THR G 17 31.34 27.98 2.98
CA THR G 17 31.73 28.16 4.38
C THR G 17 32.17 29.62 4.64
N GLU G 18 31.84 30.52 3.70
CA GLU G 18 32.18 31.95 3.84
C GLU G 18 31.38 32.55 4.99
N GLN G 19 32.08 33.15 5.93
CA GLN G 19 31.46 33.75 7.13
C GLN G 19 31.57 35.27 7.14
N VAL G 20 30.53 35.88 7.69
CA VAL G 20 30.38 37.29 7.68
C VAL G 20 29.94 37.70 9.10
N ASP G 21 30.12 38.97 9.49
CA ASP G 21 29.64 39.46 10.77
C ASP G 21 28.59 40.55 10.55
N THR G 22 27.64 40.63 11.47
CA THR G 22 26.59 41.62 11.48
C THR G 22 26.73 42.40 12.77
N ILE G 23 26.05 43.52 12.85
CA ILE G 23 26.04 44.34 14.04
C ILE G 23 25.62 43.56 15.26
N MET G 24 24.66 42.64 15.02
CA MET G 24 23.87 41.93 15.99
C MET G 24 24.36 40.48 16.25
N GLU G 25 25.09 39.89 15.32
CA GLU G 25 25.54 38.49 15.38
C GLU G 25 26.89 38.25 14.69
N LYS G 26 27.65 37.34 15.27
CA LYS G 26 29.00 37.05 14.76
C LYS G 26 29.02 35.73 13.98
N ASN G 27 29.83 35.66 12.92
CA ASN G 27 30.18 34.38 12.29
C ASN G 27 28.96 33.73 11.70
N VAL G 28 28.32 34.47 10.81
CA VAL G 28 27.16 33.98 10.12
C VAL G 28 27.62 33.37 8.80
N THR G 29 27.42 32.09 8.63
CA THR G 29 27.86 31.42 7.43
C THR G 29 26.89 31.85 6.34
N VAL G 30 27.39 32.07 5.15
CA VAL G 30 26.63 32.75 4.13
C VAL G 30 26.89 32.08 2.77
N THR G 31 25.97 32.23 1.84
CA THR G 31 26.08 31.54 0.55
C THR G 31 27.12 32.20 -0.36
N HIS G 32 27.12 33.53 -0.40
CA HIS G 32 28.09 34.24 -1.19
C HIS G 32 28.52 35.52 -0.47
N ALA G 33 29.74 35.94 -0.73
CA ALA G 33 30.27 37.11 -0.06
C ALA G 33 31.35 37.78 -0.92
N GLN G 34 31.59 39.06 -0.62
CA GLN G 34 32.53 39.88 -1.36
C GLN G 34 33.35 40.72 -0.39
N ASP G 35 34.66 40.48 -0.36
CA ASP G 35 35.62 41.30 0.44
C ASP G 35 35.76 42.67 -0.25
N ILE G 36 35.64 43.74 0.51
CA ILE G 36 35.73 45.10 0.00
C ILE G 36 37.12 45.68 0.37
N LEU G 37 37.99 44.83 0.94
CA LEU G 37 39.33 45.17 1.30
C LEU G 37 40.39 44.60 0.36
N GLU G 38 41.25 45.45 -0.19
CA GLU G 38 42.32 44.98 -1.08
C GLU G 38 43.48 44.63 -0.21
N LYS G 39 43.95 43.40 -0.35
CA LYS G 39 45.03 42.86 0.48
C LYS G 39 46.18 42.33 -0.31
N THR G 40 46.10 42.35 -1.65
CA THR G 40 47.18 41.83 -2.49
C THR G 40 47.97 42.92 -3.33
N HIS G 41 49.26 42.70 -3.47
CA HIS G 41 50.13 43.59 -4.26
C HIS G 41 51.00 42.73 -5.15
N ASN G 42 51.67 43.36 -6.09
CA ASN G 42 52.40 42.63 -7.15
C ASN G 42 53.88 42.54 -6.89
N GLY G 43 54.36 43.13 -5.81
CA GLY G 43 55.80 42.94 -5.45
C GLY G 43 56.82 43.67 -6.29
N LYS G 44 56.36 44.65 -7.07
CA LYS G 44 57.19 45.36 -8.05
C LYS G 44 56.97 46.89 -7.98
N LEU G 45 57.97 47.66 -8.37
CA LEU G 45 57.81 49.09 -8.58
C LEU G 45 57.36 49.28 -10.03
N CYS G 46 56.32 50.09 -10.24
CA CYS G 46 55.72 50.27 -11.51
C CYS G 46 55.63 51.69 -11.96
N ASN G 47 55.40 51.89 -13.26
CA ASN G 47 55.06 53.18 -13.78
C ASN G 47 53.80 53.59 -13.09
N LEU G 48 53.61 54.87 -12.89
CA LEU G 48 52.42 55.39 -12.18
C LEU G 48 51.64 56.28 -13.16
N ASP G 49 50.44 55.83 -13.48
CA ASP G 49 49.66 56.41 -14.59
C ASP G 49 50.43 56.50 -15.92
N GLY G 50 51.25 55.51 -16.22
CA GLY G 50 52.04 55.55 -17.44
C GLY G 50 53.45 56.17 -17.40
N VAL G 51 53.85 56.79 -16.28
CA VAL G 51 55.16 57.45 -16.20
C VAL G 51 56.11 56.72 -15.29
N LYS G 52 57.32 56.44 -15.79
CA LYS G 52 58.30 55.68 -15.07
C LYS G 52 58.68 56.44 -13.78
N PRO G 53 59.06 55.71 -12.71
CA PRO G 53 59.73 56.38 -11.60
C PRO G 53 61.18 56.65 -11.86
N LEU G 54 61.72 57.66 -11.16
CA LEU G 54 63.15 57.88 -11.13
C LEU G 54 63.74 57.03 -10.03
N ILE G 55 64.54 56.05 -10.39
CA ILE G 55 65.04 55.06 -9.46
C ILE G 55 66.48 55.36 -9.23
N LEU G 56 66.78 55.81 -8.02
CA LEU G 56 68.15 56.01 -7.57
C LEU G 56 68.55 54.84 -6.66
N ARG G 57 69.55 54.06 -7.07
CA ARG G 57 69.90 52.83 -6.36
C ARG G 57 70.44 53.14 -4.98
N ASP G 58 71.73 53.43 -4.85
CA ASP G 58 72.29 53.86 -3.55
C ASP G 58 72.92 55.20 -3.73
N CYS G 59 72.04 56.10 -4.14
CA CYS G 59 72.42 57.44 -4.51
C CYS G 59 71.40 58.32 -3.84
N SER G 60 71.86 59.41 -3.22
CA SER G 60 70.93 60.43 -2.73
C SER G 60 70.51 61.36 -3.87
N VAL G 61 69.46 62.13 -3.67
CA VAL G 61 69.10 63.14 -4.66
C VAL G 61 70.29 64.15 -4.72
N ALA G 62 70.89 64.45 -3.58
CA ALA G 62 72.01 65.38 -3.58
C ALA G 62 73.17 64.92 -4.48
N GLY G 63 73.62 63.69 -4.27
CA GLY G 63 74.71 63.15 -5.05
C GLY G 63 74.35 62.98 -6.51
N TRP G 64 73.09 62.70 -6.77
CA TRP G 64 72.63 62.61 -8.17
C TRP G 64 72.68 64.01 -8.83
N LEU G 65 72.18 65.02 -8.14
CA LEU G 65 72.19 66.39 -8.68
C LEU G 65 73.58 67.01 -8.83
N LEU G 66 74.47 66.75 -7.88
CA LEU G 66 75.82 67.27 -7.99
C LEU G 66 76.63 66.60 -9.10
N GLY G 67 76.09 65.55 -9.70
CA GLY G 67 76.75 64.92 -10.90
C GLY G 67 77.78 63.83 -10.57
N ASN G 68 77.43 62.95 -9.64
CA ASN G 68 78.20 61.79 -9.40
C ASN G 68 78.06 60.90 -10.63
N PRO G 69 79.20 60.59 -11.29
CA PRO G 69 79.23 59.86 -12.56
C PRO G 69 78.66 58.46 -12.45
N MET G 70 78.78 57.85 -11.27
CA MET G 70 77.99 56.67 -10.93
C MET G 70 76.61 57.22 -10.73
N CYS G 71 75.86 56.89 -9.67
CA CYS G 71 74.47 57.37 -9.66
C CYS G 71 73.85 57.04 -11.01
N ASP G 72 73.97 55.77 -11.41
CA ASP G 72 73.77 55.34 -12.81
C ASP G 72 73.86 56.56 -13.73
N GLU G 73 74.98 56.81 -14.41
CA GLU G 73 75.01 58.01 -15.26
C GLU G 73 74.02 57.84 -16.39
N PHE G 74 73.43 56.65 -16.45
CA PHE G 74 72.35 56.35 -17.39
C PHE G 74 71.01 56.93 -16.95
N LEU G 75 70.94 57.41 -15.70
CA LEU G 75 69.77 58.12 -15.17
C LEU G 75 69.71 59.54 -15.68
N ASN G 76 69.31 59.68 -16.94
CA ASN G 76 69.20 60.92 -17.64
C ASN G 76 67.72 61.13 -18.03
N VAL G 77 66.79 60.61 -17.22
CA VAL G 77 65.38 60.44 -17.72
C VAL G 77 64.63 61.77 -17.72
N PRO G 78 63.93 62.10 -18.84
CA PRO G 78 63.40 63.45 -19.03
C PRO G 78 62.19 63.74 -18.17
N GLU G 79 61.68 62.74 -17.46
CA GLU G 79 60.35 62.85 -16.85
C GLU G 79 60.17 61.68 -15.87
N TRP G 80 59.43 61.93 -14.79
CA TRP G 80 59.19 60.85 -13.81
C TRP G 80 58.04 61.24 -12.87
N SER G 81 57.33 60.25 -12.36
CA SER G 81 56.11 60.49 -11.58
C SER G 81 56.36 60.46 -10.06
N TYR G 82 57.37 59.69 -9.63
CA TYR G 82 57.86 59.66 -8.26
C TYR G 82 59.31 59.22 -8.24
N ILE G 83 59.98 59.40 -7.10
CA ILE G 83 61.36 58.96 -6.95
C ILE G 83 61.42 57.82 -5.99
N VAL G 84 62.29 56.85 -6.28
CA VAL G 84 62.61 55.75 -5.35
C VAL G 84 64.10 55.78 -4.95
N GLU G 85 64.36 55.89 -3.64
CA GLU G 85 65.68 55.60 -3.07
C GLU G 85 65.55 54.26 -2.32
N LYS G 86 66.69 53.63 -2.04
CA LYS G 86 66.76 52.53 -1.08
C LYS G 86 66.51 53.10 0.35
N ILE G 87 66.14 52.23 1.29
CA ILE G 87 65.84 52.69 2.68
C ILE G 87 67.07 53.35 3.32
N ASN G 88 68.21 52.66 3.24
CA ASN G 88 69.49 53.22 3.61
C ASN G 88 70.27 53.51 2.31
N PRO G 89 70.32 54.77 1.87
CA PRO G 89 71.34 55.10 0.89
C PRO G 89 72.60 55.57 1.62
N ALA G 90 73.76 55.46 0.96
CA ALA G 90 75.07 55.80 1.54
C ALA G 90 76.05 56.56 0.66
N ASN G 91 76.03 56.28 -0.64
CA ASN G 91 76.96 56.96 -1.55
C ASN G 91 76.30 58.27 -1.99
N ASP G 92 76.41 59.28 -1.11
CA ASP G 92 75.82 60.60 -1.34
C ASP G 92 76.92 61.59 -1.71
N LEU G 93 77.65 62.04 -0.69
CA LEU G 93 78.59 63.13 -0.79
C LEU G 93 79.93 62.56 -0.34
N CYS G 94 80.85 62.32 -1.29
CA CYS G 94 82.24 61.93 -0.96
C CYS G 94 82.86 62.89 0.06
N TYR G 95 82.81 64.20 -0.20
CA TYR G 95 83.23 65.23 0.79
C TYR G 95 82.12 65.58 1.79
N PRO G 96 82.43 65.60 3.13
CA PRO G 96 81.37 65.85 4.12
C PRO G 96 80.73 67.22 3.95
N GLY G 97 79.42 67.19 3.86
CA GLY G 97 78.75 68.44 3.76
C GLY G 97 77.25 68.34 3.83
N ASN G 98 76.65 69.45 3.49
CA ASN G 98 75.28 69.74 3.74
C ASN G 98 74.70 70.46 2.53
N PHE G 99 73.43 70.16 2.19
CA PHE G 99 72.69 70.86 1.20
C PHE G 99 71.67 71.77 1.92
N ASN G 100 71.61 73.03 1.53
CA ASN G 100 70.64 73.96 2.11
C ASN G 100 69.24 73.70 1.54
N ASP G 101 68.22 73.77 2.40
CA ASP G 101 66.81 73.48 2.06
C ASP G 101 66.76 72.21 1.21
N TYR G 102 67.45 71.18 1.67
CA TYR G 102 67.51 69.92 1.00
C TYR G 102 66.12 69.31 0.84
N GLU G 103 65.34 69.26 1.92
CA GLU G 103 64.03 68.58 1.85
C GLU G 103 63.10 69.23 0.86
N GLU G 104 63.13 70.55 0.75
CA GLU G 104 62.31 71.24 -0.20
C GLU G 104 62.79 70.94 -1.61
N LEU G 105 64.10 70.69 -1.76
CA LEU G 105 64.64 70.32 -3.09
C LEU G 105 64.19 68.99 -3.56
N LYS G 106 64.23 68.02 -2.66
CA LYS G 106 63.76 66.66 -2.93
C LYS G 106 62.28 66.67 -3.31
N HIS G 107 61.49 67.38 -2.54
CA HIS G 107 60.11 67.41 -2.75
C HIS G 107 59.79 68.01 -4.12
N LEU G 108 60.48 69.09 -4.49
CA LEU G 108 60.26 69.75 -5.74
C LEU G 108 60.65 68.83 -6.91
N LEU G 109 61.69 68.00 -6.73
CA LEU G 109 62.17 67.04 -7.78
C LEU G 109 61.43 65.71 -7.75
N SER G 110 60.51 65.53 -6.79
CA SER G 110 59.78 64.23 -6.67
C SER G 110 58.91 63.87 -7.89
N ARG G 111 58.44 64.85 -8.62
CA ARG G 111 57.66 64.64 -9.88
C ARG G 111 57.96 65.78 -10.83
N ILE G 112 58.50 65.43 -11.98
CA ILE G 112 58.99 66.37 -12.94
C ILE G 112 58.44 66.01 -14.31
N ASN G 113 57.86 67.02 -14.97
CA ASN G 113 57.31 66.88 -16.29
C ASN G 113 58.32 66.96 -17.41
N HIS G 114 59.37 67.75 -17.21
CA HIS G 114 60.53 67.77 -18.10
C HIS G 114 61.82 68.22 -17.35
N PHE G 115 62.91 67.55 -17.65
CA PHE G 115 64.20 67.71 -16.97
C PHE G 115 65.28 67.51 -18.01
N GLU G 116 66.19 68.44 -18.08
CA GLU G 116 67.30 68.36 -19.01
C GLU G 116 68.54 69.11 -18.45
N LYS G 117 69.63 68.37 -18.32
CA LYS G 117 70.89 68.90 -17.98
C LYS G 117 71.42 69.77 -19.10
N ILE G 118 71.90 70.98 -18.80
CA ILE G 118 72.59 71.79 -19.78
C ILE G 118 73.79 72.43 -19.13
N GLN G 119 74.85 72.58 -19.93
CA GLN G 119 76.08 73.22 -19.52
C GLN G 119 75.83 74.71 -19.48
N ILE G 120 76.15 75.32 -18.34
CA ILE G 120 75.86 76.72 -18.09
C ILE G 120 77.14 77.56 -17.96
N ILE G 121 78.20 76.98 -17.41
CA ILE G 121 79.54 77.59 -17.43
C ILE G 121 80.57 76.50 -17.74
N PRO G 122 81.11 76.50 -18.95
CA PRO G 122 82.09 75.47 -19.26
C PRO G 122 83.25 75.45 -18.25
N LYS G 123 83.74 74.26 -17.93
CA LYS G 123 84.90 74.09 -17.13
C LYS G 123 86.13 74.83 -17.71
N SER G 124 86.20 74.91 -19.03
CA SER G 124 87.34 75.50 -19.73
C SER G 124 87.28 77.03 -19.75
N SER G 125 86.19 77.64 -19.31
CA SER G 125 86.14 79.11 -19.31
C SER G 125 86.85 79.75 -18.17
N TRP G 126 87.42 78.97 -17.25
CA TRP G 126 88.19 79.55 -16.15
C TRP G 126 89.67 79.77 -16.52
N SER G 127 89.94 80.92 -17.10
CA SER G 127 91.31 81.23 -17.59
C SER G 127 92.10 81.67 -16.38
N ASP G 128 91.32 82.18 -15.42
CA ASP G 128 91.77 82.99 -14.24
C ASP G 128 92.13 82.15 -12.98
N HIS G 129 91.69 80.87 -12.99
CA HIS G 129 91.69 80.06 -11.79
C HIS G 129 91.83 78.64 -12.20
N GLU G 130 92.34 77.79 -11.31
CA GLU G 130 92.35 76.37 -11.49
C GLU G 130 90.95 75.80 -11.31
N ALA G 131 90.53 74.96 -12.27
CA ALA G 131 89.31 74.21 -12.19
C ALA G 131 89.51 72.75 -11.77
N SER G 132 88.68 72.22 -10.91
CA SER G 132 88.75 70.77 -10.56
C SER G 132 87.49 70.30 -9.83
N GLY G 133 87.23 68.99 -9.88
CA GLY G 133 86.01 68.42 -9.28
C GLY G 133 86.07 68.32 -7.79
N VAL G 134 84.94 68.00 -7.18
CA VAL G 134 84.92 67.88 -5.72
C VAL G 134 84.63 66.52 -5.16
N SER G 135 85.61 65.67 -5.01
CA SER G 135 85.36 64.33 -4.53
C SER G 135 85.39 64.37 -3.03
N PHE G 146 82.01 62.07 -7.22
CA PHE G 146 83.15 62.92 -7.40
C PHE G 146 82.59 64.32 -7.68
N PHE G 147 81.71 64.43 -8.68
CA PHE G 147 80.83 65.63 -8.95
C PHE G 147 81.24 66.35 -10.26
N ARG G 148 80.56 65.97 -11.32
CA ARG G 148 80.82 66.52 -12.65
C ARG G 148 80.04 67.82 -12.92
N ASN G 149 78.99 68.08 -12.16
CA ASN G 149 78.12 69.27 -12.43
C ASN G 149 78.55 70.53 -11.75
N VAL G 150 79.68 70.48 -11.04
CA VAL G 150 80.09 71.52 -10.14
C VAL G 150 81.62 71.53 -10.11
N VAL G 151 82.23 72.70 -10.07
CA VAL G 151 83.69 72.84 -10.18
C VAL G 151 84.29 73.54 -8.94
N TRP G 152 85.36 72.97 -8.41
CA TRP G 152 86.08 73.50 -7.27
C TRP G 152 87.13 74.43 -7.84
N LEU G 153 86.95 75.72 -7.60
CA LEU G 153 87.95 76.69 -8.07
C LEU G 153 89.06 76.91 -7.07
N THR G 154 90.30 77.03 -7.54
CA THR G 154 91.42 77.30 -6.65
C THR G 154 92.31 78.30 -7.32
N LYS G 155 93.24 78.83 -6.54
CA LYS G 155 94.16 79.85 -7.03
C LYS G 155 95.01 79.33 -8.22
N LYS G 156 95.41 80.24 -9.10
CA LYS G 156 96.27 79.95 -10.21
C LYS G 156 97.40 80.92 -10.17
N ASP G 157 98.57 80.45 -10.56
CA ASP G 157 99.81 81.05 -10.15
C ASP G 157 99.66 81.07 -8.63
N ASN G 158 99.85 82.21 -8.01
CA ASN G 158 99.63 82.24 -6.57
C ASN G 158 98.55 83.31 -6.26
N ALA G 159 97.44 83.25 -6.96
CA ALA G 159 96.46 84.32 -6.90
C ALA G 159 95.02 83.85 -7.22
N TYR G 160 94.05 84.61 -6.72
CA TYR G 160 92.67 84.30 -6.91
C TYR G 160 91.98 85.64 -7.15
N PRO G 161 91.95 86.09 -8.40
CA PRO G 161 91.30 87.34 -8.73
C PRO G 161 89.80 87.21 -8.49
N THR G 162 89.15 88.31 -8.16
CA THR G 162 87.72 88.27 -7.99
C THR G 162 87.08 87.69 -9.24
N ILE G 163 86.15 86.75 -9.05
CA ILE G 163 85.33 86.21 -10.13
C ILE G 163 84.12 87.08 -10.21
N LYS G 164 83.70 87.40 -11.45
CA LYS G 164 82.48 88.16 -11.70
C LYS G 164 81.81 87.56 -12.91
N ARG G 165 80.78 86.73 -12.67
CA ARG G 165 80.18 85.92 -13.71
C ARG G 165 78.67 85.97 -13.67
N SER G 166 78.05 86.00 -14.83
CA SER G 166 76.60 85.93 -14.93
C SER G 166 76.15 84.94 -16.03
N TYR G 167 74.96 84.45 -15.84
CA TYR G 167 74.32 83.57 -16.74
C TYR G 167 72.87 83.99 -16.85
N ASN G 168 72.49 84.31 -18.07
CA ASN G 168 71.18 84.73 -18.38
C ASN G 168 70.43 83.51 -18.89
N ASN G 169 69.32 83.16 -18.25
CA ASN G 169 68.53 82.00 -18.68
C ASN G 169 67.75 82.34 -19.98
N THR G 170 68.35 82.05 -21.13
CA THR G 170 67.71 82.31 -22.41
C THR G 170 66.62 81.30 -22.79
N ASN G 171 66.54 80.20 -22.07
CA ASN G 171 65.57 79.16 -22.36
C ASN G 171 64.20 79.63 -21.94
N GLN G 172 63.13 79.01 -22.46
CA GLN G 172 61.77 79.31 -22.01
C GLN G 172 61.42 78.61 -20.71
N GLU G 173 62.25 77.65 -20.35
CA GLU G 173 62.07 76.82 -19.19
C GLU G 173 62.83 77.44 -17.99
N ASP G 174 62.34 77.20 -16.78
CA ASP G 174 63.07 77.55 -15.57
C ASP G 174 64.23 76.63 -15.37
N LEU G 175 65.28 77.17 -14.71
CA LEU G 175 66.57 76.52 -14.55
C LEU G 175 66.82 76.24 -13.05
N LEU G 176 67.15 75.00 -12.70
CA LEU G 176 67.63 74.66 -11.38
C LEU G 176 69.18 74.77 -11.36
N VAL G 177 69.68 75.73 -10.58
CA VAL G 177 71.11 76.00 -10.41
C VAL G 177 71.59 75.62 -9.04
N LEU G 178 72.79 75.06 -8.99
CA LEU G 178 73.44 74.59 -7.78
C LEU G 178 74.83 75.26 -7.64
N TRP G 179 75.22 75.63 -6.41
CA TRP G 179 76.55 76.04 -6.11
C TRP G 179 76.80 75.79 -4.67
N GLY G 180 78.05 75.94 -4.24
CA GLY G 180 78.43 75.75 -2.90
C GLY G 180 79.63 76.54 -2.47
N ILE G 181 79.99 76.38 -1.19
CA ILE G 181 81.13 77.06 -0.62
C ILE G 181 81.96 75.98 0.06
N HIS G 182 83.26 76.22 0.15
CA HIS G 182 84.14 75.37 0.95
C HIS G 182 84.54 76.05 2.28
N HIS G 183 84.21 75.39 3.39
CA HIS G 183 84.63 75.81 4.70
C HIS G 183 85.91 75.08 5.09
N PRO G 184 87.04 75.76 4.98
CA PRO G 184 88.30 75.16 5.39
C PRO G 184 88.48 74.98 6.86
N ASN G 185 89.48 74.18 7.17
CA ASN G 185 89.82 73.79 8.53
C ASN G 185 90.70 74.84 9.24
N ASP G 186 91.51 75.59 8.49
CA ASP G 186 92.30 76.66 9.12
C ASP G 186 92.86 77.66 8.12
N ALA G 187 93.40 78.74 8.60
CA ALA G 187 93.86 79.82 7.72
C ALA G 187 94.93 79.36 6.78
N ALA G 188 95.72 78.38 7.18
CA ALA G 188 96.79 77.82 6.30
C ALA G 188 96.19 77.10 5.06
N GLU G 189 95.18 76.23 5.30
CA GLU G 189 94.42 75.66 4.20
C GLU G 189 93.73 76.75 3.34
N GLN G 190 93.15 77.74 3.99
CA GLN G 190 92.45 78.83 3.27
C GLN G 190 93.34 79.53 2.22
N THR G 191 94.53 79.97 2.62
CA THR G 191 95.39 80.68 1.70
C THR G 191 96.13 79.68 0.71
N ARG G 192 96.42 78.47 1.18
CA ARG G 192 97.03 77.43 0.35
C ARG G 192 96.14 77.14 -0.83
N LEU G 193 94.83 77.01 -0.58
CA LEU G 193 93.83 76.85 -1.64
C LEU G 193 93.38 78.08 -2.43
N TYR G 194 93.26 79.24 -1.76
CA TYR G 194 92.61 80.41 -2.38
C TYR G 194 93.40 81.67 -2.34
N GLN G 195 94.62 81.65 -1.78
CA GLN G 195 95.45 82.83 -1.45
C GLN G 195 94.87 83.88 -0.51
N ASN G 196 93.69 84.40 -0.83
CA ASN G 196 93.17 85.52 -0.09
C ASN G 196 92.66 85.03 1.26
N PRO G 197 93.11 85.62 2.34
CA PRO G 197 92.72 85.10 3.66
C PRO G 197 91.31 85.45 4.00
N THR G 198 90.83 86.61 3.54
CA THR G 198 89.48 87.07 3.79
C THR G 198 88.58 87.11 2.52
N THR G 199 87.45 86.45 2.59
CA THR G 199 86.82 85.89 1.41
C THR G 199 85.32 85.84 1.47
N TYR G 200 84.66 85.99 0.33
CA TYR G 200 83.17 85.98 0.27
C TYR G 200 82.67 85.35 -1.03
N ILE G 201 81.41 84.92 -1.00
CA ILE G 201 80.69 84.62 -2.21
C ILE G 201 79.41 85.40 -2.20
N SER G 202 79.07 86.02 -3.32
CA SER G 202 77.84 86.75 -3.46
C SER G 202 77.07 86.16 -4.63
N VAL G 203 75.77 85.99 -4.48
CA VAL G 203 74.97 85.36 -5.51
C VAL G 203 73.61 86.10 -5.63
N GLY G 204 73.25 86.44 -6.88
CA GLY G 204 72.23 87.42 -7.14
C GLY G 204 71.34 87.00 -8.28
N THR G 205 70.06 87.24 -8.08
CA THR G 205 69.03 86.84 -9.02
C THR G 205 67.98 87.96 -8.89
N SER G 206 66.83 87.85 -9.56
CA SER G 206 65.79 88.88 -9.37
C SER G 206 65.23 88.71 -8.00
N THR G 207 65.37 87.50 -7.46
CA THR G 207 64.78 87.08 -6.16
C THR G 207 65.84 86.79 -5.10
N LEU G 208 66.96 86.22 -5.48
CA LEU G 208 68.01 85.86 -4.55
C LEU G 208 69.00 86.99 -4.39
N ASN G 209 69.39 87.21 -3.13
CA ASN G 209 70.41 88.16 -2.73
C ASN G 209 71.27 87.54 -1.57
N GLN G 210 72.24 86.74 -1.96
CA GLN G 210 72.97 85.88 -1.01
C GLN G 210 74.42 86.31 -0.78
N ARG G 211 74.87 86.20 0.45
CA ARG G 211 76.23 86.54 0.80
C ARG G 211 76.71 85.43 1.72
N LEU G 212 77.77 84.75 1.33
CA LEU G 212 78.34 83.62 2.11
C LEU G 212 79.80 84.00 2.43
N VAL G 213 80.18 83.88 3.70
CA VAL G 213 81.51 84.06 4.22
C VAL G 213 81.92 82.67 4.80
N PRO G 214 83.02 82.13 4.37
CA PRO G 214 83.35 80.78 4.83
C PRO G 214 83.66 80.75 6.34
N LYS G 215 83.24 79.68 7.01
CA LYS G 215 83.51 79.49 8.42
C LYS G 215 84.74 78.60 8.60
N ILE G 216 85.81 79.21 9.05
CA ILE G 216 87.08 78.57 9.20
C ILE G 216 87.27 78.14 10.63
N ALA G 217 87.19 76.87 10.90
CA ALA G 217 87.28 76.35 12.28
C ALA G 217 87.81 74.93 12.32
N THR G 218 88.46 74.57 13.44
CA THR G 218 88.88 73.17 13.74
C THR G 218 87.71 72.25 13.95
N ARG G 219 87.75 71.10 13.28
CA ARG G 219 86.56 70.23 13.18
C ARG G 219 86.85 68.72 13.20
N SER G 220 85.81 67.95 13.50
CA SER G 220 85.89 66.50 13.46
C SER G 220 86.21 66.04 12.04
N LYS G 221 87.24 65.22 11.88
CA LYS G 221 87.43 64.51 10.60
C LYS G 221 86.24 63.58 10.33
N VAL G 222 85.63 63.75 9.16
CA VAL G 222 84.51 62.91 8.69
C VAL G 222 84.91 62.33 7.33
N ASN G 223 84.98 60.99 7.24
CA ASN G 223 85.49 60.30 6.04
C ASN G 223 86.92 60.80 5.74
N GLY G 224 87.73 61.04 6.79
CA GLY G 224 89.08 61.58 6.60
C GLY G 224 89.21 63.11 6.42
N GLN G 225 88.08 63.83 6.33
CA GLN G 225 88.07 65.27 6.03
C GLN G 225 87.60 66.20 7.15
N SER G 226 88.33 67.30 7.37
CA SER G 226 87.96 68.29 8.39
C SER G 226 87.30 69.57 7.83
N GLY G 227 87.53 69.86 6.55
CA GLY G 227 86.79 70.90 5.84
C GLY G 227 85.33 70.49 5.63
N ARG G 228 84.48 71.43 5.21
CA ARG G 228 83.10 71.09 4.85
C ARG G 228 82.74 71.78 3.58
N MET G 229 81.76 71.22 2.88
CA MET G 229 81.16 71.89 1.74
C MET G 229 79.72 72.11 2.03
N GLU G 230 79.19 73.25 1.62
CA GLU G 230 77.82 73.50 1.73
C GLU G 230 77.27 73.86 0.36
N PHE G 231 76.17 73.24 -0.03
CA PHE G 231 75.56 73.50 -1.30
C PHE G 231 74.26 74.27 -1.13
N PHE G 232 73.95 75.07 -2.15
CA PHE G 232 72.80 75.90 -2.25
C PHE G 232 72.19 75.77 -3.69
N TRP G 233 70.90 76.14 -3.83
CA TRP G 233 70.23 76.16 -5.09
C TRP G 233 69.18 77.28 -5.22
N THR G 234 68.78 77.56 -6.47
CA THR G 234 67.51 78.23 -6.74
C THR G 234 66.93 77.81 -8.06
N ILE G 235 65.76 78.36 -8.35
CA ILE G 235 65.19 78.32 -9.65
C ILE G 235 65.41 79.64 -10.31
N LEU G 236 66.22 79.66 -11.34
CA LEU G 236 66.40 80.82 -12.17
C LEU G 236 65.32 80.86 -13.25
N LYS G 237 64.43 81.83 -13.11
CA LYS G 237 63.28 82.03 -14.00
C LYS G 237 63.70 82.29 -15.43
N SER G 238 62.72 82.14 -16.32
CA SER G 238 62.98 82.17 -17.75
C SER G 238 63.85 83.34 -18.20
N ASN G 239 63.43 84.58 -17.99
CA ASN G 239 64.23 85.70 -18.53
C ASN G 239 65.15 86.36 -17.51
N ASP G 240 65.52 85.59 -16.49
CA ASP G 240 66.30 86.14 -15.39
C ASP G 240 67.78 85.75 -15.57
N ALA G 241 68.64 86.48 -14.87
CA ALA G 241 70.08 86.16 -14.82
C ALA G 241 70.50 85.82 -13.39
N ILE G 242 71.46 84.94 -13.26
CA ILE G 242 72.11 84.70 -12.00
C ILE G 242 73.58 85.27 -12.01
N ASN G 243 73.97 85.95 -10.93
CA ASN G 243 75.27 86.69 -10.87
C ASN G 243 76.13 86.21 -9.73
N PHE G 244 77.36 85.84 -10.04
CA PHE G 244 78.25 85.24 -9.06
C PHE G 244 79.45 86.16 -8.94
N GLU G 245 79.81 86.43 -7.70
CA GLU G 245 80.98 87.23 -7.41
C GLU G 245 81.65 86.56 -6.21
N SER G 246 82.92 86.24 -6.33
CA SER G 246 83.64 85.62 -5.26
C SER G 246 85.14 85.84 -5.41
N ASN G 247 85.81 85.83 -4.27
CA ASN G 247 87.23 85.92 -4.19
C ASN G 247 87.84 84.71 -3.44
N GLY G 248 87.05 83.63 -3.34
CA GLY G 248 87.54 82.35 -2.81
C GLY G 248 86.45 81.45 -2.28
N ASN G 249 86.79 80.19 -2.09
CA ASN G 249 85.91 79.23 -1.48
C ASN G 249 84.64 78.94 -2.24
N PHE G 250 84.61 79.32 -3.48
CA PHE G 250 83.46 79.16 -4.36
C PHE G 250 83.54 77.88 -5.13
N ILE G 251 82.48 77.10 -5.02
CA ILE G 251 82.29 75.88 -5.77
C ILE G 251 81.22 76.11 -6.85
N ALA G 252 81.65 76.19 -8.11
CA ALA G 252 80.85 76.86 -9.14
C ALA G 252 80.00 75.93 -9.88
N PRO G 253 78.85 76.41 -10.39
CA PRO G 253 78.10 75.64 -11.33
C PRO G 253 78.85 75.40 -12.64
N GLU G 254 78.74 74.20 -13.17
CA GLU G 254 79.15 73.93 -14.53
C GLU G 254 77.85 73.67 -15.27
N ASN G 255 77.08 72.69 -14.82
CA ASN G 255 75.81 72.35 -15.40
C ASN G 255 74.66 72.74 -14.52
N ALA G 256 73.55 73.10 -15.15
CA ALA G 256 72.28 73.29 -14.47
C ALA G 256 71.24 72.46 -15.16
N TYR G 257 69.97 72.62 -14.76
CA TYR G 257 68.90 71.73 -15.23
C TYR G 257 67.68 72.49 -15.64
N LYS G 258 67.24 72.32 -16.89
CA LYS G 258 65.96 72.87 -17.33
C LYS G 258 64.88 72.00 -16.64
N ILE G 259 63.87 72.64 -16.06
CA ILE G 259 62.90 71.98 -15.21
C ILE G 259 61.49 72.52 -15.56
N VAL G 260 60.57 71.61 -15.86
CA VAL G 260 59.16 71.90 -15.84
C VAL G 260 58.46 71.06 -14.78
N LYS G 261 57.67 71.75 -13.97
CA LYS G 261 57.07 71.22 -12.77
C LYS G 261 55.59 71.54 -12.85
N LYS G 262 54.77 70.50 -13.01
CA LYS G 262 53.29 70.61 -13.05
C LYS G 262 52.58 70.08 -11.80
N GLY G 263 53.25 69.26 -10.98
CA GLY G 263 52.67 68.76 -9.71
C GLY G 263 53.68 67.98 -8.84
N ASP G 264 53.25 67.44 -7.70
CA ASP G 264 54.13 66.80 -6.75
C ASP G 264 53.81 65.36 -6.48
N SER G 265 54.78 64.63 -5.97
CA SER G 265 54.54 63.32 -5.43
C SER G 265 55.40 63.28 -4.23
N THR G 266 56.27 62.27 -4.08
CA THR G 266 57.18 62.21 -2.95
C THR G 266 58.28 61.20 -3.23
N ILE G 267 59.14 60.98 -2.26
CA ILE G 267 60.23 60.07 -2.39
C ILE G 267 59.82 58.82 -1.70
N MET G 268 59.88 57.72 -2.42
CA MET G 268 59.54 56.48 -1.82
C MET G 268 60.81 55.78 -1.40
N LYS G 269 60.75 55.08 -0.27
CA LYS G 269 61.81 54.19 0.14
C LYS G 269 61.38 52.74 -0.10
N SER G 270 62.10 52.02 -0.96
CA SER G 270 61.73 50.67 -1.36
C SER G 270 62.99 49.90 -1.69
N GLU G 271 63.01 48.65 -1.29
CA GLU G 271 64.08 47.69 -1.62
C GLU G 271 63.77 47.04 -2.93
N LEU G 272 62.59 47.28 -3.45
CA LEU G 272 62.10 46.54 -4.63
C LEU G 272 62.87 46.91 -5.89
N GLU G 273 62.56 46.19 -6.97
CA GLU G 273 63.04 46.46 -8.34
C GLU G 273 61.88 46.84 -9.25
N TYR G 274 62.21 47.50 -10.36
CA TYR G 274 61.26 47.98 -11.37
C TYR G 274 60.77 46.80 -12.13
N GLY G 275 59.48 46.53 -12.07
CA GLY G 275 58.83 45.60 -13.00
C GLY G 275 58.45 46.38 -14.23
N ASN G 276 57.90 45.71 -15.24
CA ASN G 276 57.49 46.41 -16.48
C ASN G 276 55.98 46.62 -16.46
N CYS G 277 55.53 47.34 -15.47
CA CYS G 277 54.13 47.36 -15.10
C CYS G 277 53.63 48.79 -15.03
N ASN G 278 52.30 48.95 -15.01
CA ASN G 278 51.61 50.22 -14.92
C ASN G 278 50.53 50.14 -13.78
N THR G 279 50.43 51.16 -12.92
CA THR G 279 49.44 51.16 -11.80
C THR G 279 48.86 52.54 -11.67
N LYS G 280 47.77 52.61 -11.00
CA LYS G 280 47.25 53.85 -10.51
C LYS G 280 47.71 54.13 -9.04
N CYS G 281 48.26 53.12 -8.39
CA CYS G 281 48.65 53.20 -6.99
C CYS G 281 49.84 52.34 -6.68
N GLN G 282 50.92 52.97 -6.21
CA GLN G 282 52.17 52.29 -5.90
C GLN G 282 52.44 52.38 -4.38
N THR G 283 52.97 51.31 -3.85
CA THR G 283 53.23 51.14 -2.40
C THR G 283 54.70 50.72 -2.38
N PRO G 284 55.42 50.98 -1.28
CA PRO G 284 56.86 50.61 -1.22
C PRO G 284 57.12 49.08 -1.16
N ILE G 285 56.06 48.30 -1.00
CA ILE G 285 56.06 46.82 -0.95
C ILE G 285 55.44 46.20 -2.21
N GLY G 286 55.00 47.04 -3.13
CA GLY G 286 54.38 46.57 -4.35
C GLY G 286 53.29 47.48 -4.84
N ALA G 287 52.90 47.31 -6.09
CA ALA G 287 51.76 48.05 -6.67
C ALA G 287 50.44 47.37 -6.41
N ILE G 288 49.38 48.17 -6.46
CA ILE G 288 48.04 47.77 -6.03
C ILE G 288 47.04 48.09 -7.13
N ASN G 289 46.07 47.18 -7.32
CA ASN G 289 45.05 47.24 -8.43
C ASN G 289 43.76 47.96 -7.95
N SER G 290 43.74 49.29 -8.07
CA SER G 290 42.99 50.24 -7.16
C SER G 290 41.49 50.22 -7.34
N SER G 291 40.89 49.03 -7.39
CA SER G 291 39.44 48.86 -7.59
C SER G 291 38.61 48.95 -6.29
N MET G 292 39.07 48.34 -5.23
CA MET G 292 38.35 48.36 -3.96
C MET G 292 38.49 49.70 -3.28
N PRO G 293 37.57 50.05 -2.42
CA PRO G 293 37.66 51.34 -1.77
C PRO G 293 38.62 51.38 -0.58
N PHE G 294 39.03 50.21 -0.10
CA PHE G 294 39.90 50.17 1.09
C PHE G 294 40.99 49.17 0.90
N HIS G 295 42.15 49.43 1.52
CA HIS G 295 43.26 48.49 1.49
C HIS G 295 44.01 48.47 2.84
N ASN G 296 44.83 47.44 3.05
CA ASN G 296 45.64 47.35 4.26
C ASN G 296 47.12 46.98 3.97
N ILE G 297 47.58 47.30 2.78
CA ILE G 297 48.94 46.98 2.33
C ILE G 297 49.99 47.77 3.10
N HIS G 298 49.98 49.08 2.99
CA HIS G 298 51.06 49.90 3.49
C HIS G 298 50.53 51.34 3.50
N PRO G 299 50.95 52.17 4.49
CA PRO G 299 50.39 53.55 4.55
C PRO G 299 50.98 54.53 3.55
N LEU G 300 52.22 54.28 3.14
CA LEU G 300 52.98 55.24 2.31
C LEU G 300 52.73 54.97 0.83
N THR G 301 51.54 55.28 0.36
CA THR G 301 51.16 55.01 -1.03
C THR G 301 51.23 56.25 -1.88
N ILE G 302 51.46 56.05 -3.17
CA ILE G 302 51.51 57.13 -4.12
C ILE G 302 50.60 56.82 -5.25
N GLY G 303 49.74 57.77 -5.62
CA GLY G 303 48.78 57.59 -6.66
C GLY G 303 47.33 57.85 -6.21
N GLU G 304 46.37 57.33 -6.95
CA GLU G 304 44.96 57.43 -6.65
C GLU G 304 44.64 56.13 -5.95
N CYS G 305 44.67 56.17 -4.63
CA CYS G 305 44.69 54.94 -3.87
C CYS G 305 43.44 54.71 -3.08
N PRO G 306 43.12 53.45 -2.83
CA PRO G 306 42.09 53.16 -1.88
C PRO G 306 42.51 53.64 -0.50
N LYS G 307 41.57 53.77 0.41
CA LYS G 307 41.88 54.29 1.74
C LYS G 307 42.52 53.25 2.63
N TYR G 308 43.64 53.63 3.24
CA TYR G 308 44.38 52.73 4.11
C TYR G 308 43.57 52.48 5.36
N VAL G 309 43.55 51.23 5.79
CA VAL G 309 42.65 50.80 6.87
C VAL G 309 43.34 49.72 7.72
N LYS G 310 43.08 49.71 9.01
CA LYS G 310 43.72 48.79 9.91
C LYS G 310 42.97 47.46 10.08
N SER G 311 42.57 46.88 8.99
CA SER G 311 41.71 45.72 9.02
C SER G 311 42.25 44.50 8.29
N ASN G 312 41.87 43.35 8.77
CA ASN G 312 42.20 42.09 8.10
C ASN G 312 41.20 41.77 7.04
N ARG G 313 40.01 42.37 7.17
CA ARG G 313 38.78 41.80 6.60
C ARG G 313 37.69 42.84 6.53
N LEU G 314 37.06 42.96 5.36
CA LEU G 314 35.85 43.75 5.21
C LEU G 314 34.89 43.04 4.22
N VAL G 315 34.08 42.16 4.79
CA VAL G 315 33.35 41.13 4.03
C VAL G 315 31.87 41.41 4.01
N LEU G 316 31.37 41.74 2.83
CA LEU G 316 29.97 42.09 2.65
C LEU G 316 29.19 40.83 2.30
N ALA G 317 28.20 40.51 3.11
CA ALA G 317 27.28 39.42 2.77
C ALA G 317 26.57 39.82 1.54
N THR G 318 26.59 38.91 0.56
CA THR G 318 25.86 39.08 -0.67
C THR G 318 24.69 38.09 -0.70
N GLY G 319 24.98 36.82 -0.51
CA GLY G 319 23.93 35.81 -0.55
C GLY G 319 23.19 35.69 0.77
N LEU G 320 22.70 34.49 1.08
CA LEU G 320 21.79 34.27 2.22
C LEU G 320 22.54 33.58 3.31
N ARG G 321 21.90 33.48 4.45
CA ARG G 321 22.36 32.58 5.52
C ARG G 321 22.44 31.17 4.99
N ASN G 322 23.52 30.47 5.30
CA ASN G 322 23.69 29.07 4.90
C ASN G 322 23.52 28.20 6.11
N SER G 323 22.29 27.95 6.44
CA SER G 323 21.93 27.08 7.56
C SER G 323 21.80 25.63 7.08
N PRO G 324 22.19 24.65 7.94
CA PRO G 324 21.98 23.22 7.59
C PRO G 324 20.52 22.80 7.42
N GLY H 12 15.67 26.30 7.97
CA GLY H 12 16.96 26.24 7.28
C GLY H 12 16.80 26.36 5.78
N GLY H 13 17.91 26.21 5.07
CA GLY H 13 17.96 26.43 3.63
C GLY H 13 17.91 25.14 2.85
N TRP H 14 18.13 25.25 1.53
CA TRP H 14 17.89 24.15 0.60
C TRP H 14 18.92 23.99 -0.54
N GLN H 15 19.79 22.99 -0.43
CA GLN H 15 20.76 22.68 -1.51
C GLN H 15 20.06 22.54 -2.87
N GLY H 16 18.86 21.95 -2.83
CA GLY H 16 18.22 21.51 -4.08
C GLY H 16 17.65 22.63 -4.94
N MET H 17 17.47 23.82 -4.32
CA MET H 17 17.03 24.97 -5.08
C MET H 17 18.26 25.62 -5.68
N VAL H 18 18.65 25.17 -6.88
CA VAL H 18 19.87 25.64 -7.52
C VAL H 18 19.69 26.77 -8.52
N ASP H 19 18.46 27.06 -8.90
CA ASP H 19 18.17 27.94 -10.04
C ASP H 19 17.72 29.34 -9.55
N GLY H 20 17.70 29.54 -8.24
CA GLY H 20 17.21 30.78 -7.69
C GLY H 20 17.48 30.93 -6.20
N TRP H 21 17.13 32.11 -5.67
CA TRP H 21 17.51 32.46 -4.31
C TRP H 21 16.43 32.12 -3.37
N TYR H 22 15.22 32.41 -3.80
CA TYR H 22 14.04 32.10 -3.02
C TYR H 22 13.12 31.23 -3.86
N GLY H 23 12.31 30.42 -3.19
CA GLY H 23 11.41 29.60 -3.89
C GLY H 23 10.60 28.68 -3.04
N TYR H 24 10.23 27.57 -3.68
CA TYR H 24 9.24 26.65 -3.17
C TYR H 24 9.75 25.25 -3.26
N HIS H 25 9.39 24.43 -2.28
CA HIS H 25 9.54 23.00 -2.37
C HIS H 25 8.13 22.44 -2.26
N HIS H 26 7.75 21.52 -3.15
CA HIS H 26 6.43 20.91 -3.06
C HIS H 26 6.57 19.39 -2.90
N SER H 27 5.58 18.81 -2.25
CA SER H 27 5.53 17.39 -2.06
C SER H 27 4.07 16.96 -2.23
N ASN H 28 3.83 16.16 -3.24
CA ASN H 28 2.50 15.60 -3.51
C ASN H 28 2.61 14.11 -3.89
N GLU H 29 1.52 13.52 -4.34
CA GLU H 29 1.46 12.10 -4.73
C GLU H 29 2.37 11.79 -5.99
N GLN H 30 2.42 12.75 -6.91
CA GLN H 30 3.23 12.66 -8.11
C GLN H 30 4.74 12.89 -7.85
N GLY H 31 5.13 13.28 -6.65
CA GLY H 31 6.56 13.45 -6.33
C GLY H 31 6.89 14.78 -5.59
N SER H 32 8.14 15.22 -5.69
CA SER H 32 8.59 16.38 -4.91
C SER H 32 9.82 17.03 -5.51
N GLY H 33 9.95 18.32 -5.28
CA GLY H 33 11.10 19.06 -5.81
C GLY H 33 11.05 20.54 -5.59
N TYR H 34 12.07 21.24 -6.06
CA TYR H 34 12.22 22.66 -5.78
C TYR H 34 11.98 23.49 -7.04
N ALA H 35 11.33 24.64 -6.85
CA ALA H 35 11.12 25.60 -7.93
C ALA H 35 11.41 26.97 -7.38
N ALA H 36 12.24 27.70 -8.08
CA ALA H 36 12.63 29.04 -7.60
C ALA H 36 11.65 30.09 -8.10
N ASP H 37 11.40 31.12 -7.30
CA ASP H 37 10.74 32.33 -7.80
C ASP H 37 11.77 33.27 -8.46
N LYS H 38 11.82 33.22 -9.79
CA LYS H 38 12.83 34.00 -10.52
C LYS H 38 12.56 35.53 -10.42
N GLU H 39 11.32 35.92 -10.21
CA GLU H 39 10.96 37.32 -10.08
C GLU H 39 11.71 37.96 -8.89
N SER H 40 11.36 37.52 -7.70
CA SER H 40 11.91 38.12 -6.50
C SER H 40 13.41 37.87 -6.37
N THR H 41 13.86 36.75 -6.94
CA THR H 41 15.30 36.42 -6.95
C THR H 41 16.14 37.42 -7.78
N GLN H 42 15.67 37.74 -8.97
CA GLN H 42 16.40 38.66 -9.84
C GLN H 42 16.42 40.11 -9.28
N LYS H 43 15.37 40.48 -8.55
CA LYS H 43 15.35 41.80 -7.91
C LYS H 43 16.28 41.79 -6.72
N ALA H 44 16.34 40.69 -5.98
CA ALA H 44 17.31 40.60 -4.90
C ALA H 44 18.74 40.65 -5.44
N ILE H 45 19.00 39.92 -6.51
CA ILE H 45 20.33 39.90 -7.09
C ILE H 45 20.77 41.32 -7.51
N ASP H 46 19.85 42.04 -8.11
CA ASP H 46 20.12 43.36 -8.56
C ASP H 46 20.23 44.35 -7.39
N GLY H 47 19.43 44.17 -6.38
CA GLY H 47 19.50 44.99 -5.17
C GLY H 47 20.84 44.87 -4.49
N VAL H 48 21.29 43.65 -4.30
CA VAL H 48 22.54 43.37 -3.61
C VAL H 48 23.73 43.86 -4.45
N THR H 49 23.63 43.71 -5.76
CA THR H 49 24.70 44.13 -6.65
C THR H 49 24.85 45.66 -6.60
N ASN H 50 23.71 46.37 -6.57
CA ASN H 50 23.75 47.83 -6.35
C ASN H 50 24.35 48.20 -5.01
N LYS H 51 24.05 47.43 -3.97
CA LYS H 51 24.59 47.74 -2.63
C LYS H 51 26.10 47.73 -2.70
N VAL H 52 26.65 46.60 -3.11
CA VAL H 52 28.12 46.44 -3.25
C VAL H 52 28.73 47.51 -4.11
N ASN H 53 28.16 47.69 -5.31
CA ASN H 53 28.67 48.70 -6.24
C ASN H 53 28.63 50.13 -5.66
N SER H 54 27.59 50.48 -4.94
CA SER H 54 27.50 51.77 -4.30
C SER H 54 28.63 51.93 -3.28
N ILE H 55 28.85 50.89 -2.50
CA ILE H 55 29.90 50.84 -1.48
C ILE H 55 31.26 50.59 -2.06
N ILE H 56 31.49 51.01 -3.28
CA ILE H 56 32.75 50.83 -3.95
C ILE H 56 32.84 52.05 -4.83
N ASP H 57 31.83 52.26 -5.67
CA ASP H 57 31.83 53.38 -6.66
C ASP H 57 31.73 54.78 -6.02
N LYS H 58 31.22 54.86 -4.78
CA LYS H 58 31.12 56.17 -4.14
C LYS H 58 32.46 56.64 -3.57
N MET H 59 33.47 55.78 -3.56
CA MET H 59 34.80 56.21 -3.11
C MET H 59 35.43 57.12 -4.12
N ASN H 60 35.58 58.39 -3.77
CA ASN H 60 36.38 59.32 -4.54
C ASN H 60 37.83 59.28 -4.08
N THR H 61 38.74 58.93 -4.99
CA THR H 61 40.17 58.93 -4.70
C THR H 61 40.93 59.76 -5.72
N GLN H 62 41.74 60.70 -5.25
CA GLN H 62 42.63 61.52 -6.11
C GLN H 62 44.04 61.16 -5.85
N PHE H 63 44.93 61.67 -6.71
CA PHE H 63 46.35 61.47 -6.53
C PHE H 63 46.81 62.02 -5.19
N GLU H 64 47.46 61.18 -4.39
CA GLU H 64 48.24 61.62 -3.25
C GLU H 64 49.56 60.92 -3.12
N ALA H 65 50.54 61.64 -2.61
CA ALA H 65 51.79 61.05 -2.28
C ALA H 65 52.00 61.17 -0.81
N VAL H 66 51.74 60.11 -0.06
CA VAL H 66 52.08 60.01 1.36
C VAL H 66 53.57 59.63 1.44
N GLY H 67 54.41 60.56 1.93
CA GLY H 67 55.78 60.30 2.12
C GLY H 67 56.25 61.05 3.33
N ARG H 68 57.28 60.55 3.96
CA ARG H 68 57.94 61.22 5.04
C ARG H 68 59.12 62.06 4.62
N GLU H 69 58.90 63.36 4.45
CA GLU H 69 59.98 64.26 4.02
C GLU H 69 60.34 65.46 4.90
N PHE H 70 60.15 65.29 6.19
CA PHE H 70 60.60 66.29 7.19
C PHE H 70 61.86 65.82 7.89
N ASN H 71 62.76 66.74 8.18
CA ASN H 71 64.05 66.44 8.78
C ASN H 71 64.00 66.45 10.32
N ASN H 72 65.16 66.36 10.98
CA ASN H 72 65.18 66.17 12.44
C ASN H 72 65.04 67.42 13.25
N LEU H 73 65.10 68.59 12.57
CA LEU H 73 64.59 69.83 13.20
C LEU H 73 63.20 70.21 12.76
N GLU H 74 62.45 69.24 12.23
CA GLU H 74 61.05 69.49 11.85
C GLU H 74 60.15 68.38 12.35
N ARG H 75 60.45 67.92 13.54
CA ARG H 75 59.74 66.80 14.14
C ARG H 75 58.38 67.19 14.57
N ARG H 76 58.18 68.48 14.94
CA ARG H 76 56.79 68.95 15.21
C ARG H 76 55.90 68.81 13.98
N ILE H 77 56.42 69.10 12.79
CA ILE H 77 55.59 69.06 11.57
C ILE H 77 55.41 67.63 11.16
N GLU H 78 56.49 66.87 11.27
CA GLU H 78 56.36 65.36 11.11
C GLU H 78 55.27 64.79 12.08
N ASN H 79 55.27 65.24 13.32
CA ASN H 79 54.27 64.81 14.28
C ASN H 79 52.85 65.27 13.88
N LEU H 80 52.71 66.49 13.38
CA LEU H 80 51.46 66.92 12.82
C LEU H 80 50.99 66.03 11.66
N ASN H 81 51.86 65.78 10.70
CA ASN H 81 51.56 64.86 9.64
C ASN H 81 51.19 63.45 10.15
N LYS H 82 51.87 63.00 11.21
CA LYS H 82 51.48 61.73 11.85
C LYS H 82 50.06 61.73 12.51
N LYS H 83 49.72 62.77 13.27
CA LYS H 83 48.36 62.88 13.82
C LYS H 83 47.37 62.81 12.71
N MET H 84 47.67 63.50 11.62
CA MET H 84 46.78 63.52 10.51
C MET H 84 46.58 62.14 9.99
N GLU H 85 47.63 61.52 9.53
CA GLU H 85 47.58 60.09 9.01
C GLU H 85 46.84 59.11 9.93
N ASP H 86 47.15 59.15 11.19
CA ASP H 86 46.50 58.25 12.16
C ASP H 86 45.03 58.62 12.34
N GLY H 87 44.75 59.94 12.39
CA GLY H 87 43.41 60.47 12.39
C GLY H 87 42.61 59.88 11.27
N PHE H 88 43.11 59.99 10.03
CA PHE H 88 42.40 59.37 8.88
C PHE H 88 42.33 57.85 8.96
N LEU H 89 43.39 57.19 9.42
CA LEU H 89 43.39 55.74 9.62
C LEU H 89 42.23 55.30 10.53
N ASP H 90 42.06 56.02 11.64
CA ASP H 90 40.98 55.71 12.56
C ASP H 90 39.58 55.99 12.01
N VAL H 91 39.42 57.15 11.34
CA VAL H 91 38.11 57.46 10.76
C VAL H 91 37.75 56.35 9.79
N TRP H 92 38.65 56.00 8.87
CA TRP H 92 38.34 55.05 7.85
C TRP H 92 38.14 53.66 8.40
N THR H 93 38.98 53.26 9.33
CA THR H 93 38.86 51.95 9.94
C THR H 93 37.51 51.72 10.61
N TYR H 94 37.13 52.62 11.48
CA TYR H 94 35.85 52.52 12.20
C TYR H 94 34.66 52.58 11.28
N ASN H 95 34.64 53.57 10.40
CA ASN H 95 33.51 53.72 9.45
C ASN H 95 33.33 52.55 8.47
N ALA H 96 34.44 51.98 7.98
CA ALA H 96 34.39 50.82 7.13
C ALA H 96 33.95 49.58 7.90
N GLU H 97 34.47 49.45 9.13
CA GLU H 97 34.12 48.29 9.91
C GLU H 97 32.62 48.29 10.22
N LEU H 98 32.13 49.43 10.70
CA LEU H 98 30.73 49.59 11.07
C LEU H 98 29.82 49.54 9.83
N LEU H 99 30.32 50.09 8.73
CA LEU H 99 29.56 50.06 7.49
C LEU H 99 29.29 48.66 7.07
N VAL H 100 30.31 47.80 7.17
CA VAL H 100 30.09 46.39 6.82
C VAL H 100 29.06 45.75 7.74
N LEU H 101 29.31 45.79 9.05
CA LEU H 101 28.35 45.25 10.02
C LEU H 101 26.91 45.68 9.80
N MET H 102 26.70 46.99 9.57
CA MET H 102 25.35 47.56 9.39
C MET H 102 24.68 47.04 8.12
N GLU H 103 25.41 47.03 7.02
CA GLU H 103 24.82 46.65 5.76
C GLU H 103 24.59 45.16 5.72
N ASN H 104 25.47 44.38 6.38
CA ASN H 104 25.19 42.93 6.51
C ASN H 104 23.86 42.63 7.21
N GLU H 105 23.60 43.24 8.39
CA GLU H 105 22.29 43.09 9.03
C GLU H 105 21.14 43.45 8.07
N ARG H 106 21.29 44.56 7.38
CA ARG H 106 20.32 44.98 6.38
C ARG H 106 20.12 43.95 5.29
N THR H 107 21.19 43.43 4.72
CA THR H 107 21.09 42.48 3.62
C THR H 107 20.37 41.19 4.09
N LEU H 108 20.73 40.72 5.28
CA LEU H 108 20.14 39.47 5.79
C LEU H 108 18.65 39.65 6.12
N ASP H 109 18.29 40.82 6.64
CA ASP H 109 16.87 41.19 6.80
C ASP H 109 16.11 41.34 5.49
N PHE H 110 16.75 41.89 4.48
CA PHE H 110 16.19 41.97 3.12
C PHE H 110 15.76 40.58 2.59
N HIS H 111 16.58 39.59 2.81
CA HIS H 111 16.28 38.21 2.33
C HIS H 111 15.08 37.65 3.09
N ASP H 112 15.10 37.81 4.40
CA ASP H 112 14.02 37.41 5.28
C ASP H 112 12.71 38.08 4.90
N SER H 113 12.77 39.35 4.57
CA SER H 113 11.61 40.04 4.06
C SER H 113 11.13 39.48 2.72
N ASN H 114 12.06 39.11 1.84
CA ASN H 114 11.61 38.54 0.54
C ASN H 114 10.99 37.16 0.69
N VAL H 115 11.55 36.35 1.57
CA VAL H 115 11.00 35.04 1.87
C VAL H 115 9.59 35.20 2.39
N LYS H 116 9.46 36.03 3.42
CA LYS H 116 8.19 36.13 4.14
C LYS H 116 7.10 36.64 3.21
N ASN H 117 7.45 37.46 2.27
CA ASN H 117 6.47 37.95 1.33
C ASN H 117 6.00 36.93 0.31
N LEU H 118 6.92 36.08 -0.13
CA LEU H 118 6.61 34.92 -0.95
C LEU H 118 5.67 33.97 -0.21
N TYR H 119 5.90 33.82 1.10
CA TYR H 119 5.01 33.03 1.94
C TYR H 119 3.59 33.59 2.02
N ASP H 120 3.48 34.91 2.04
CA ASP H 120 2.18 35.57 2.20
C ASP H 120 1.38 35.45 0.93
N LYS H 121 2.03 35.64 -0.22
CA LYS H 121 1.38 35.39 -1.52
C LYS H 121 0.69 34.00 -1.58
N VAL H 122 1.33 33.00 -0.98
CA VAL H 122 0.74 31.67 -0.92
C VAL H 122 -0.40 31.63 0.12
N ARG H 123 -0.15 32.14 1.29
CA ARG H 123 -1.11 32.10 2.42
C ARG H 123 -2.45 32.70 2.04
N LEU H 124 -2.45 33.86 1.38
CA LEU H 124 -3.71 34.48 0.96
C LEU H 124 -4.45 33.65 -0.10
N GLN H 125 -3.71 32.92 -0.92
CA GLN H 125 -4.31 32.07 -1.96
C GLN H 125 -5.01 30.81 -1.38
N LEU H 126 -4.36 30.17 -0.43
CA LEU H 126 -4.87 28.93 0.14
C LEU H 126 -6.00 29.10 1.12
N ARG H 127 -5.85 30.03 2.03
CA ARG H 127 -6.79 30.28 3.11
C ARG H 127 -7.03 29.04 4.02
N ASP H 128 -8.27 28.55 4.05
CA ASP H 128 -8.63 27.32 4.80
C ASP H 128 -8.46 25.99 4.00
N ASN H 129 -8.37 26.08 2.67
CA ASN H 129 -7.98 24.88 1.88
C ASN H 129 -6.64 24.18 2.27
N ALA H 130 -5.78 24.87 3.04
CA ALA H 130 -4.59 24.24 3.60
C ALA H 130 -4.37 24.74 5.01
N LYS H 131 -3.57 24.04 5.80
CA LYS H 131 -3.17 24.51 7.15
C LYS H 131 -1.69 24.88 7.23
N GLU H 132 -1.38 25.92 7.98
CA GLU H 132 0.02 26.33 8.18
C GLU H 132 0.68 25.47 9.26
N LEU H 133 1.85 24.95 8.95
CA LEU H 133 2.53 24.02 9.82
C LEU H 133 3.48 24.77 10.74
N GLY H 134 3.70 26.03 10.42
CA GLY H 134 4.57 26.87 11.23
C GLY H 134 6.04 26.70 10.88
N ASN H 135 6.31 26.09 9.72
CA ASN H 135 7.69 25.87 9.27
C ASN H 135 7.88 26.40 7.88
N GLY H 136 6.92 27.20 7.41
CA GLY H 136 6.96 27.81 6.09
C GLY H 136 6.24 26.95 5.07
N CYS H 137 5.70 25.84 5.55
CA CYS H 137 4.97 24.88 4.72
C CYS H 137 3.48 24.99 4.92
N PHE H 138 2.72 24.60 3.91
CA PHE H 138 1.27 24.43 4.01
C PHE H 138 0.93 23.00 3.66
N GLU H 139 0.19 22.32 4.52
CA GLU H 139 -0.36 21.01 4.26
C GLU H 139 -1.72 21.22 3.69
N PHE H 140 -1.92 20.82 2.45
CA PHE H 140 -3.23 20.89 1.82
C PHE H 140 -4.23 19.88 2.46
N TYR H 141 -5.51 20.21 2.39
CA TYR H 141 -6.59 19.31 2.83
C TYR H 141 -7.02 18.50 1.63
N HIS H 142 -7.07 19.16 0.48
CA HIS H 142 -7.36 18.51 -0.76
C HIS H 142 -6.08 18.03 -1.44
N ARG H 143 -6.24 17.35 -2.57
CA ARG H 143 -5.10 16.90 -3.38
C ARG H 143 -4.64 17.96 -4.34
N CYS H 144 -3.35 18.25 -4.26
CA CYS H 144 -2.74 19.29 -5.10
C CYS H 144 -1.70 18.64 -6.07
N ASP H 145 -2.17 18.40 -7.29
CA ASP H 145 -1.35 17.81 -8.36
C ASP H 145 -0.24 18.79 -8.85
N ASN H 146 0.54 18.30 -9.82
CA ASN H 146 1.63 19.09 -10.32
C ASN H 146 1.15 20.42 -10.87
N GLU H 147 0.01 20.41 -11.52
CA GLU H 147 -0.59 21.63 -12.13
C GLU H 147 -1.09 22.57 -11.04
N CYS H 148 -1.73 21.99 -10.02
CA CYS H 148 -2.19 22.69 -8.85
C CYS H 148 -1.00 23.42 -8.16
N MET H 149 0.12 22.75 -8.04
CA MET H 149 1.34 23.33 -7.45
C MET H 149 1.86 24.48 -8.29
N GLU H 150 2.01 24.27 -9.60
CA GLU H 150 2.37 25.34 -10.47
C GLU H 150 1.38 26.56 -10.29
N SER H 151 0.09 26.26 -10.13
CA SER H 151 -0.92 27.27 -10.07
C SER H 151 -0.75 28.09 -8.81
N VAL H 152 -0.27 27.47 -7.74
CA VAL H 152 0.04 28.21 -6.49
C VAL H 152 1.26 29.11 -6.62
N ARG H 153 2.22 28.66 -7.41
CA ARG H 153 3.49 29.38 -7.55
C ARG H 153 3.28 30.62 -8.33
N ASN H 154 2.59 30.49 -9.46
CA ASN H 154 2.40 31.62 -10.39
C ASN H 154 1.16 32.45 -10.10
N GLY H 155 0.64 32.38 -8.88
CA GLY H 155 -0.50 33.20 -8.45
C GLY H 155 -1.87 32.89 -9.11
N THR H 156 -1.99 31.71 -9.73
CA THR H 156 -3.13 31.29 -10.51
C THR H 156 -4.10 30.34 -9.77
N TYR H 157 -3.71 29.88 -8.59
CA TYR H 157 -4.55 28.98 -7.81
C TYR H 157 -5.96 29.46 -7.65
N ASP H 158 -6.91 28.57 -7.97
CA ASP H 158 -8.32 28.87 -7.90
C ASP H 158 -8.99 28.03 -6.82
N TYR H 159 -9.40 28.73 -5.79
CA TYR H 159 -9.76 28.18 -4.50
C TYR H 159 -11.22 27.53 -4.43
N PRO H 160 -12.21 28.09 -5.17
CA PRO H 160 -13.55 27.44 -5.20
C PRO H 160 -13.55 25.99 -5.62
N GLN H 161 -12.74 25.63 -6.61
CA GLN H 161 -12.70 24.26 -7.14
C GLN H 161 -12.24 23.21 -6.12
N TYR H 162 -11.61 23.60 -5.02
CA TYR H 162 -11.21 22.69 -3.93
C TYR H 162 -11.89 23.01 -2.58
N SER H 163 -12.59 24.14 -2.48
CA SER H 163 -13.21 24.56 -1.20
C SER H 163 -14.16 23.50 -0.62
N GLU H 164 -15.02 22.96 -1.47
CA GLU H 164 -15.97 21.99 -0.99
C GLU H 164 -15.25 20.75 -0.55
N GLU H 165 -14.34 20.25 -1.40
CA GLU H 165 -13.62 19.03 -1.05
C GLU H 165 -12.85 19.19 0.28
N ALA H 166 -12.37 20.42 0.53
CA ALA H 166 -11.46 20.65 1.63
C ALA H 166 -12.16 20.71 2.99
N ARG H 167 -13.38 21.23 3.00
CA ARG H 167 -14.11 21.39 4.27
C ARG H 167 -14.34 20.03 4.93
N LEU H 168 -14.85 19.10 4.13
CA LEU H 168 -15.05 17.72 4.57
C LEU H 168 -13.88 17.19 5.38
N LYS H 169 -12.68 17.31 4.82
CA LYS H 169 -11.54 16.72 5.48
C LYS H 169 -11.20 17.44 6.73
N ARG H 170 -11.69 18.66 6.87
CA ARG H 170 -11.49 19.39 8.12
C ARG H 170 -12.48 18.78 9.12
N GLU H 171 -13.72 18.54 8.66
CA GLU H 171 -14.79 18.04 9.54
C GLU H 171 -14.47 16.61 9.95
N GLU H 172 -13.90 15.83 9.03
CA GLU H 172 -13.48 14.44 9.37
C GLU H 172 -12.41 14.30 10.47
N ILE H 173 -12.15 15.38 11.19
CA ILE H 173 -11.17 15.40 12.32
C ILE H 173 -11.57 16.37 13.45
N SER H 174 -12.24 17.46 13.09
CA SER H 174 -13.09 18.18 14.05
C SER H 174 -14.16 17.21 14.58
N SER H 175 -14.45 16.15 13.83
CA SER H 175 -15.31 15.07 14.29
C SER H 175 -14.40 14.02 14.94
N GLY H 176 -14.40 13.99 16.27
CA GLY H 176 -13.43 13.25 17.08
C GLY H 176 -12.94 11.94 16.50
#